data_5TGY
#
_entry.id   5TGY
#
loop_
_entity.id
_entity.type
_entity.pdbx_description
1 polymer PS1
2 non-polymer [5,10,15,20-tetrakis(trifluoromethyl)porphyrinato(2-)-kappa~4~N~21~,N~22~,N~23~,N~24~]zinc
#
_entity_poly.entity_id   1
_entity_poly.type   'polypeptide(L)'
_entity_poly.pdbx_seq_one_letter_code
;SEFEKLRQTGDELVQAFQRLREIFDKGDDDSLEQVLEEIEELIQKHRQLFDNRQEAADTEAAKQGDQWVQLFQRFREAID
KGDKDSLEQLLEELEQALQKIRELAEKKN
;
_entity_poly.pdbx_strand_id   A
#
loop_
_chem_comp.id
_chem_comp.type
_chem_comp.name
_chem_comp.formula
7BU non-polymer [5,10,15,20-tetrakis(trifluoromethyl)porphyrinato(2-)-kappa~4~N~21~,N~22~,N~23~,N~24~]zinc 'C24 H8 F12 N4 Zn'
#
# COMPACT_ATOMS: atom_id res chain seq x y z
N SER A 1 -20.05 1.00 -9.26
CA SER A 1 -19.68 1.77 -8.07
C SER A 1 -18.42 1.18 -7.46
N GLU A 2 -18.58 0.13 -6.64
CA GLU A 2 -17.47 -0.61 -6.05
C GLU A 2 -16.64 0.25 -5.09
N PHE A 3 -17.12 1.46 -4.80
CA PHE A 3 -16.43 2.38 -3.91
C PHE A 3 -16.44 1.85 -2.50
N GLU A 4 -17.47 1.09 -2.17
CA GLU A 4 -17.58 0.51 -0.84
C GLU A 4 -16.60 -0.64 -0.73
N LYS A 5 -16.50 -1.42 -1.79
CA LYS A 5 -15.59 -2.55 -1.83
C LYS A 5 -14.17 -2.07 -1.74
N LEU A 6 -13.80 -1.09 -2.58
CA LEU A 6 -12.49 -0.46 -2.52
C LEU A 6 -12.15 -0.02 -1.10
N ARG A 7 -13.14 0.49 -0.38
CA ARG A 7 -12.92 0.94 0.99
C ARG A 7 -12.66 -0.24 1.93
N GLN A 8 -13.46 -1.28 1.80
CA GLN A 8 -13.33 -2.47 2.66
C GLN A 8 -12.02 -3.20 2.38
N THR A 9 -11.56 -3.14 1.14
CA THR A 9 -10.32 -3.80 0.75
C THR A 9 -9.14 -2.87 0.99
N GLY A 10 -9.42 -1.59 1.10
CA GLY A 10 -8.38 -0.63 1.35
C GLY A 10 -8.05 -0.60 2.80
N ASP A 11 -9.08 -0.64 3.63
CA ASP A 11 -8.93 -0.67 5.07
C ASP A 11 -8.08 -1.85 5.50
N GLU A 12 -8.40 -3.02 4.96
CA GLU A 12 -7.67 -4.22 5.30
C GLU A 12 -6.22 -4.13 4.82
N LEU A 13 -6.02 -3.57 3.63
CA LEU A 13 -4.67 -3.35 3.08
C LEU A 13 -3.89 -2.41 3.98
N VAL A 14 -4.52 -1.32 4.39
CA VAL A 14 -3.88 -0.35 5.27
C VAL A 14 -3.55 -0.98 6.61
N GLN A 15 -4.50 -1.74 7.14
CA GLN A 15 -4.32 -2.45 8.38
C GLN A 15 -3.09 -3.39 8.30
N ALA A 16 -2.95 -4.07 7.17
CA ALA A 16 -1.81 -4.96 6.95
C ALA A 16 -0.53 -4.14 6.84
N PHE A 17 -0.65 -2.97 6.23
CA PHE A 17 0.47 -2.05 6.09
C PHE A 17 0.93 -1.55 7.46
N GLN A 18 -0.04 -1.30 8.34
CA GLN A 18 0.24 -0.86 9.70
C GLN A 18 0.94 -1.99 10.46
N ARG A 19 0.51 -3.20 10.19
CA ARG A 19 1.11 -4.39 10.77
C ARG A 19 2.54 -4.54 10.28
N LEU A 20 2.74 -4.18 9.02
CA LEU A 20 4.05 -4.26 8.37
C LEU A 20 5.02 -3.34 9.09
N ARG A 21 4.52 -2.19 9.54
CA ARG A 21 5.35 -1.21 10.23
C ARG A 21 5.89 -1.78 11.52
N GLU A 22 5.03 -2.46 12.29
CA GLU A 22 5.44 -3.03 13.57
C GLU A 22 6.56 -4.04 13.38
N ILE A 23 6.35 -4.97 12.48
CA ILE A 23 7.34 -5.97 12.13
C ILE A 23 8.63 -5.32 11.64
N PHE A 24 8.50 -4.21 10.93
CA PHE A 24 9.65 -3.49 10.41
C PHE A 24 10.45 -2.90 11.57
N ASP A 25 9.75 -2.26 12.49
CA ASP A 25 10.37 -1.69 13.69
C ASP A 25 11.00 -2.78 14.56
N LYS A 26 10.45 -3.98 14.48
CA LYS A 26 10.94 -5.11 15.27
C LYS A 26 12.04 -5.87 14.53
N GLY A 27 12.32 -5.46 13.29
CA GLY A 27 13.34 -6.12 12.48
C GLY A 27 13.12 -7.61 12.29
N ASP A 28 11.87 -8.06 12.33
CA ASP A 28 11.57 -9.48 12.20
C ASP A 28 11.31 -9.84 10.73
N ASP A 29 12.40 -10.09 10.01
CA ASP A 29 12.33 -10.44 8.59
C ASP A 29 11.46 -11.67 8.33
N ASP A 30 11.37 -12.57 9.31
CA ASP A 30 10.60 -13.80 9.17
C ASP A 30 9.11 -13.49 9.01
N SER A 31 8.61 -12.68 9.89
CA SER A 31 7.22 -12.28 9.88
C SER A 31 6.97 -11.30 8.73
N LEU A 32 7.98 -10.51 8.42
CA LEU A 32 7.89 -9.49 7.38
C LEU A 32 7.57 -10.11 6.02
N GLU A 33 8.24 -11.20 5.67
CA GLU A 33 8.02 -11.85 4.39
C GLU A 33 6.59 -12.35 4.25
N GLN A 34 6.07 -12.94 5.32
CA GLN A 34 4.72 -13.46 5.33
C GLN A 34 3.70 -12.34 5.12
N VAL A 35 3.92 -11.24 5.81
CA VAL A 35 3.03 -10.10 5.72
C VAL A 35 3.16 -9.41 4.36
N LEU A 36 4.36 -9.37 3.80
CA LEU A 36 4.57 -8.77 2.48
C LEU A 36 3.76 -9.51 1.43
N GLU A 37 3.64 -10.82 1.58
CA GLU A 37 2.86 -11.63 0.68
C GLU A 37 1.38 -11.35 0.89
N GLU A 38 0.98 -11.20 2.15
CA GLU A 38 -0.41 -10.91 2.51
C GLU A 38 -0.82 -9.56 1.92
N ILE A 39 0.09 -8.60 2.03
CA ILE A 39 -0.13 -7.27 1.51
C ILE A 39 -0.26 -7.31 -0.01
N GLU A 40 0.65 -8.02 -0.67
CA GLU A 40 0.62 -8.14 -2.12
C GLU A 40 -0.72 -8.73 -2.57
N GLU A 41 -1.22 -9.72 -1.84
CA GLU A 41 -2.49 -10.35 -2.19
C GLU A 41 -3.62 -9.34 -2.03
N LEU A 42 -3.55 -8.53 -1.00
CA LEU A 42 -4.56 -7.51 -0.73
C LEU A 42 -4.52 -6.41 -1.79
N ILE A 43 -3.31 -6.08 -2.23
CA ILE A 43 -3.13 -5.07 -3.27
C ILE A 43 -3.83 -5.53 -4.54
N GLN A 44 -3.60 -6.79 -4.89
CA GLN A 44 -4.22 -7.39 -6.07
C GLN A 44 -5.74 -7.42 -5.91
N LYS A 45 -6.19 -7.78 -4.71
CA LYS A 45 -7.62 -7.85 -4.40
C LYS A 45 -8.28 -6.48 -4.54
N HIS A 46 -7.60 -5.44 -4.10
CA HIS A 46 -8.13 -4.09 -4.14
C HIS A 46 -8.02 -3.50 -5.55
N ARG A 47 -6.86 -3.71 -6.19
CA ARG A 47 -6.59 -3.21 -7.54
C ARG A 47 -7.49 -3.88 -8.57
N GLN A 48 -7.75 -5.18 -8.39
CA GLN A 48 -8.58 -5.94 -9.32
C GLN A 48 -9.97 -5.31 -9.44
N LEU A 49 -10.46 -4.75 -8.36
CA LEU A 49 -11.76 -4.10 -8.35
C LEU A 49 -11.75 -2.89 -9.28
N PHE A 50 -10.62 -2.18 -9.30
CA PHE A 50 -10.46 -1.00 -10.13
C PHE A 50 -10.20 -1.41 -11.58
N ASP A 51 -9.51 -2.54 -11.76
CA ASP A 51 -9.24 -3.06 -13.09
C ASP A 51 -10.54 -3.49 -13.74
N ASN A 52 -11.41 -4.07 -12.94
CA ASN A 52 -12.73 -4.47 -13.40
C ASN A 52 -13.52 -3.26 -13.84
N ARG A 53 -13.87 -2.39 -12.90
CA ARG A 53 -14.63 -1.20 -13.21
C ARG A 53 -13.78 0.04 -12.96
N GLN A 54 -13.29 0.63 -14.03
CA GLN A 54 -12.46 1.82 -13.91
C GLN A 54 -13.32 3.06 -13.76
N GLU A 55 -13.83 3.27 -12.56
CA GLU A 55 -14.64 4.43 -12.26
C GLU A 55 -13.85 5.42 -11.42
N ALA A 56 -13.45 4.98 -10.22
CA ALA A 56 -12.64 5.78 -9.29
C ALA A 56 -13.38 7.01 -8.78
N ALA A 57 -12.83 7.62 -7.74
CA ALA A 57 -13.40 8.83 -7.17
C ALA A 57 -12.74 10.06 -7.76
N ASP A 58 -11.67 9.82 -8.52
CA ASP A 58 -10.87 10.87 -9.16
C ASP A 58 -9.66 10.26 -9.83
N THR A 59 -9.09 10.97 -10.79
CA THR A 59 -7.93 10.51 -11.53
C THR A 59 -6.65 10.57 -10.70
N GLU A 60 -6.52 11.58 -9.83
CA GLU A 60 -5.32 11.75 -9.03
C GLU A 60 -5.15 10.59 -8.06
N ALA A 61 -6.26 10.13 -7.50
CA ALA A 61 -6.25 9.02 -6.56
C ALA A 61 -5.73 7.76 -7.24
N ALA A 62 -6.19 7.51 -8.47
CA ALA A 62 -5.75 6.35 -9.22
C ALA A 62 -4.25 6.44 -9.54
N LYS A 63 -3.79 7.63 -9.90
CA LYS A 63 -2.38 7.83 -10.20
C LYS A 63 -1.50 7.56 -8.98
N GLN A 64 -1.91 8.07 -7.83
CA GLN A 64 -1.16 7.86 -6.60
C GLN A 64 -1.28 6.41 -6.14
N GLY A 65 -2.43 5.80 -6.46
CA GLY A 65 -2.65 4.42 -6.10
C GLY A 65 -1.69 3.50 -6.81
N ASP A 66 -1.56 3.67 -8.12
CA ASP A 66 -0.60 2.88 -8.91
C ASP A 66 0.82 3.20 -8.49
N GLN A 67 1.07 4.48 -8.18
CA GLN A 67 2.39 4.92 -7.76
C GLN A 67 2.78 4.24 -6.46
N TRP A 68 1.82 4.11 -5.55
CA TRP A 68 2.04 3.46 -4.27
C TRP A 68 2.44 1.99 -4.48
N VAL A 69 1.82 1.36 -5.47
CA VAL A 69 2.09 -0.03 -5.78
C VAL A 69 3.52 -0.17 -6.26
N GLN A 70 3.96 0.80 -7.05
CA GLN A 70 5.31 0.82 -7.58
C GLN A 70 6.31 1.06 -6.46
N LEU A 71 5.95 1.94 -5.52
CA LEU A 71 6.78 2.21 -4.36
C LEU A 71 6.91 0.97 -3.49
N PHE A 72 5.82 0.23 -3.36
CA PHE A 72 5.81 -1.01 -2.61
C PHE A 72 6.77 -2.00 -3.25
N GLN A 73 6.79 -2.02 -4.58
CA GLN A 73 7.67 -2.90 -5.33
C GLN A 73 9.13 -2.53 -5.06
N ARG A 74 9.42 -1.23 -5.05
CA ARG A 74 10.78 -0.75 -4.79
C ARG A 74 11.17 -1.05 -3.36
N PHE A 75 10.20 -0.92 -2.46
CA PHE A 75 10.40 -1.21 -1.05
C PHE A 75 10.84 -2.65 -0.89
N ARG A 76 10.15 -3.57 -1.54
CA ARG A 76 10.53 -4.96 -1.48
C ARG A 76 11.88 -5.18 -2.16
N GLU A 77 12.14 -4.45 -3.25
CA GLU A 77 13.40 -4.62 -3.98
C GLU A 77 14.56 -4.28 -3.08
N ALA A 78 14.35 -3.29 -2.25
CA ALA A 78 15.35 -2.85 -1.31
C ALA A 78 15.56 -3.90 -0.23
N ILE A 79 14.51 -4.65 0.10
CA ILE A 79 14.60 -5.68 1.12
C ILE A 79 15.37 -6.85 0.55
N ASP A 80 15.09 -7.15 -0.72
CA ASP A 80 15.76 -8.25 -1.41
C ASP A 80 17.23 -7.93 -1.63
N LYS A 81 17.52 -6.63 -1.84
CA LYS A 81 18.89 -6.16 -2.05
C LYS A 81 19.61 -5.88 -0.74
N GLY A 82 18.88 -5.97 0.38
CA GLY A 82 19.48 -5.69 1.67
C GLY A 82 19.82 -4.21 1.87
N ASP A 83 19.09 -3.34 1.20
CA ASP A 83 19.34 -1.91 1.30
C ASP A 83 18.48 -1.33 2.42
N LYS A 84 19.09 -1.19 3.58
CA LYS A 84 18.38 -0.71 4.77
C LYS A 84 18.06 0.78 4.66
N ASP A 85 18.94 1.51 4.00
CA ASP A 85 18.82 2.95 3.86
C ASP A 85 17.57 3.34 3.08
N SER A 86 17.38 2.71 1.94
CA SER A 86 16.23 2.99 1.09
C SER A 86 14.93 2.58 1.77
N LEU A 87 14.99 1.54 2.60
CA LEU A 87 13.79 1.04 3.27
C LEU A 87 13.15 2.12 4.11
N GLU A 88 13.94 2.80 4.90
CA GLU A 88 13.45 3.88 5.75
C GLU A 88 12.88 5.02 4.91
N GLN A 89 13.56 5.35 3.82
CA GLN A 89 13.12 6.45 2.95
C GLN A 89 11.84 6.08 2.22
N LEU A 90 11.80 4.89 1.65
CA LEU A 90 10.64 4.44 0.90
C LEU A 90 9.44 4.26 1.81
N LEU A 91 9.70 3.85 3.05
CA LEU A 91 8.64 3.67 4.03
C LEU A 91 7.94 4.99 4.30
N GLU A 92 8.74 6.06 4.45
CA GLU A 92 8.19 7.39 4.68
C GLU A 92 7.31 7.82 3.51
N GLU A 93 7.81 7.60 2.30
CA GLU A 93 7.07 7.95 1.10
C GLU A 93 5.80 7.10 0.96
N LEU A 94 5.89 5.84 1.38
CA LEU A 94 4.75 4.93 1.34
C LEU A 94 3.65 5.42 2.28
N GLU A 95 4.02 5.75 3.51
CA GLU A 95 3.06 6.22 4.50
C GLU A 95 2.36 7.50 4.05
N GLN A 96 3.13 8.45 3.52
CA GLN A 96 2.57 9.74 3.09
C GLN A 96 1.61 9.55 1.93
N ALA A 97 1.98 8.69 1.00
CA ALA A 97 1.16 8.43 -0.17
C ALA A 97 -0.13 7.74 0.25
N LEU A 98 -0.01 6.78 1.16
CA LEU A 98 -1.15 6.04 1.66
C LEU A 98 -2.13 6.97 2.37
N GLN A 99 -1.60 7.82 3.23
CA GLN A 99 -2.42 8.78 3.96
C GLN A 99 -3.13 9.75 3.02
N LYS A 100 -2.47 10.12 1.92
CA LYS A 100 -3.06 11.04 0.96
C LYS A 100 -4.18 10.38 0.17
N ILE A 101 -3.95 9.14 -0.26
CA ILE A 101 -4.94 8.40 -1.04
C ILE A 101 -6.22 8.20 -0.23
N ARG A 102 -6.08 7.78 1.04
CA ARG A 102 -7.24 7.58 1.90
C ARG A 102 -8.04 8.86 2.05
N GLU A 103 -7.35 9.97 2.25
CA GLU A 103 -7.99 11.26 2.44
C GLU A 103 -8.81 11.61 1.19
N LEU A 104 -8.21 11.43 0.02
CA LEU A 104 -8.87 11.72 -1.24
C LEU A 104 -10.05 10.77 -1.47
N ALA A 105 -9.83 9.50 -1.17
CA ALA A 105 -10.83 8.46 -1.43
C ALA A 105 -12.08 8.63 -0.58
N GLU A 106 -11.95 9.23 0.59
CA GLU A 106 -13.09 9.42 1.48
C GLU A 106 -14.00 10.56 1.01
N LYS A 107 -13.53 11.35 0.06
CA LYS A 107 -14.28 12.50 -0.46
C LYS A 107 -14.02 12.59 -1.94
N LYS A 108 -14.34 13.73 -2.54
CA LYS A 108 -13.93 13.97 -3.90
C LYS A 108 -13.08 15.24 -3.94
N ASN A 109 -11.83 15.09 -4.31
CA ASN A 109 -10.93 16.23 -4.41
C ASN A 109 -10.95 16.79 -5.80
NA1 7BU B . -6.94 2.67 -5.53
NB2 7BU B . -4.90 2.17 -3.59
ND4 7BU B . -8.76 3.52 -3.47
CHA 7BU B . -8.99 4.04 -5.86
CHB 7BU B . -4.92 1.31 -5.90
CHC 7BU B . -4.24 2.90 -1.33
CHD 7BU B . -9.10 3.38 -1.02
C1A 7BU B . -7.86 3.30 -6.33
C1B 7BU B . -4.30 1.52 -4.64
C1C 7BU B . -5.54 3.12 -0.81
C1D 7BU B . -9.55 3.64 -2.36
C1FA 7BU B . -9.80 4.73 -6.96
C1FB 7BU B . -4.21 0.44 -6.93
C1FC 7BU B . -3.11 3.11 -0.32
C1FD 7BU B . -10.12 3.43 0.11
C2A 7BU B . -7.54 3.02 -7.73
C2B 7BU B . -2.91 1.26 -4.29
C2C 7BU B . -5.87 3.30 0.61
C2D 7BU B . -10.83 4.23 -2.73
C3A 7BU B . -6.46 2.22 -7.73
C3B 7BU B . -2.70 1.76 -3.06
C3C 7BU B . -7.22 3.37 0.70
C3D 7BU B . -10.77 4.47 -4.07
C4A 7BU B . -6.07 2.00 -6.34
C4B 7BU B . -3.96 2.34 -2.60
C4C 7BU B . -7.74 3.23 -0.66
C4D 7BU B . -9.47 4.02 -4.54
NC3 7BU B . -6.70 3.08 -1.54
F21A 7BU B . -10.58 3.86 -7.63
F21B 7BU B . -3.54 -0.59 -6.36
F21C 7BU B . -1.89 3.32 -0.86
F21D 7BU B . -9.92 2.48 1.05
F22A 7BU B . -9.00 5.29 -7.90
F22B 7BU B . -3.30 1.11 -7.68
F22C 7BU B . -3.34 4.18 0.47
F22D 7BU B . -11.38 3.24 -0.34
F23A 7BU B . -10.62 5.72 -6.53
F23B 7BU B . -5.09 -0.11 -7.81
F23C 7BU B . -2.98 2.04 0.50
F23D 7BU B . -10.10 4.62 0.76
ZN 7BU B . -6.96 2.45 -3.47
H2A1 7BU B . -8.09 3.38 -8.60
H2B1 7BU B . -2.18 0.76 -4.93
H2C1 7BU B . -5.17 3.37 1.42
H2D1 7BU B . -11.64 4.45 -2.08
H3A1 7BU B . -5.96 1.82 -8.60
H3B1 7BU B . -1.77 1.74 -2.51
H3C1 7BU B . -7.81 3.50 1.59
H3D1 7BU B . -11.54 4.91 -4.67
N SER A 1 -21.86 -3.21 -6.71
CA SER A 1 -21.43 -3.75 -5.42
C SER A 1 -19.90 -3.70 -5.30
N GLU A 2 -19.26 -3.04 -6.26
CA GLU A 2 -17.80 -3.03 -6.32
C GLU A 2 -17.21 -1.86 -5.57
N PHE A 3 -17.96 -0.78 -5.42
CA PHE A 3 -17.47 0.41 -4.72
C PHE A 3 -17.22 0.12 -3.25
N GLU A 4 -18.16 -0.58 -2.63
CA GLU A 4 -18.02 -0.98 -1.24
C GLU A 4 -16.80 -1.86 -1.06
N LYS A 5 -16.62 -2.78 -2.01
CA LYS A 5 -15.48 -3.67 -1.99
C LYS A 5 -14.18 -2.87 -2.09
N LEU A 6 -14.15 -1.92 -3.02
CA LEU A 6 -13.01 -1.01 -3.16
C LEU A 6 -12.62 -0.42 -1.81
N ARG A 7 -13.58 0.13 -1.08
CA ARG A 7 -13.31 0.68 0.24
C ARG A 7 -12.88 -0.41 1.22
N GLN A 8 -13.59 -1.53 1.20
CA GLN A 8 -13.30 -2.63 2.12
C GLN A 8 -11.87 -3.16 1.92
N THR A 9 -11.49 -3.39 0.67
CA THR A 9 -10.14 -3.84 0.36
C THR A 9 -9.09 -2.77 0.66
N GLY A 10 -9.54 -1.52 0.69
CA GLY A 10 -8.65 -0.44 1.02
C GLY A 10 -8.34 -0.45 2.49
N ASP A 11 -9.40 -0.57 3.28
CA ASP A 11 -9.29 -0.69 4.73
C ASP A 11 -8.40 -1.87 5.11
N GLU A 12 -8.57 -2.99 4.40
CA GLU A 12 -7.77 -4.18 4.66
C GLU A 12 -6.28 -3.89 4.40
N LEU A 13 -6.01 -3.23 3.29
CA LEU A 13 -4.64 -2.86 2.92
C LEU A 13 -4.02 -1.91 3.96
N VAL A 14 -4.78 -0.91 4.39
CA VAL A 14 -4.30 0.04 5.39
C VAL A 14 -3.95 -0.68 6.70
N GLN A 15 -4.87 -1.53 7.15
CA GLN A 15 -4.66 -2.31 8.37
C GLN A 15 -3.39 -3.16 8.28
N ALA A 16 -3.13 -3.72 7.09
CA ALA A 16 -1.93 -4.54 6.87
C ALA A 16 -0.68 -3.67 6.90
N PHE A 17 -0.81 -2.45 6.39
CA PHE A 17 0.31 -1.52 6.35
C PHE A 17 0.71 -1.09 7.76
N GLN A 18 -0.29 -0.89 8.61
CA GLN A 18 -0.05 -0.52 10.00
C GLN A 18 0.73 -1.64 10.71
N ARG A 19 0.40 -2.87 10.36
CA ARG A 19 1.12 -4.03 10.90
C ARG A 19 2.54 -4.06 10.33
N LEU A 20 2.67 -3.65 9.07
CA LEU A 20 3.96 -3.62 8.39
C LEU A 20 4.92 -2.70 9.12
N ARG A 21 4.39 -1.58 9.58
CA ARG A 21 5.20 -0.61 10.32
C ARG A 21 5.68 -1.22 11.62
N GLU A 22 4.79 -1.86 12.34
CA GLU A 22 5.11 -2.46 13.60
C GLU A 22 6.18 -3.53 13.40
N ILE A 23 5.95 -4.43 12.45
CA ILE A 23 6.92 -5.47 12.11
C ILE A 23 8.30 -4.89 11.76
N PHE A 24 8.31 -3.75 11.10
CA PHE A 24 9.57 -3.15 10.68
C PHE A 24 10.32 -2.61 11.90
N ASP A 25 9.59 -1.91 12.75
CA ASP A 25 10.15 -1.32 13.96
C ASP A 25 10.55 -2.40 14.97
N LYS A 26 9.95 -3.58 14.85
CA LYS A 26 10.27 -4.71 15.73
C LYS A 26 11.35 -5.59 15.10
N GLY A 27 11.70 -5.29 13.86
CA GLY A 27 12.73 -6.02 13.15
C GLY A 27 12.45 -7.51 13.00
N ASP A 28 11.19 -7.89 13.00
CA ASP A 28 10.84 -9.30 12.86
C ASP A 28 10.74 -9.68 11.39
N ASP A 29 11.90 -9.93 10.78
CA ASP A 29 12.00 -10.28 9.36
C ASP A 29 11.19 -11.52 9.02
N ASP A 30 11.06 -12.42 9.98
CA ASP A 30 10.32 -13.66 9.77
C ASP A 30 8.85 -13.34 9.51
N SER A 31 8.31 -12.49 10.36
CA SER A 31 6.94 -12.06 10.27
C SER A 31 6.73 -11.12 9.07
N LEU A 32 7.78 -10.36 8.74
CA LEU A 32 7.73 -9.38 7.64
C LEU A 32 7.41 -10.05 6.32
N GLU A 33 8.00 -11.21 6.09
CA GLU A 33 7.74 -11.96 4.87
C GLU A 33 6.27 -12.27 4.72
N GLN A 34 5.67 -12.71 5.82
CA GLN A 34 4.27 -13.11 5.83
C GLN A 34 3.37 -11.92 5.53
N VAL A 35 3.73 -10.77 6.08
CA VAL A 35 2.96 -9.56 5.88
C VAL A 35 3.09 -9.06 4.44
N LEU A 36 4.29 -9.18 3.87
CA LEU A 36 4.52 -8.75 2.49
C LEU A 36 3.65 -9.53 1.52
N GLU A 37 3.46 -10.81 1.81
CA GLU A 37 2.62 -11.67 0.97
C GLU A 37 1.17 -11.22 1.08
N GLU A 38 0.77 -10.87 2.29
CA GLU A 38 -0.58 -10.41 2.55
C GLU A 38 -0.84 -9.06 1.90
N ILE A 39 0.12 -8.16 1.98
CA ILE A 39 -0.01 -6.84 1.39
C ILE A 39 -0.15 -6.93 -0.12
N GLU A 40 0.74 -7.70 -0.75
CA GLU A 40 0.70 -7.90 -2.20
C GLU A 40 -0.64 -8.49 -2.62
N GLU A 41 -1.18 -9.39 -1.82
CA GLU A 41 -2.43 -10.03 -2.09
C GLU A 41 -3.58 -9.02 -2.02
N LEU A 42 -3.51 -8.14 -1.02
CA LEU A 42 -4.53 -7.13 -0.82
C LEU A 42 -4.49 -6.09 -1.93
N ILE A 43 -3.29 -5.77 -2.41
CA ILE A 43 -3.12 -4.81 -3.50
C ILE A 43 -3.86 -5.31 -4.73
N GLN A 44 -3.67 -6.59 -5.03
CA GLN A 44 -4.32 -7.21 -6.18
C GLN A 44 -5.82 -7.25 -5.97
N LYS A 45 -6.23 -7.65 -4.77
CA LYS A 45 -7.64 -7.78 -4.43
C LYS A 45 -8.36 -6.44 -4.54
N HIS A 46 -7.67 -5.39 -4.16
CA HIS A 46 -8.21 -4.05 -4.20
C HIS A 46 -8.23 -3.50 -5.62
N ARG A 47 -7.13 -3.70 -6.35
CA ARG A 47 -7.05 -3.20 -7.71
C ARG A 47 -7.93 -3.97 -8.70
N GLN A 48 -8.14 -5.27 -8.46
CA GLN A 48 -8.96 -6.09 -9.36
C GLN A 48 -10.36 -5.51 -9.47
N LEU A 49 -10.80 -4.89 -8.41
CA LEU A 49 -12.10 -4.28 -8.37
C LEU A 49 -12.11 -3.00 -9.19
N PHE A 50 -10.99 -2.29 -9.16
CA PHE A 50 -10.84 -1.04 -9.88
C PHE A 50 -10.62 -1.27 -11.38
N ASP A 51 -9.91 -2.35 -11.70
CA ASP A 51 -9.60 -2.66 -13.10
C ASP A 51 -10.85 -3.09 -13.84
N ASN A 52 -11.74 -3.78 -13.13
CA ASN A 52 -12.99 -4.27 -13.71
C ASN A 52 -14.10 -3.22 -13.60
N ARG A 53 -13.70 -1.99 -13.32
CA ARG A 53 -14.65 -0.89 -13.19
C ARG A 53 -14.16 0.33 -13.94
N GLN A 54 -13.04 0.89 -13.46
CA GLN A 54 -12.42 2.08 -14.02
C GLN A 54 -13.33 3.31 -13.85
N GLU A 55 -12.71 4.50 -13.80
CA GLU A 55 -13.45 5.75 -13.63
C GLU A 55 -14.35 5.71 -12.39
N ALA A 56 -13.91 4.99 -11.37
CA ALA A 56 -14.66 4.87 -10.13
C ALA A 56 -14.62 6.19 -9.37
N ALA A 57 -13.51 6.89 -9.49
CA ALA A 57 -13.32 8.15 -8.83
C ALA A 57 -12.44 9.05 -9.69
N ASP A 58 -11.83 10.05 -9.07
CA ASP A 58 -10.97 11.00 -9.78
C ASP A 58 -9.69 10.30 -10.25
N THR A 59 -9.08 10.82 -11.31
CA THR A 59 -7.89 10.21 -11.88
C THR A 59 -6.67 10.40 -10.97
N GLU A 60 -6.68 11.46 -10.16
CA GLU A 60 -5.58 11.74 -9.26
C GLU A 60 -5.36 10.60 -8.27
N ALA A 61 -6.47 10.08 -7.73
CA ALA A 61 -6.40 8.97 -6.78
C ALA A 61 -5.78 7.74 -7.41
N ALA A 62 -6.13 7.49 -8.68
CA ALA A 62 -5.57 6.36 -9.41
C ALA A 62 -4.08 6.53 -9.62
N LYS A 63 -3.66 7.76 -9.95
CA LYS A 63 -2.25 8.04 -10.19
C LYS A 63 -1.40 7.82 -8.95
N GLN A 64 -1.87 8.29 -7.81
CA GLN A 64 -1.14 8.08 -6.57
C GLN A 64 -1.23 6.62 -6.16
N GLY A 65 -2.32 5.98 -6.55
CA GLY A 65 -2.50 4.57 -6.27
C GLY A 65 -1.44 3.74 -6.97
N ASP A 66 -1.25 4.01 -8.26
CA ASP A 66 -0.20 3.35 -9.04
C ASP A 66 1.18 3.69 -8.50
N GLN A 67 1.33 4.94 -8.07
CA GLN A 67 2.59 5.43 -7.52
C GLN A 67 2.95 4.65 -6.26
N TRP A 68 1.95 4.41 -5.42
CA TRP A 68 2.13 3.67 -4.18
C TRP A 68 2.60 2.25 -4.49
N VAL A 69 2.05 1.69 -5.57
CA VAL A 69 2.40 0.33 -5.99
C VAL A 69 3.85 0.29 -6.44
N GLN A 70 4.29 1.32 -7.15
CA GLN A 70 5.67 1.40 -7.62
C GLN A 70 6.62 1.44 -6.43
N LEU A 71 6.24 2.22 -5.42
CA LEU A 71 7.01 2.33 -4.19
C LEU A 71 7.11 1.00 -3.49
N PHE A 72 6.01 0.24 -3.50
CA PHE A 72 5.98 -1.08 -2.86
C PHE A 72 6.95 -2.03 -3.57
N GLN A 73 6.96 -1.97 -4.91
CA GLN A 73 7.86 -2.79 -5.70
C GLN A 73 9.30 -2.47 -5.36
N ARG A 74 9.61 -1.19 -5.26
CA ARG A 74 10.95 -0.73 -4.93
C ARG A 74 11.31 -1.15 -3.51
N PHE A 75 10.33 -1.11 -2.63
CA PHE A 75 10.53 -1.54 -1.25
C PHE A 75 10.94 -3.01 -1.20
N ARG A 76 10.22 -3.84 -1.94
CA ARG A 76 10.54 -5.26 -2.01
C ARG A 76 11.89 -5.47 -2.69
N GLU A 77 12.17 -4.64 -3.70
CA GLU A 77 13.42 -4.72 -4.45
C GLU A 77 14.58 -4.34 -3.57
N ALA A 78 14.38 -3.37 -2.70
CA ALA A 78 15.41 -2.91 -1.80
C ALA A 78 15.80 -4.00 -0.84
N ILE A 79 14.84 -4.85 -0.47
CA ILE A 79 15.09 -5.97 0.43
C ILE A 79 15.94 -7.02 -0.30
N ASP A 80 15.70 -7.16 -1.60
CA ASP A 80 16.45 -8.12 -2.42
C ASP A 80 17.86 -7.60 -2.66
N LYS A 81 17.98 -6.29 -2.78
CA LYS A 81 19.26 -5.65 -2.99
C LYS A 81 20.01 -5.48 -1.67
N GLY A 82 19.32 -5.78 -0.58
CA GLY A 82 19.92 -5.68 0.74
C GLY A 82 20.16 -4.24 1.17
N ASP A 83 19.41 -3.32 0.60
CA ASP A 83 19.55 -1.91 0.89
C ASP A 83 18.62 -1.53 2.04
N LYS A 84 19.16 -1.52 3.24
CA LYS A 84 18.36 -1.24 4.43
C LYS A 84 18.02 0.25 4.52
N ASP A 85 18.91 1.08 3.99
CA ASP A 85 18.73 2.52 4.04
C ASP A 85 17.51 2.95 3.24
N SER A 86 17.36 2.40 2.05
CA SER A 86 16.24 2.73 1.20
C SER A 86 14.92 2.28 1.81
N LEU A 87 14.95 1.19 2.58
CA LEU A 87 13.73 0.67 3.18
C LEU A 87 13.09 1.72 4.08
N GLU A 88 13.90 2.34 4.90
CA GLU A 88 13.45 3.39 5.81
C GLU A 88 12.90 4.59 5.03
N GLN A 89 13.58 4.94 3.94
CA GLN A 89 13.18 6.06 3.10
C GLN A 89 11.88 5.74 2.34
N LEU A 90 11.83 4.54 1.77
CA LEU A 90 10.68 4.10 1.00
C LEU A 90 9.45 3.97 1.88
N LEU A 91 9.66 3.63 3.14
CA LEU A 91 8.58 3.54 4.10
C LEU A 91 7.98 4.91 4.32
N GLU A 92 8.85 5.92 4.32
CA GLU A 92 8.42 7.29 4.48
C GLU A 92 7.52 7.70 3.31
N GLU A 93 7.94 7.33 2.10
CA GLU A 93 7.17 7.61 0.90
C GLU A 93 5.86 6.82 0.90
N LEU A 94 5.94 5.55 1.30
CA LEU A 94 4.77 4.68 1.32
C LEU A 94 3.73 5.18 2.32
N GLU A 95 4.20 5.49 3.52
CA GLU A 95 3.33 5.97 4.58
C GLU A 95 2.66 7.30 4.20
N GLN A 96 3.44 8.23 3.65
CA GLN A 96 2.92 9.53 3.23
C GLN A 96 1.91 9.38 2.10
N ALA A 97 2.24 8.48 1.17
CA ALA A 97 1.39 8.24 0.03
C ALA A 97 0.09 7.57 0.45
N LEU A 98 0.20 6.55 1.31
CA LEU A 98 -0.96 5.81 1.79
C LEU A 98 -1.91 6.72 2.54
N GLN A 99 -1.37 7.53 3.43
CA GLN A 99 -2.18 8.46 4.19
C GLN A 99 -2.92 9.43 3.29
N LYS A 100 -2.25 9.93 2.26
CA LYS A 100 -2.88 10.88 1.37
C LYS A 100 -3.93 10.22 0.48
N ILE A 101 -3.66 9.00 0.03
CA ILE A 101 -4.62 8.28 -0.80
C ILE A 101 -5.92 8.07 -0.03
N ARG A 102 -5.80 7.61 1.21
CA ARG A 102 -6.96 7.43 2.07
C ARG A 102 -7.65 8.77 2.31
N GLU A 103 -6.85 9.82 2.41
CA GLU A 103 -7.34 11.18 2.61
C GLU A 103 -8.18 11.65 1.42
N LEU A 104 -7.67 11.43 0.21
CA LEU A 104 -8.35 11.85 -1.01
C LEU A 104 -9.54 10.95 -1.32
N ALA A 105 -9.38 9.66 -1.11
CA ALA A 105 -10.44 8.71 -1.41
C ALA A 105 -11.65 8.92 -0.52
N GLU A 106 -11.40 9.45 0.68
CA GLU A 106 -12.46 9.67 1.64
C GLU A 106 -13.04 11.09 1.48
N LYS A 107 -12.41 11.91 0.66
CA LYS A 107 -12.84 13.29 0.46
C LYS A 107 -12.20 13.85 -0.82
N LYS A 108 -11.23 14.79 -0.65
CA LYS A 108 -10.44 15.39 -1.76
C LYS A 108 -9.86 16.72 -1.32
N ASN A 109 -10.74 17.63 -0.94
CA ASN A 109 -10.32 18.97 -0.53
C ASN A 109 -10.51 19.12 0.96
NA1 7BU B . -6.87 2.78 -5.50
NB2 7BU B . -4.94 2.23 -3.46
ND4 7BU B . -8.81 3.58 -3.51
CHA 7BU B . -8.89 4.18 -5.90
CHB 7BU B . -4.82 1.42 -5.80
CHC 7BU B . -4.39 2.87 -1.15
CHD 7BU B . -9.27 3.40 -1.08
C1A 7BU B . -7.75 3.43 -6.33
C1B 7BU B . -4.28 1.60 -4.50
C1C 7BU B . -5.72 3.10 -0.69
C1D 7BU B . -9.64 3.71 -2.43
C1FA 7BU B . -9.64 4.93 -7.02
C1FB 7BU B . -4.06 0.59 -6.84
C1FC 7BU B . -3.31 3.05 -0.08
C1FD 7BU B . -10.36 3.48 0.01
C2A 7BU B . -7.37 3.17 -7.73
C2B 7BU B . -2.91 1.32 -4.09
C2C 7BU B . -6.12 3.27 0.70
C2D 7BU B . -10.85 4.39 -2.85
C3A 7BU B . -6.28 2.37 -7.69
C3B 7BU B . -2.77 1.78 -2.82
C3C 7BU B . -7.47 3.36 0.73
C3D 7BU B . -10.73 4.66 -4.17
C4A 7BU B . -5.97 2.13 -6.29
C4B 7BU B . -4.05 2.34 -2.43
C4C 7BU B . -7.93 3.23 -0.65
C4D 7BU B . -9.43 4.16 -4.60
NC3 7BU B . -6.85 3.08 -1.49
F21A 7BU B . -10.51 4.13 -7.69
F21B 7BU B . -3.34 -0.40 -6.25
F21C 7BU B . -2.06 3.21 -0.54
F21D 7BU B . -10.24 2.51 0.94
F22A 7BU B . -8.80 5.41 -7.97
F22B 7BU B . -3.17 1.30 -7.57
F22C 7BU B . -3.54 4.14 0.69
F22D 7BU B . -11.60 3.34 -0.51
F23A 7BU B . -10.36 5.98 -6.60
F23B 7BU B . -4.89 -0.02 -7.71
F23C 7BU B . -3.28 1.99 0.75
F23D 7BU B . -10.33 4.67 0.66
ZN 7BU B . -7.00 2.50 -3.45
H2A1 7BU B . -7.86 3.56 -8.60
H2B1 7BU B . -2.15 0.84 -4.68
H2C1 7BU B . -5.46 3.34 1.55
H2D1 7BU B . -11.70 4.63 -2.22
H3A1 7BU B . -5.74 1.98 -8.54
H3B1 7BU B . -1.88 1.72 -2.21
H3C1 7BU B . -8.10 3.48 1.60
H3D1 7BU B . -11.45 5.16 -4.79
N SER A 1 -21.24 -2.46 -6.54
CA SER A 1 -20.93 -1.48 -5.49
C SER A 1 -19.44 -1.45 -5.29
N GLU A 2 -18.78 -0.62 -6.06
CA GLU A 2 -17.34 -0.59 -6.10
C GLU A 2 -16.75 0.23 -4.97
N PHE A 3 -17.30 1.41 -4.74
CA PHE A 3 -16.78 2.33 -3.72
C PHE A 3 -16.82 1.72 -2.33
N GLU A 4 -17.85 0.92 -2.06
CA GLU A 4 -17.99 0.28 -0.76
C GLU A 4 -16.89 -0.73 -0.55
N LYS A 5 -16.66 -1.58 -1.54
CA LYS A 5 -15.62 -2.58 -1.44
C LYS A 5 -14.24 -1.90 -1.48
N LEU A 6 -14.11 -0.89 -2.36
CA LEU A 6 -12.89 -0.07 -2.44
C LEU A 6 -12.45 0.42 -1.06
N ARG A 7 -13.33 1.06 -0.33
CA ARG A 7 -12.96 1.57 0.99
C ARG A 7 -12.67 0.45 1.97
N GLN A 8 -13.44 -0.63 1.88
CA GLN A 8 -13.22 -1.79 2.73
C GLN A 8 -11.84 -2.41 2.49
N THR A 9 -11.46 -2.55 1.22
CA THR A 9 -10.14 -3.11 0.88
C THR A 9 -9.05 -2.09 1.17
N GLY A 10 -9.43 -0.82 1.27
CA GLY A 10 -8.48 0.21 1.58
C GLY A 10 -8.13 0.18 3.03
N ASP A 11 -9.17 0.13 3.88
CA ASP A 11 -8.99 -0.01 5.31
C ASP A 11 -8.18 -1.25 5.66
N GLU A 12 -8.52 -2.35 5.02
CA GLU A 12 -7.81 -3.61 5.23
C GLU A 12 -6.33 -3.48 4.84
N LEU A 13 -6.07 -2.83 3.71
CA LEU A 13 -4.71 -2.60 3.24
C LEU A 13 -3.93 -1.78 4.25
N VAL A 14 -4.56 -0.74 4.80
CA VAL A 14 -3.93 0.10 5.81
C VAL A 14 -3.57 -0.72 7.04
N GLN A 15 -4.52 -1.51 7.50
CA GLN A 15 -4.32 -2.36 8.65
C GLN A 15 -3.14 -3.32 8.44
N ALA A 16 -3.09 -3.94 7.27
CA ALA A 16 -1.99 -4.85 6.95
C ALA A 16 -0.68 -4.09 6.78
N PHE A 17 -0.76 -2.89 6.22
CA PHE A 17 0.40 -2.04 6.03
C PHE A 17 0.98 -1.62 7.38
N GLN A 18 0.11 -1.34 8.32
CA GLN A 18 0.51 -0.98 9.67
C GLN A 18 1.23 -2.17 10.31
N ARG A 19 0.75 -3.37 10.01
CA ARG A 19 1.37 -4.60 10.49
C ARG A 19 2.76 -4.73 9.91
N LEU A 20 2.93 -4.26 8.68
CA LEU A 20 4.23 -4.33 8.00
C LEU A 20 5.26 -3.59 8.81
N ARG A 21 4.88 -2.46 9.36
CA ARG A 21 5.80 -1.69 10.19
C ARG A 21 6.14 -2.46 11.43
N GLU A 22 5.12 -3.07 12.02
CA GLU A 22 5.27 -3.80 13.26
C GLU A 22 6.15 -5.03 13.04
N ILE A 23 6.06 -5.61 11.86
CA ILE A 23 6.84 -6.79 11.54
C ILE A 23 8.28 -6.38 11.20
N PHE A 24 8.39 -5.24 10.51
CA PHE A 24 9.67 -4.76 10.01
C PHE A 24 10.51 -4.21 11.16
N ASP A 25 9.88 -3.40 12.02
CA ASP A 25 10.54 -2.78 13.16
C ASP A 25 11.05 -3.82 14.14
N LYS A 26 10.41 -4.99 14.16
CA LYS A 26 10.84 -6.08 15.03
C LYS A 26 11.80 -7.02 14.30
N GLY A 27 12.09 -6.71 13.04
CA GLY A 27 13.01 -7.50 12.25
C GLY A 27 12.56 -8.93 12.02
N ASP A 28 11.26 -9.17 12.00
CA ASP A 28 10.75 -10.52 11.77
C ASP A 28 10.63 -10.79 10.28
N ASP A 29 11.76 -11.10 9.66
CA ASP A 29 11.81 -11.40 8.22
C ASP A 29 10.86 -12.53 7.82
N ASP A 30 10.66 -13.48 8.72
CA ASP A 30 9.81 -14.64 8.43
C ASP A 30 8.37 -14.21 8.19
N SER A 31 7.84 -13.41 9.10
CA SER A 31 6.47 -12.93 8.98
C SER A 31 6.38 -11.85 7.89
N LEU A 32 7.46 -11.08 7.76
CA LEU A 32 7.53 -9.96 6.82
C LEU A 32 7.30 -10.43 5.39
N GLU A 33 7.98 -11.51 4.99
CA GLU A 33 7.81 -12.04 3.65
C GLU A 33 6.36 -12.42 3.39
N GLN A 34 5.75 -13.07 4.36
CA GLN A 34 4.36 -13.50 4.23
C GLN A 34 3.42 -12.30 4.14
N VAL A 35 3.66 -11.28 4.95
CA VAL A 35 2.83 -10.07 4.95
C VAL A 35 2.92 -9.34 3.60
N LEU A 36 4.10 -9.39 2.97
CA LEU A 36 4.29 -8.72 1.67
C LEU A 36 3.32 -9.28 0.64
N GLU A 37 3.14 -10.59 0.64
CA GLU A 37 2.23 -11.21 -0.31
C GLU A 37 0.79 -10.83 0.01
N GLU A 38 0.50 -10.64 1.28
CA GLU A 38 -0.84 -10.25 1.70
C GLU A 38 -1.11 -8.82 1.26
N ILE A 39 -0.08 -7.98 1.34
CA ILE A 39 -0.19 -6.60 0.88
C ILE A 39 -0.46 -6.59 -0.62
N GLU A 40 0.34 -7.35 -1.37
CA GLU A 40 0.17 -7.47 -2.82
C GLU A 40 -1.23 -7.98 -3.18
N GLU A 41 -1.75 -8.88 -2.35
CA GLU A 41 -3.09 -9.43 -2.55
C GLU A 41 -4.14 -8.34 -2.43
N LEU A 42 -4.00 -7.52 -1.41
CA LEU A 42 -4.94 -6.45 -1.16
C LEU A 42 -4.86 -5.37 -2.22
N ILE A 43 -3.64 -5.10 -2.70
CA ILE A 43 -3.44 -4.09 -3.72
C ILE A 43 -4.18 -4.46 -5.00
N GLN A 44 -4.01 -5.70 -5.44
CA GLN A 44 -4.66 -6.19 -6.66
C GLN A 44 -6.18 -6.19 -6.50
N LYS A 45 -6.65 -6.69 -5.36
CA LYS A 45 -8.09 -6.76 -5.08
C LYS A 45 -8.72 -5.38 -4.97
N HIS A 46 -7.98 -4.43 -4.45
CA HIS A 46 -8.48 -3.08 -4.30
C HIS A 46 -8.47 -2.38 -5.66
N ARG A 47 -7.39 -2.54 -6.40
CA ARG A 47 -7.26 -1.95 -7.73
C ARG A 47 -8.23 -2.60 -8.73
N GLN A 48 -8.50 -3.88 -8.53
CA GLN A 48 -9.41 -4.62 -9.42
C GLN A 48 -10.79 -3.97 -9.45
N LEU A 49 -11.20 -3.43 -8.32
CA LEU A 49 -12.48 -2.76 -8.19
C LEU A 49 -12.45 -1.45 -8.96
N PHE A 50 -11.26 -0.84 -8.97
CA PHE A 50 -11.05 0.42 -9.66
C PHE A 50 -11.05 0.20 -11.18
N ASP A 51 -10.62 -0.99 -11.59
CA ASP A 51 -10.58 -1.36 -13.00
C ASP A 51 -11.99 -1.67 -13.50
N ASN A 52 -12.87 -2.06 -12.58
CA ASN A 52 -14.26 -2.36 -12.93
C ASN A 52 -14.92 -1.20 -13.66
N ARG A 53 -15.02 -0.06 -13.00
CA ARG A 53 -15.63 1.12 -13.61
C ARG A 53 -14.66 1.82 -14.54
N GLN A 54 -15.20 2.54 -15.50
CA GLN A 54 -14.41 3.27 -16.46
C GLN A 54 -13.95 4.58 -15.84
N GLU A 55 -14.92 5.39 -15.41
CA GLU A 55 -14.63 6.64 -14.72
C GLU A 55 -13.84 6.39 -13.44
N ALA A 56 -12.73 7.09 -13.30
CA ALA A 56 -11.87 6.94 -12.13
C ALA A 56 -12.37 7.78 -10.96
N ALA A 57 -13.32 8.69 -11.26
CA ALA A 57 -13.90 9.61 -10.26
C ALA A 57 -12.88 10.63 -9.79
N ASP A 58 -11.87 10.17 -9.08
CA ASP A 58 -10.81 11.04 -8.59
C ASP A 58 -9.49 10.55 -9.16
N THR A 59 -8.87 11.38 -9.98
CA THR A 59 -7.63 10.99 -10.63
C THR A 59 -6.43 11.26 -9.74
N GLU A 60 -6.57 12.19 -8.81
CA GLU A 60 -5.47 12.51 -7.91
C GLU A 60 -5.24 11.36 -6.94
N ALA A 61 -6.32 10.84 -6.37
CA ALA A 61 -6.23 9.70 -5.47
C ALA A 61 -5.67 8.50 -6.20
N ALA A 62 -6.09 8.31 -7.44
CA ALA A 62 -5.60 7.21 -8.26
C ALA A 62 -4.13 7.40 -8.59
N LYS A 63 -3.73 8.64 -8.82
CA LYS A 63 -2.36 8.97 -9.15
C LYS A 63 -1.43 8.65 -7.99
N GLN A 64 -1.85 9.04 -6.78
CA GLN A 64 -1.08 8.75 -5.58
C GLN A 64 -1.14 7.26 -5.29
N GLY A 65 -2.24 6.65 -5.70
CA GLY A 65 -2.43 5.23 -5.51
C GLY A 65 -1.41 4.45 -6.30
N ASP A 66 -1.25 4.81 -7.57
CA ASP A 66 -0.26 4.19 -8.43
C ASP A 66 1.14 4.42 -7.92
N GLN A 67 1.38 5.61 -7.39
CA GLN A 67 2.69 5.95 -6.85
C GLN A 67 3.00 5.11 -5.62
N TRP A 68 2.00 4.95 -4.76
CA TRP A 68 2.16 4.15 -3.55
C TRP A 68 2.50 2.71 -3.90
N VAL A 69 1.85 2.19 -4.94
CA VAL A 69 2.08 0.82 -5.40
C VAL A 69 3.48 0.70 -5.97
N GLN A 70 3.89 1.71 -6.72
CA GLN A 70 5.18 1.72 -7.36
C GLN A 70 6.28 1.77 -6.31
N LEU A 71 6.14 2.65 -5.34
CA LEU A 71 7.10 2.77 -4.25
C LEU A 71 7.13 1.48 -3.42
N PHE A 72 5.97 0.88 -3.21
CA PHE A 72 5.90 -0.37 -2.45
C PHE A 72 6.54 -1.50 -3.23
N GLN A 73 6.29 -1.53 -4.52
CA GLN A 73 6.85 -2.55 -5.38
C GLN A 73 8.37 -2.48 -5.35
N ARG A 74 8.89 -1.27 -5.45
CA ARG A 74 10.33 -1.02 -5.37
C ARG A 74 10.83 -1.32 -3.96
N PHE A 75 9.97 -1.08 -2.98
CA PHE A 75 10.27 -1.40 -1.60
C PHE A 75 10.53 -2.89 -1.45
N ARG A 76 9.64 -3.70 -2.02
CA ARG A 76 9.84 -5.13 -1.98
C ARG A 76 11.07 -5.53 -2.78
N GLU A 77 11.30 -4.84 -3.91
CA GLU A 77 12.44 -5.16 -4.76
C GLU A 77 13.73 -4.97 -3.99
N ALA A 78 13.74 -3.99 -3.11
CA ALA A 78 14.88 -3.74 -2.27
C ALA A 78 15.08 -4.90 -1.31
N ILE A 79 13.97 -5.38 -0.70
CA ILE A 79 14.01 -6.54 0.19
C ILE A 79 14.53 -7.77 -0.55
N ASP A 80 14.05 -7.99 -1.77
CA ASP A 80 14.49 -9.13 -2.57
C ASP A 80 15.98 -9.00 -2.88
N LYS A 81 16.43 -7.75 -3.07
CA LYS A 81 17.84 -7.46 -3.35
C LYS A 81 18.70 -7.41 -2.08
N GLY A 82 18.07 -7.57 -0.92
CA GLY A 82 18.82 -7.52 0.34
C GLY A 82 19.25 -6.11 0.74
N ASP A 83 18.59 -5.10 0.18
CA ASP A 83 18.92 -3.71 0.50
C ASP A 83 18.05 -3.21 1.64
N LYS A 84 18.59 -3.24 2.84
CA LYS A 84 17.85 -2.83 4.02
C LYS A 84 17.78 -1.30 4.14
N ASP A 85 18.81 -0.63 3.60
CA ASP A 85 18.93 0.84 3.72
C ASP A 85 17.75 1.57 3.10
N SER A 86 17.43 1.22 1.88
CA SER A 86 16.34 1.86 1.16
C SER A 86 14.99 1.64 1.82
N LEU A 87 14.84 0.51 2.51
CA LEU A 87 13.58 0.11 3.12
C LEU A 87 13.09 1.15 4.13
N GLU A 88 13.97 1.59 5.01
CA GLU A 88 13.60 2.56 6.04
C GLU A 88 13.13 3.88 5.43
N GLN A 89 13.83 4.34 4.39
CA GLN A 89 13.47 5.58 3.73
C GLN A 89 12.15 5.44 2.97
N LEU A 90 12.00 4.33 2.26
CA LEU A 90 10.81 4.08 1.47
C LEU A 90 9.58 3.94 2.36
N LEU A 91 9.79 3.43 3.57
CA LEU A 91 8.70 3.23 4.51
C LEU A 91 8.09 4.56 4.91
N GLU A 92 8.92 5.55 5.16
CA GLU A 92 8.45 6.87 5.54
C GLU A 92 7.65 7.49 4.41
N GLU A 93 8.16 7.35 3.18
CA GLU A 93 7.47 7.86 2.00
C GLU A 93 6.12 7.16 1.82
N LEU A 94 6.11 5.85 2.02
CA LEU A 94 4.89 5.06 1.87
C LEU A 94 3.83 5.50 2.86
N GLU A 95 4.23 5.70 4.11
CA GLU A 95 3.30 6.14 5.14
C GLU A 95 2.72 7.51 4.83
N GLN A 96 3.54 8.39 4.27
CA GLN A 96 3.08 9.74 3.92
C GLN A 96 2.09 9.68 2.77
N ALA A 97 2.40 8.87 1.77
CA ALA A 97 1.54 8.72 0.60
C ALA A 97 0.22 8.06 0.99
N LEU A 98 0.32 7.10 1.91
CA LEU A 98 -0.86 6.38 2.40
C LEU A 98 -1.83 7.35 3.05
N GLN A 99 -1.29 8.20 3.92
CA GLN A 99 -2.08 9.20 4.61
C GLN A 99 -2.74 10.18 3.66
N LYS A 100 -2.05 10.55 2.58
CA LYS A 100 -2.58 11.53 1.64
C LYS A 100 -3.76 10.97 0.86
N ILE A 101 -3.62 9.72 0.41
CA ILE A 101 -4.66 9.06 -0.35
C ILE A 101 -5.94 8.93 0.47
N ARG A 102 -5.80 8.49 1.72
CA ARG A 102 -6.93 8.36 2.60
C ARG A 102 -7.64 9.69 2.80
N GLU A 103 -6.87 10.76 2.95
CA GLU A 103 -7.44 12.06 3.16
C GLU A 103 -8.31 12.46 1.98
N LEU A 104 -7.81 12.26 0.77
CA LEU A 104 -8.53 12.62 -0.44
C LEU A 104 -9.77 11.75 -0.64
N ALA A 105 -9.64 10.47 -0.40
CA ALA A 105 -10.75 9.53 -0.60
C ALA A 105 -11.82 9.67 0.47
N GLU A 106 -11.39 9.95 1.70
CA GLU A 106 -12.31 10.04 2.82
C GLU A 106 -12.95 11.43 2.90
N LYS A 107 -12.30 12.41 2.27
CA LYS A 107 -12.78 13.80 2.26
C LYS A 107 -13.93 13.98 1.26
N LYS A 108 -14.72 12.94 1.09
CA LYS A 108 -15.85 12.96 0.19
C LYS A 108 -17.04 12.32 0.87
N ASN A 109 -17.12 11.01 0.80
CA ASN A 109 -18.17 10.26 1.50
C ASN A 109 -17.81 10.07 2.96
NA1 7BU B . -7.12 3.73 -5.13
NB2 7BU B . -5.07 3.04 -3.24
ND4 7BU B . -8.91 4.46 -2.99
CHA 7BU B . -9.16 5.13 -5.35
CHB 7BU B . -5.10 2.40 -5.63
CHC 7BU B . -4.38 3.50 -0.92
CHD 7BU B . -9.23 4.20 -0.54
C1A 7BU B . -8.03 4.44 -5.88
C1B 7BU B . -4.49 2.45 -4.34
C1C 7BU B . -5.68 3.75 -0.38
C1D 7BU B . -9.68 4.56 -1.85
C1FA 7BU B . -9.98 5.94 -6.40
C1FB 7BU B . -4.39 1.61 -6.75
C1FC 7BU B . -3.25 3.53 0.11
C1FD 7BU B . -10.23 4.27 0.62
C2A 7BU B . -7.73 4.25 -7.29
C2B 7BU B . -3.12 2.08 -4.02
C2C 7BU B . -5.99 3.85 1.04
C2D 7BU B . -10.91 5.25 -2.17
C3A 7BU B . -6.64 3.45 -7.37
C3B 7BU B . -2.90 2.44 -2.74
C3C 7BU B . -7.33 3.98 1.15
C3D 7BU B . -10.88 5.57 -3.49
C4A 7BU B . -6.25 3.13 -6.01
C4B 7BU B . -4.13 3.05 -2.24
C4C 7BU B . -7.88 3.96 -0.20
C4D 7BU B . -9.61 5.07 -4.01
NC3 7BU B . -6.84 3.82 -1.11
F21A 7BU B . -10.86 5.15 -7.05
F21B 7BU B . -3.72 0.53 -6.27
F21C 7BU B . -2.01 3.67 -0.40
F21D 7BU B . -10.09 3.26 1.50
F22A 7BU B . -9.20 6.48 -7.35
F22B 7BU B . -3.47 2.33 -7.43
F22C 7BU B . -3.39 4.56 1.00
F22D 7BU B . -11.51 4.19 0.19
F23A 7BU B . -10.70 6.97 -5.88
F23B 7BU B . -5.26 1.14 -7.66
F23C 7BU B . -3.23 2.39 0.84
F23D 7BU B . -10.12 5.42 1.32
ZN 7BU B . -7.13 3.35 -3.09
H2A1 7BU B . -8.28 4.68 -8.13
H2B1 7BU B . -2.41 1.61 -4.68
H2C1 7BU B . -5.28 3.83 1.85
H2D1 7BU B . -11.72 5.47 -1.48
H3A1 7BU B . -6.15 3.12 -8.28
H3B1 7BU B . -1.99 2.32 -2.18
H3C1 7BU B . -7.91 4.08 2.06
H3D1 7BU B . -11.64 6.08 -4.04
N SER A 1 -20.52 -0.66 -8.44
CA SER A 1 -20.23 -1.50 -7.29
C SER A 1 -20.39 -0.71 -5.99
N GLU A 2 -20.16 -1.35 -4.87
CA GLU A 2 -20.29 -0.68 -3.59
C GLU A 2 -18.98 0.01 -3.23
N PHE A 3 -19.06 1.30 -2.95
CA PHE A 3 -17.89 2.09 -2.60
C PHE A 3 -17.30 1.61 -1.27
N GLU A 4 -18.15 1.01 -0.44
CA GLU A 4 -17.71 0.50 0.84
C GLU A 4 -16.73 -0.64 0.63
N LYS A 5 -16.93 -1.41 -0.43
CA LYS A 5 -16.02 -2.50 -0.77
C LYS A 5 -14.66 -1.95 -1.17
N LEU A 6 -14.68 -0.72 -1.67
CA LEU A 6 -13.47 -0.07 -2.11
C LEU A 6 -12.71 0.42 -0.89
N ARG A 7 -13.45 1.04 0.03
CA ARG A 7 -12.89 1.48 1.30
C ARG A 7 -12.50 0.28 2.17
N GLN A 8 -13.30 -0.76 2.14
CA GLN A 8 -13.03 -1.96 2.94
C GLN A 8 -11.70 -2.58 2.53
N THR A 9 -11.47 -2.74 1.22
CA THR A 9 -10.20 -3.24 0.74
C THR A 9 -9.06 -2.24 1.04
N GLY A 10 -9.43 -0.98 1.22
CA GLY A 10 -8.46 0.02 1.57
C GLY A 10 -8.05 -0.11 3.02
N ASP A 11 -9.06 -0.21 3.89
CA ASP A 11 -8.84 -0.42 5.32
C ASP A 11 -8.02 -1.68 5.56
N GLU A 12 -8.32 -2.73 4.80
CA GLU A 12 -7.58 -3.98 4.88
C GLU A 12 -6.13 -3.75 4.50
N LEU A 13 -5.91 -2.99 3.44
CA LEU A 13 -4.57 -2.64 3.00
C LEU A 13 -3.83 -1.86 4.08
N VAL A 14 -4.52 -0.93 4.73
CA VAL A 14 -3.95 -0.17 5.84
C VAL A 14 -3.61 -1.13 6.99
N GLN A 15 -4.53 -2.04 7.27
CA GLN A 15 -4.35 -3.05 8.28
C GLN A 15 -3.10 -3.88 8.00
N ALA A 16 -2.93 -4.29 6.75
CA ALA A 16 -1.77 -5.05 6.33
C ALA A 16 -0.51 -4.21 6.43
N PHE A 17 -0.64 -2.93 6.13
CA PHE A 17 0.47 -1.99 6.22
C PHE A 17 0.94 -1.89 7.67
N GLN A 18 0.00 -1.88 8.60
CA GLN A 18 0.31 -1.83 10.02
C GLN A 18 1.05 -3.10 10.41
N ARG A 19 0.55 -4.23 9.93
CA ARG A 19 1.14 -5.54 10.20
C ARG A 19 2.55 -5.59 9.62
N LEU A 20 2.73 -4.95 8.48
CA LEU A 20 4.02 -4.86 7.81
C LEU A 20 5.03 -4.14 8.70
N ARG A 21 4.57 -3.08 9.35
CA ARG A 21 5.43 -2.30 10.22
C ARG A 21 5.88 -3.11 11.42
N GLU A 22 4.97 -3.90 11.98
CA GLU A 22 5.28 -4.71 13.14
C GLU A 22 6.38 -5.71 12.80
N ILE A 23 6.16 -6.47 11.73
CA ILE A 23 7.15 -7.42 11.23
C ILE A 23 8.48 -6.73 10.90
N PHE A 24 8.39 -5.51 10.40
CA PHE A 24 9.58 -4.75 10.03
C PHE A 24 10.41 -4.46 11.29
N ASP A 25 9.73 -3.97 12.33
CA ASP A 25 10.38 -3.69 13.61
C ASP A 25 10.89 -4.97 14.26
N LYS A 26 10.35 -6.11 13.85
CA LYS A 26 10.74 -7.40 14.39
C LYS A 26 11.91 -7.99 13.61
N GLY A 27 12.22 -7.36 12.47
CA GLY A 27 13.29 -7.86 11.60
C GLY A 27 13.07 -9.29 11.15
N ASP A 28 11.83 -9.72 11.05
CA ASP A 28 11.55 -11.10 10.69
C ASP A 28 11.28 -11.25 9.20
N ASP A 29 12.35 -11.50 8.46
CA ASP A 29 12.28 -11.68 6.99
C ASP A 29 11.31 -12.78 6.59
N ASP A 30 11.18 -13.81 7.40
CA ASP A 30 10.32 -14.94 7.07
C ASP A 30 8.86 -14.55 7.06
N SER A 31 8.43 -13.86 8.11
CA SER A 31 7.06 -13.41 8.21
C SER A 31 6.80 -12.27 7.23
N LEU A 32 7.85 -11.50 6.97
CA LEU A 32 7.77 -10.37 6.06
C LEU A 32 7.37 -10.85 4.67
N GLU A 33 7.92 -11.98 4.25
CA GLU A 33 7.58 -12.58 2.96
C GLU A 33 6.09 -12.89 2.91
N GLN A 34 5.57 -13.38 4.02
CA GLN A 34 4.18 -13.75 4.15
C GLN A 34 3.27 -12.52 4.11
N VAL A 35 3.64 -11.49 4.86
CA VAL A 35 2.86 -10.25 4.93
C VAL A 35 2.86 -9.54 3.59
N LEU A 36 3.97 -9.60 2.87
CA LEU A 36 4.08 -8.98 1.55
C LEU A 36 3.04 -9.59 0.59
N GLU A 37 2.77 -10.87 0.76
CA GLU A 37 1.81 -11.56 -0.05
C GLU A 37 0.40 -11.07 0.29
N GLU A 38 0.18 -10.83 1.58
CA GLU A 38 -1.11 -10.35 2.09
C GLU A 38 -1.40 -8.98 1.50
N ILE A 39 -0.37 -8.14 1.50
CA ILE A 39 -0.48 -6.80 0.96
C ILE A 39 -0.76 -6.86 -0.53
N GLU A 40 0.02 -7.68 -1.24
CA GLU A 40 -0.14 -7.86 -2.69
C GLU A 40 -1.57 -8.33 -3.02
N GLU A 41 -2.12 -9.19 -2.18
CA GLU A 41 -3.45 -9.71 -2.35
C GLU A 41 -4.47 -8.58 -2.23
N LEU A 42 -4.29 -7.76 -1.23
CA LEU A 42 -5.19 -6.64 -0.97
C LEU A 42 -5.07 -5.56 -2.03
N ILE A 43 -3.85 -5.33 -2.52
CA ILE A 43 -3.62 -4.32 -3.55
C ILE A 43 -4.40 -4.65 -4.82
N GLN A 44 -4.30 -5.91 -5.25
CA GLN A 44 -4.99 -6.35 -6.45
C GLN A 44 -6.50 -6.31 -6.24
N LYS A 45 -6.95 -6.82 -5.10
CA LYS A 45 -8.36 -6.89 -4.79
C LYS A 45 -8.99 -5.49 -4.74
N HIS A 46 -8.22 -4.54 -4.28
CA HIS A 46 -8.66 -3.16 -4.17
C HIS A 46 -8.67 -2.50 -5.56
N ARG A 47 -7.60 -2.73 -6.32
CA ARG A 47 -7.46 -2.18 -7.66
C ARG A 47 -8.49 -2.75 -8.64
N GLN A 48 -8.89 -4.00 -8.43
CA GLN A 48 -9.88 -4.65 -9.31
C GLN A 48 -11.17 -3.85 -9.34
N LEU A 49 -11.55 -3.29 -8.21
CA LEU A 49 -12.75 -2.49 -8.10
C LEU A 49 -12.61 -1.21 -8.92
N PHE A 50 -11.39 -0.70 -8.98
CA PHE A 50 -11.08 0.51 -9.71
C PHE A 50 -11.05 0.23 -11.22
N ASP A 51 -10.60 -0.95 -11.58
CA ASP A 51 -10.50 -1.33 -12.99
C ASP A 51 -11.89 -1.62 -13.55
N ASN A 52 -12.80 -2.04 -12.67
CA ASN A 52 -14.19 -2.31 -13.04
C ASN A 52 -14.79 -1.15 -13.85
N ARG A 53 -14.71 0.06 -13.31
CA ARG A 53 -15.25 1.25 -13.99
C ARG A 53 -14.92 2.54 -13.24
N GLN A 54 -13.74 2.58 -12.61
CA GLN A 54 -13.27 3.76 -11.85
C GLN A 54 -14.00 3.91 -10.52
N GLU A 55 -15.33 4.02 -10.59
CA GLU A 55 -16.20 4.24 -9.42
C GLU A 55 -16.04 5.62 -8.82
N ALA A 56 -14.81 6.00 -8.53
CA ALA A 56 -14.53 7.32 -8.02
C ALA A 56 -14.07 8.21 -9.17
N ALA A 57 -14.81 9.27 -9.41
CA ALA A 57 -14.53 10.18 -10.52
C ALA A 57 -13.36 11.14 -10.21
N ASP A 58 -12.22 10.58 -9.83
CA ASP A 58 -11.05 11.39 -9.54
C ASP A 58 -9.79 10.69 -10.01
N THR A 59 -9.05 11.34 -10.87
CA THR A 59 -7.84 10.78 -11.43
C THR A 59 -6.60 11.05 -10.55
N GLU A 60 -6.56 12.20 -9.89
CA GLU A 60 -5.38 12.58 -9.12
C GLU A 60 -5.15 11.64 -7.92
N ALA A 61 -6.24 11.23 -7.28
CA ALA A 61 -6.14 10.30 -6.16
C ALA A 61 -5.66 8.94 -6.66
N ALA A 62 -6.11 8.56 -7.84
CA ALA A 62 -5.72 7.30 -8.46
C ALA A 62 -4.24 7.33 -8.83
N LYS A 63 -3.78 8.50 -9.24
CA LYS A 63 -2.39 8.69 -9.63
C LYS A 63 -1.47 8.45 -8.43
N GLN A 64 -1.91 8.90 -7.27
CA GLN A 64 -1.14 8.71 -6.04
C GLN A 64 -1.09 7.25 -5.69
N GLY A 65 -2.23 6.57 -5.86
CA GLY A 65 -2.30 5.15 -5.61
C GLY A 65 -1.35 4.38 -6.51
N ASP A 66 -1.27 4.77 -7.78
CA ASP A 66 -0.33 4.15 -8.71
C ASP A 66 1.09 4.31 -8.21
N GLN A 67 1.42 5.52 -7.76
CA GLN A 67 2.74 5.81 -7.23
C GLN A 67 3.03 5.00 -5.98
N TRP A 68 2.03 4.85 -5.13
CA TRP A 68 2.16 4.06 -3.91
C TRP A 68 2.52 2.60 -4.26
N VAL A 69 1.92 2.11 -5.33
CA VAL A 69 2.17 0.75 -5.78
C VAL A 69 3.61 0.62 -6.26
N GLN A 70 4.08 1.67 -6.93
CA GLN A 70 5.45 1.71 -7.44
C GLN A 70 6.44 1.77 -6.28
N LEU A 71 6.09 2.56 -5.26
CA LEU A 71 6.91 2.66 -4.06
C LEU A 71 7.00 1.31 -3.38
N PHE A 72 5.87 0.59 -3.36
CA PHE A 72 5.82 -0.74 -2.77
C PHE A 72 6.73 -1.70 -3.53
N GLN A 73 6.76 -1.56 -4.85
CA GLN A 73 7.62 -2.39 -5.69
C GLN A 73 9.07 -2.14 -5.37
N ARG A 74 9.42 -0.87 -5.18
CA ARG A 74 10.77 -0.49 -4.83
C ARG A 74 11.10 -0.97 -3.42
N PHE A 75 10.10 -0.94 -2.55
CA PHE A 75 10.23 -1.42 -1.18
C PHE A 75 10.56 -2.92 -1.20
N ARG A 76 9.80 -3.67 -1.99
CA ARG A 76 10.05 -5.10 -2.16
C ARG A 76 11.46 -5.32 -2.72
N GLU A 77 11.85 -4.45 -3.64
CA GLU A 77 13.13 -4.53 -4.29
C GLU A 77 14.25 -4.29 -3.29
N ALA A 78 14.00 -3.38 -2.36
CA ALA A 78 14.96 -3.02 -1.34
C ALA A 78 15.18 -4.16 -0.37
N ILE A 79 14.13 -4.96 -0.16
CA ILE A 79 14.21 -6.10 0.75
C ILE A 79 15.06 -7.17 0.10
N ASP A 80 14.90 -7.30 -1.20
CA ASP A 80 15.63 -8.28 -1.98
C ASP A 80 17.11 -7.91 -2.03
N LYS A 81 17.37 -6.61 -2.01
CA LYS A 81 18.73 -6.09 -2.06
C LYS A 81 19.38 -6.09 -0.68
N GLY A 82 18.58 -6.31 0.36
CA GLY A 82 19.12 -6.24 1.71
C GLY A 82 19.53 -4.82 2.09
N ASP A 83 18.90 -3.85 1.46
CA ASP A 83 19.26 -2.45 1.68
C ASP A 83 18.38 -1.86 2.77
N LYS A 84 18.92 -1.77 3.96
CA LYS A 84 18.16 -1.32 5.13
C LYS A 84 17.83 0.17 5.02
N ASP A 85 18.72 0.92 4.39
CA ASP A 85 18.55 2.37 4.28
C ASP A 85 17.33 2.74 3.46
N SER A 86 17.19 2.19 2.27
CA SER A 86 16.06 2.49 1.43
C SER A 86 14.75 2.01 2.04
N LEU A 87 14.80 0.91 2.78
CA LEU A 87 13.61 0.36 3.40
C LEU A 87 12.99 1.38 4.34
N GLU A 88 13.82 1.98 5.18
CA GLU A 88 13.37 2.99 6.12
C GLU A 88 12.84 4.22 5.38
N GLN A 89 13.53 4.62 4.32
CA GLN A 89 13.12 5.79 3.55
C GLN A 89 11.81 5.54 2.80
N LEU A 90 11.71 4.37 2.17
CA LEU A 90 10.53 4.01 1.40
C LEU A 90 9.34 3.76 2.31
N LEU A 91 9.57 3.16 3.48
CA LEU A 91 8.50 2.87 4.43
C LEU A 91 7.85 4.17 4.89
N GLU A 92 8.69 5.17 5.18
CA GLU A 92 8.20 6.47 5.59
C GLU A 92 7.38 7.12 4.48
N GLU A 93 7.88 7.00 3.25
CA GLU A 93 7.21 7.55 2.09
C GLU A 93 5.88 6.84 1.86
N LEU A 94 5.87 5.53 2.05
CA LEU A 94 4.67 4.73 1.89
C LEU A 94 3.59 5.19 2.86
N GLU A 95 4.00 5.39 4.11
CA GLU A 95 3.08 5.85 5.16
C GLU A 95 2.47 7.21 4.82
N GLN A 96 3.31 8.13 4.36
CA GLN A 96 2.86 9.48 4.05
C GLN A 96 1.92 9.50 2.86
N ALA A 97 2.28 8.73 1.84
CA ALA A 97 1.48 8.66 0.63
C ALA A 97 0.15 7.97 0.92
N LEU A 98 0.22 6.92 1.73
CA LEU A 98 -0.97 6.15 2.11
C LEU A 98 -1.96 7.05 2.86
N GLN A 99 -1.45 7.80 3.82
CA GLN A 99 -2.26 8.70 4.60
C GLN A 99 -2.88 9.80 3.74
N LYS A 100 -2.16 10.27 2.74
CA LYS A 100 -2.67 11.34 1.89
C LYS A 100 -3.79 10.84 0.99
N ILE A 101 -3.61 9.63 0.45
CA ILE A 101 -4.61 9.02 -0.40
C ILE A 101 -5.93 8.82 0.35
N ARG A 102 -5.84 8.29 1.58
CA ARG A 102 -7.03 8.07 2.40
C ARG A 102 -7.78 9.37 2.64
N GLU A 103 -7.04 10.45 2.80
CA GLU A 103 -7.62 11.76 3.02
C GLU A 103 -8.40 12.25 1.82
N LEU A 104 -7.82 12.11 0.65
CA LEU A 104 -8.47 12.54 -0.58
C LEU A 104 -9.59 11.60 -0.98
N ALA A 105 -9.35 10.30 -0.87
CA ALA A 105 -10.28 9.29 -1.35
C ALA A 105 -11.64 9.31 -0.64
N GLU A 106 -11.66 9.67 0.64
CA GLU A 106 -12.91 9.65 1.39
C GLU A 106 -13.66 10.99 1.28
N LYS A 107 -13.08 11.93 0.54
CA LYS A 107 -13.67 13.25 0.33
C LYS A 107 -12.79 14.05 -0.62
N LYS A 108 -13.18 14.10 -1.88
CA LYS A 108 -12.35 14.72 -2.89
C LYS A 108 -13.14 15.51 -3.90
N ASN A 109 -12.88 16.79 -3.97
CA ASN A 109 -13.47 17.64 -4.97
C ASN A 109 -12.37 18.16 -5.89
NA1 7BU B . -7.05 3.54 -5.26
NB2 7BU B . -5.04 2.89 -3.32
ND4 7BU B . -8.86 4.35 -3.16
CHA 7BU B . -9.05 4.99 -5.54
CHB 7BU B . -5.05 2.15 -5.67
CHC 7BU B . -4.36 3.49 -1.03
CHD 7BU B . -9.23 4.12 -0.73
C1A 7BU B . -7.93 4.26 -6.03
C1B 7BU B . -4.44 2.28 -4.39
C1C 7BU B . -5.67 3.74 -0.51
C1D 7BU B . -9.66 4.44 -2.05
C1FA 7BU B . -9.83 5.80 -6.59
C1FB 7BU B . -4.32 1.34 -6.76
C1FC 7BU B . -3.23 3.62 0.00
C1FD 7BU B . -10.26 4.17 0.41
C2A 7BU B . -7.60 4.04 -7.44
C2B 7BU B . -3.05 1.97 -4.07
C2C 7BU B . -6.00 3.88 0.91
C2D 7BU B . -10.90 5.09 -2.41
C3A 7BU B . -6.53 3.21 -7.48
C3B 7BU B . -2.85 2.41 -2.80
C3C 7BU B . -7.35 3.99 1.00
C3D 7BU B . -10.83 5.40 -3.72
C4A 7BU B . -6.18 2.90 -6.10
C4B 7BU B . -4.09 2.98 -2.32
C4C 7BU B . -7.87 3.91 -0.35
C4D 7BU B . -9.54 4.93 -4.20
NC3 7BU B . -6.82 3.76 -1.24
F21A 7BU B . -10.75 5.03 -7.21
F21B 7BU B . -3.64 0.29 -6.24
F21C 7BU B . -2.00 3.77 -0.52
F21D 7BU B . -10.06 3.22 1.35
F22A 7BU B . -9.03 6.26 -7.58
F22B 7BU B . -3.41 2.06 -7.46
F22C 7BU B . -3.41 4.68 0.81
F22D 7BU B . -11.52 3.97 -0.05
F23A 7BU B . -10.48 6.87 -6.11
F23B 7BU B . -5.18 0.83 -7.68
F23C 7BU B . -3.17 2.52 0.80
F23D 7BU B . -10.25 5.37 1.05
ZN 7BU B . -7.10 3.23 -3.21
H2A1 7BU B . -8.11 4.47 -8.29
H2B1 7BU B . -2.32 1.50 -4.70
H2C1 7BU B . -5.30 3.91 1.73
H2D1 7BU B . -11.73 5.30 -1.75
H3A1 7BU B . -6.02 2.86 -8.36
H3B1 7BU B . -1.92 2.34 -2.23
H3C1 7BU B . -7.92 4.12 1.90
H3D1 7BU B . -11.60 5.89 -4.31
N SER A 1 -21.69 -2.47 -5.00
CA SER A 1 -21.05 -3.55 -4.22
C SER A 1 -19.56 -3.65 -4.54
N GLU A 2 -19.06 -2.66 -5.26
CA GLU A 2 -17.67 -2.65 -5.67
C GLU A 2 -16.85 -1.63 -4.89
N PHE A 3 -17.39 -0.42 -4.75
CA PHE A 3 -16.68 0.66 -4.08
C PHE A 3 -16.47 0.38 -2.60
N GLU A 4 -17.40 -0.33 -1.99
CA GLU A 4 -17.28 -0.66 -0.58
C GLU A 4 -16.13 -1.62 -0.36
N LYS A 5 -16.08 -2.68 -1.16
CA LYS A 5 -15.00 -3.65 -1.04
C LYS A 5 -13.66 -2.98 -1.38
N LEU A 6 -13.68 -2.17 -2.44
CA LEU A 6 -12.52 -1.35 -2.79
C LEU A 6 -12.01 -0.59 -1.56
N ARG A 7 -12.91 0.10 -0.88
CA ARG A 7 -12.59 0.81 0.34
C ARG A 7 -12.13 -0.15 1.45
N GLN A 8 -12.85 -1.24 1.60
CA GLN A 8 -12.54 -2.24 2.63
C GLN A 8 -11.15 -2.86 2.45
N THR A 9 -10.77 -3.19 1.22
CA THR A 9 -9.46 -3.75 0.96
C THR A 9 -8.37 -2.70 1.17
N GLY A 10 -8.76 -1.44 1.15
CA GLY A 10 -7.84 -0.37 1.41
C GLY A 10 -7.51 -0.34 2.88
N ASP A 11 -8.56 -0.48 3.69
CA ASP A 11 -8.42 -0.57 5.14
C ASP A 11 -7.51 -1.71 5.52
N GLU A 12 -7.68 -2.86 4.86
CA GLU A 12 -6.86 -4.03 5.13
C GLU A 12 -5.40 -3.74 4.85
N LEU A 13 -5.14 -3.07 3.73
CA LEU A 13 -3.80 -2.69 3.35
C LEU A 13 -3.18 -1.76 4.41
N VAL A 14 -3.98 -0.82 4.91
CA VAL A 14 -3.53 0.07 5.97
C VAL A 14 -3.20 -0.72 7.24
N GLN A 15 -4.07 -1.67 7.59
CA GLN A 15 -3.86 -2.52 8.75
C GLN A 15 -2.54 -3.28 8.63
N ALA A 16 -2.29 -3.81 7.45
CA ALA A 16 -1.06 -4.55 7.19
C ALA A 16 0.15 -3.62 7.24
N PHE A 17 -0.04 -2.39 6.76
CA PHE A 17 1.02 -1.40 6.77
C PHE A 17 1.41 -1.03 8.19
N GLN A 18 0.41 -0.92 9.06
CA GLN A 18 0.66 -0.61 10.47
C GLN A 18 1.45 -1.73 11.12
N ARG A 19 1.15 -2.96 10.71
CA ARG A 19 1.85 -4.13 11.21
C ARG A 19 3.27 -4.13 10.67
N LEU A 20 3.40 -3.67 9.43
CA LEU A 20 4.68 -3.60 8.76
C LEU A 20 5.61 -2.67 9.51
N ARG A 21 5.07 -1.52 9.93
CA ARG A 21 5.85 -0.53 10.66
C ARG A 21 6.35 -1.07 11.98
N GLU A 22 5.46 -1.70 12.72
CA GLU A 22 5.81 -2.20 14.02
C GLU A 22 6.93 -3.23 13.94
N ILE A 23 6.74 -4.22 13.10
CA ILE A 23 7.73 -5.25 12.87
C ILE A 23 9.06 -4.67 12.32
N PHE A 24 8.93 -3.67 11.46
CA PHE A 24 10.12 -3.04 10.87
C PHE A 24 10.89 -2.28 11.94
N ASP A 25 10.18 -1.49 12.71
CA ASP A 25 10.76 -0.72 13.80
C ASP A 25 11.37 -1.66 14.85
N LYS A 26 10.87 -2.89 14.89
CA LYS A 26 11.38 -3.92 15.80
C LYS A 26 12.52 -4.73 15.18
N GLY A 27 12.90 -4.38 13.94
CA GLY A 27 13.97 -5.09 13.25
C GLY A 27 13.72 -6.60 13.09
N ASP A 28 12.48 -7.01 13.07
CA ASP A 28 12.17 -8.43 12.93
C ASP A 28 12.00 -8.82 11.46
N ASP A 29 13.12 -9.08 10.80
CA ASP A 29 13.13 -9.48 9.38
C ASP A 29 12.29 -10.72 9.13
N ASP A 30 12.28 -11.64 10.08
CA ASP A 30 11.58 -12.92 9.90
C ASP A 30 10.08 -12.74 9.76
N SER A 31 9.49 -11.99 10.66
CA SER A 31 8.05 -11.75 10.64
C SER A 31 7.71 -10.78 9.52
N LEU A 32 8.63 -9.88 9.22
CA LEU A 32 8.43 -8.85 8.23
C LEU A 32 8.15 -9.47 6.87
N GLU A 33 8.90 -10.51 6.52
CA GLU A 33 8.74 -11.19 5.24
C GLU A 33 7.35 -11.81 5.10
N GLN A 34 6.87 -12.40 6.19
CA GLN A 34 5.57 -13.04 6.21
C GLN A 34 4.47 -11.99 5.97
N VAL A 35 4.64 -10.84 6.58
CA VAL A 35 3.69 -9.72 6.45
C VAL A 35 3.76 -9.11 5.05
N LEU A 36 4.95 -9.11 4.44
CA LEU A 36 5.13 -8.55 3.10
C LEU A 36 4.23 -9.28 2.12
N GLU A 37 4.14 -10.59 2.28
CA GLU A 37 3.35 -11.40 1.42
C GLU A 37 1.87 -11.05 1.60
N GLU A 38 1.48 -10.79 2.85
CA GLU A 38 0.11 -10.40 3.17
C GLU A 38 -0.23 -9.09 2.49
N ILE A 39 0.72 -8.17 2.53
CA ILE A 39 0.56 -6.86 1.91
C ILE A 39 0.39 -7.00 0.40
N GLU A 40 1.27 -7.79 -0.22
CA GLU A 40 1.22 -8.04 -1.66
C GLU A 40 -0.13 -8.60 -2.09
N GLU A 41 -0.68 -9.51 -1.30
CA GLU A 41 -1.98 -10.10 -1.60
C GLU A 41 -3.07 -9.05 -1.59
N LEU A 42 -3.03 -8.19 -0.57
CA LEU A 42 -4.02 -7.13 -0.42
C LEU A 42 -3.95 -6.13 -1.57
N ILE A 43 -2.73 -5.87 -2.04
CA ILE A 43 -2.54 -4.92 -3.14
C ILE A 43 -3.24 -5.43 -4.39
N GLN A 44 -3.04 -6.71 -4.70
CA GLN A 44 -3.66 -7.32 -5.86
C GLN A 44 -5.17 -7.36 -5.72
N LYS A 45 -5.65 -7.78 -4.56
CA LYS A 45 -7.08 -7.88 -4.29
C LYS A 45 -7.75 -6.50 -4.37
N HIS A 46 -7.04 -5.47 -3.97
CA HIS A 46 -7.56 -4.11 -4.00
C HIS A 46 -7.56 -3.58 -5.44
N ARG A 47 -6.46 -3.83 -6.16
CA ARG A 47 -6.34 -3.39 -7.56
C ARG A 47 -7.32 -4.15 -8.48
N GLN A 48 -7.52 -5.44 -8.20
CA GLN A 48 -8.40 -6.27 -9.01
C GLN A 48 -9.82 -5.72 -9.06
N LEU A 49 -10.24 -5.09 -7.99
CA LEU A 49 -11.57 -4.50 -7.91
C LEU A 49 -11.66 -3.29 -8.83
N PHE A 50 -10.56 -2.58 -8.98
CA PHE A 50 -10.51 -1.41 -9.84
C PHE A 50 -10.41 -1.82 -11.32
N ASP A 51 -9.77 -2.96 -11.57
CA ASP A 51 -9.58 -3.45 -12.93
C ASP A 51 -10.83 -4.10 -13.47
N ASN A 52 -11.55 -4.82 -12.62
CA ASN A 52 -12.78 -5.50 -13.04
C ASN A 52 -13.97 -4.55 -13.07
N ARG A 53 -13.71 -3.28 -12.87
CA ARG A 53 -14.76 -2.27 -12.90
C ARG A 53 -14.40 -1.17 -13.87
N GLN A 54 -15.24 -0.15 -13.95
CA GLN A 54 -14.99 0.96 -14.85
C GLN A 54 -13.95 1.89 -14.25
N GLU A 55 -13.40 2.77 -15.08
CA GLU A 55 -12.39 3.70 -14.63
C GLU A 55 -13.01 4.75 -13.73
N ALA A 56 -12.57 4.78 -12.49
CA ALA A 56 -13.07 5.74 -11.53
C ALA A 56 -12.68 7.16 -11.95
N ALA A 57 -13.45 8.13 -11.51
CA ALA A 57 -13.22 9.52 -11.86
C ALA A 57 -12.12 10.13 -10.99
N ASP A 58 -11.27 9.29 -10.45
CA ASP A 58 -10.21 9.73 -9.56
C ASP A 58 -8.87 9.34 -10.19
N THR A 59 -8.26 10.27 -10.89
CA THR A 59 -7.01 9.97 -11.57
C THR A 59 -5.84 10.16 -10.63
N GLU A 60 -5.92 11.18 -9.79
CA GLU A 60 -4.87 11.49 -8.83
C GLU A 60 -4.69 10.32 -7.86
N ALA A 61 -5.81 9.78 -7.38
CA ALA A 61 -5.78 8.65 -6.45
C ALA A 61 -5.17 7.41 -7.10
N ALA A 62 -5.57 7.14 -8.33
CA ALA A 62 -5.06 5.99 -9.07
C ALA A 62 -3.56 6.13 -9.33
N LYS A 63 -3.15 7.34 -9.68
CA LYS A 63 -1.76 7.62 -9.99
C LYS A 63 -0.88 7.43 -8.75
N GLN A 64 -1.34 7.95 -7.63
CA GLN A 64 -0.61 7.81 -6.37
C GLN A 64 -0.68 6.38 -5.87
N GLY A 65 -1.78 5.72 -6.21
CA GLY A 65 -1.95 4.33 -5.82
C GLY A 65 -0.91 3.47 -6.48
N ASP A 66 -0.73 3.68 -7.78
CA ASP A 66 0.28 2.96 -8.55
C ASP A 66 1.67 3.33 -8.08
N GLN A 67 1.83 4.60 -7.71
CA GLN A 67 3.12 5.10 -7.22
C GLN A 67 3.48 4.39 -5.92
N TRP A 68 2.48 4.21 -5.06
CA TRP A 68 2.67 3.52 -3.79
C TRP A 68 3.11 2.08 -4.03
N VAL A 69 2.51 1.46 -5.05
CA VAL A 69 2.84 0.09 -5.39
C VAL A 69 4.27 0.01 -5.90
N GLN A 70 4.65 1.03 -6.67
CA GLN A 70 5.96 1.12 -7.25
C GLN A 70 7.01 1.27 -6.15
N LEU A 71 6.71 2.13 -5.18
CA LEU A 71 7.58 2.34 -4.03
C LEU A 71 7.71 1.03 -3.25
N PHE A 72 6.62 0.28 -3.19
CA PHE A 72 6.60 -0.99 -2.50
C PHE A 72 7.50 -1.99 -3.24
N GLN A 73 7.48 -1.93 -4.57
CA GLN A 73 8.33 -2.79 -5.40
C GLN A 73 9.79 -2.57 -5.05
N ARG A 74 10.16 -1.30 -4.90
CA ARG A 74 11.52 -0.92 -4.52
C ARG A 74 11.82 -1.40 -3.11
N PHE A 75 10.83 -1.28 -2.24
CA PHE A 75 10.97 -1.72 -0.86
C PHE A 75 11.24 -3.23 -0.82
N ARG A 76 10.43 -3.99 -1.56
CA ARG A 76 10.62 -5.43 -1.67
C ARG A 76 11.96 -5.78 -2.28
N GLU A 77 12.34 -5.05 -3.32
CA GLU A 77 13.57 -5.28 -4.04
C GLU A 77 14.76 -5.05 -3.12
N ALA A 78 14.65 -4.03 -2.28
CA ALA A 78 15.71 -3.70 -1.36
C ALA A 78 15.90 -4.83 -0.35
N ILE A 79 14.81 -5.34 0.19
CA ILE A 79 14.87 -6.46 1.15
C ILE A 79 15.51 -7.68 0.51
N ASP A 80 15.15 -7.97 -0.74
CA ASP A 80 15.71 -9.11 -1.44
C ASP A 80 17.20 -8.93 -1.68
N LYS A 81 17.61 -7.68 -1.86
CA LYS A 81 19.02 -7.33 -2.05
C LYS A 81 19.76 -7.17 -0.72
N GLY A 82 19.05 -7.34 0.40
CA GLY A 82 19.65 -7.15 1.71
C GLY A 82 19.97 -5.68 1.98
N ASP A 83 19.38 -4.81 1.19
CA ASP A 83 19.62 -3.38 1.30
C ASP A 83 18.74 -2.77 2.37
N LYS A 84 19.29 -2.66 3.57
CA LYS A 84 18.57 -2.10 4.70
C LYS A 84 18.51 -0.58 4.62
N ASP A 85 19.55 -0.01 4.03
CA ASP A 85 19.67 1.44 3.90
C ASP A 85 18.51 2.03 3.13
N SER A 86 18.19 1.42 2.01
CA SER A 86 17.09 1.86 1.17
C SER A 86 15.74 1.67 1.86
N LEU A 87 15.66 0.64 2.71
CA LEU A 87 14.39 0.31 3.37
C LEU A 87 13.89 1.46 4.21
N GLU A 88 14.77 2.06 4.99
CA GLU A 88 14.40 3.19 5.83
C GLU A 88 13.83 4.32 4.99
N GLN A 89 14.51 4.63 3.91
CA GLN A 89 14.11 5.72 3.03
C GLN A 89 12.81 5.41 2.29
N LEU A 90 12.73 4.21 1.74
CA LEU A 90 11.57 3.79 0.96
C LEU A 90 10.33 3.60 1.83
N LEU A 91 10.53 3.18 3.06
CA LEU A 91 9.42 2.96 3.97
C LEU A 91 8.77 4.28 4.32
N GLU A 92 9.58 5.30 4.56
CA GLU A 92 9.05 6.63 4.84
C GLU A 92 8.29 7.15 3.63
N GLU A 93 8.80 6.87 2.43
CA GLU A 93 8.13 7.28 1.19
C GLU A 93 6.77 6.61 1.10
N LEU A 94 6.72 5.33 1.49
CA LEU A 94 5.47 4.57 1.48
C LEU A 94 4.48 5.17 2.45
N GLU A 95 4.95 5.48 3.66
CA GLU A 95 4.10 6.05 4.68
C GLU A 95 3.53 7.39 4.25
N GLN A 96 4.38 8.26 3.72
CA GLN A 96 3.95 9.60 3.29
C GLN A 96 2.94 9.52 2.15
N ALA A 97 3.17 8.59 1.25
CA ALA A 97 2.29 8.41 0.10
C ALA A 97 0.94 7.86 0.56
N LEU A 98 0.98 6.92 1.50
CA LEU A 98 -0.24 6.33 2.04
C LEU A 98 -1.08 7.41 2.72
N GLN A 99 -0.41 8.30 3.46
CA GLN A 99 -1.10 9.40 4.14
C GLN A 99 -1.80 10.30 3.11
N LYS A 100 -1.11 10.56 1.99
CA LYS A 100 -1.66 11.43 0.95
C LYS A 100 -2.87 10.81 0.28
N ILE A 101 -2.76 9.53 -0.04
CA ILE A 101 -3.83 8.81 -0.71
C ILE A 101 -5.08 8.79 0.17
N ARG A 102 -4.91 8.48 1.45
CA ARG A 102 -6.03 8.46 2.39
C ARG A 102 -6.71 9.81 2.45
N GLU A 103 -5.91 10.88 2.51
CA GLU A 103 -6.45 12.23 2.58
C GLU A 103 -7.32 12.55 1.37
N LEU A 104 -6.86 12.15 0.20
CA LEU A 104 -7.60 12.41 -1.04
C LEU A 104 -8.84 11.53 -1.13
N ALA A 105 -8.72 10.28 -0.72
CA ALA A 105 -9.84 9.35 -0.78
C ALA A 105 -10.93 9.71 0.23
N GLU A 106 -10.52 10.29 1.33
CA GLU A 106 -11.45 10.68 2.37
C GLU A 106 -12.04 12.05 2.08
N LYS A 107 -11.28 12.90 1.40
CA LYS A 107 -11.71 14.26 1.07
C LYS A 107 -10.91 14.79 -0.11
N LYS A 108 -11.52 14.80 -1.27
CA LYS A 108 -10.87 15.32 -2.46
C LYS A 108 -10.92 16.84 -2.44
N ASN A 109 -9.84 17.47 -2.86
CA ASN A 109 -9.72 18.91 -2.80
C ASN A 109 -9.37 19.45 -4.17
NA1 7BU B . -6.26 2.56 -5.47
NB2 7BU B . -4.32 2.18 -3.40
ND4 7BU B . -8.21 3.47 -3.56
CHA 7BU B . -8.32 3.87 -5.99
CHB 7BU B . -4.20 1.20 -5.67
CHC 7BU B . -3.79 2.99 -1.13
CHD 7BU B . -8.67 3.48 -1.13
C1A 7BU B . -7.16 3.12 -6.36
C1B 7BU B . -3.66 1.47 -4.38
C1C 7BU B . -5.13 3.24 -0.69
C1D 7BU B . -9.04 3.68 -2.49
C1FA 7BU B . -9.09 4.50 -7.17
C1FB 7BU B . -3.43 0.27 -6.62
C1FC 7BU B . -2.71 3.24 -0.06
C1FD 7BU B . -9.76 3.62 -0.05
C2A 7BU B . -6.78 2.74 -7.72
C2B 7BU B . -2.30 1.20 -3.93
C2C 7BU B . -5.53 3.51 0.69
C2D 7BU B . -10.26 4.33 -2.96
C3A 7BU B . -5.68 1.95 -7.62
C3B 7BU B . -2.18 1.75 -2.70
C3C 7BU B . -6.89 3.58 0.69
C3D 7BU B . -10.14 4.49 -4.30
C4A 7BU B . -5.35 1.85 -6.21
C4B 7BU B . -3.44 2.36 -2.36
C4C 7BU B . -7.33 3.35 -0.67
C4D 7BU B . -8.84 3.96 -4.68
NC3 7BU B . -6.25 3.15 -1.48
F21A 7BU B . -9.93 3.62 -7.76
F21B 7BU B . -2.77 -0.70 -5.95
F21C 7BU B . -1.45 3.34 -0.53
F21D 7BU B . -9.64 2.71 0.95
F22A 7BU B . -8.26 4.92 -8.16
F22B 7BU B . -2.48 0.90 -7.36
F22C 7BU B . -2.93 4.39 0.64
F22D 7BU B . -11.01 3.45 -0.55
F23A 7BU B . -9.85 5.56 -6.85
F23B 7BU B . -4.25 -0.36 -7.49
F23C 7BU B . -2.69 2.23 0.85
F23D 7BU B . -9.74 4.84 0.54
ZN 7BU B . -6.39 2.43 -3.41
H2A1 7BU B . -7.29 3.02 -8.63
H2B1 7BU B . -1.54 0.67 -4.48
H2C1 7BU B . -4.88 3.63 1.52
H2D1 7BU B . -11.11 4.62 -2.36
H3A1 7BU B . -5.14 1.50 -8.44
H3B1 7BU B . -1.29 1.73 -2.08
H3C1 7BU B . -7.52 3.76 1.55
H3D1 7BU B . -10.87 4.95 -4.95
N SER A 1 -22.24 -0.62 -5.96
CA SER A 1 -21.57 -1.40 -4.91
C SER A 1 -20.19 -1.85 -5.36
N GLU A 2 -19.20 -1.10 -4.93
CA GLU A 2 -17.82 -1.35 -5.27
C GLU A 2 -16.90 -0.49 -4.41
N PHE A 3 -17.38 0.69 -4.04
CA PHE A 3 -16.59 1.65 -3.27
C PHE A 3 -16.25 1.12 -1.87
N GLU A 4 -17.14 0.34 -1.28
CA GLU A 4 -16.88 -0.22 0.03
C GLU A 4 -15.89 -1.36 -0.10
N LYS A 5 -15.98 -2.08 -1.22
CA LYS A 5 -15.08 -3.18 -1.52
C LYS A 5 -13.66 -2.66 -1.73
N LEU A 6 -13.57 -1.41 -2.16
CA LEU A 6 -12.29 -0.79 -2.41
C LEU A 6 -11.68 -0.38 -1.07
N ARG A 7 -12.52 0.21 -0.23
CA ARG A 7 -12.11 0.65 1.10
C ARG A 7 -11.81 -0.53 2.00
N GLN A 8 -12.55 -1.62 1.84
CA GLN A 8 -12.38 -2.80 2.67
C GLN A 8 -11.02 -3.42 2.43
N THR A 9 -10.55 -3.39 1.20
CA THR A 9 -9.27 -3.95 0.86
C THR A 9 -8.17 -2.92 1.14
N GLY A 10 -8.58 -1.66 1.20
CA GLY A 10 -7.65 -0.60 1.52
C GLY A 10 -7.37 -0.56 3.00
N ASP A 11 -8.44 -0.67 3.79
CA ASP A 11 -8.33 -0.73 5.25
C ASP A 11 -7.40 -1.84 5.67
N GLU A 12 -7.60 -3.02 5.07
CA GLU A 12 -6.76 -4.16 5.37
C GLU A 12 -5.31 -3.88 5.01
N LEU A 13 -5.11 -3.30 3.83
CA LEU A 13 -3.77 -2.95 3.37
C LEU A 13 -3.10 -1.94 4.31
N VAL A 14 -3.83 -0.88 4.66
CA VAL A 14 -3.29 0.14 5.57
C VAL A 14 -2.99 -0.45 6.94
N GLN A 15 -3.93 -1.19 7.48
CA GLN A 15 -3.79 -1.81 8.79
C GLN A 15 -2.58 -2.75 8.82
N ALA A 16 -2.46 -3.58 7.80
CA ALA A 16 -1.35 -4.51 7.71
C ALA A 16 -0.03 -3.77 7.46
N PHE A 17 -0.11 -2.69 6.68
CA PHE A 17 1.07 -1.85 6.38
C PHE A 17 1.55 -1.16 7.65
N GLN A 18 0.61 -0.71 8.46
CA GLN A 18 0.92 -0.07 9.73
C GLN A 18 1.58 -1.09 10.64
N ARG A 19 1.02 -2.29 10.68
CA ARG A 19 1.57 -3.39 11.45
C ARG A 19 2.96 -3.77 10.92
N LEU A 20 3.12 -3.65 9.62
CA LEU A 20 4.36 -3.98 8.94
C LEU A 20 5.52 -3.14 9.48
N ARG A 21 5.25 -1.87 9.76
CA ARG A 21 6.28 -0.99 10.27
C ARG A 21 6.68 -1.41 11.67
N GLU A 22 5.70 -1.87 12.45
CA GLU A 22 5.93 -2.31 13.83
C GLU A 22 6.83 -3.53 13.85
N ILE A 23 6.74 -4.33 12.81
CA ILE A 23 7.51 -5.54 12.69
C ILE A 23 8.94 -5.16 12.33
N PHE A 24 9.04 -4.10 11.54
CA PHE A 24 10.30 -3.58 11.08
C PHE A 24 11.03 -2.96 12.26
N ASP A 25 10.26 -2.32 13.14
CA ASP A 25 10.80 -1.71 14.37
C ASP A 25 11.46 -2.77 15.23
N LYS A 26 10.93 -3.98 15.19
CA LYS A 26 11.47 -5.08 15.97
C LYS A 26 12.57 -5.80 15.22
N GLY A 27 12.76 -5.44 13.95
CA GLY A 27 13.71 -6.14 13.12
C GLY A 27 13.36 -7.60 12.98
N ASP A 28 12.07 -7.91 13.06
CA ASP A 28 11.61 -9.30 13.03
C ASP A 28 11.46 -9.76 11.58
N ASP A 29 12.58 -10.12 10.97
CA ASP A 29 12.61 -10.60 9.58
C ASP A 29 11.69 -11.80 9.39
N ASP A 30 11.49 -12.58 10.45
CA ASP A 30 10.66 -13.78 10.35
C ASP A 30 9.23 -13.43 10.03
N SER A 31 8.67 -12.49 10.77
CA SER A 31 7.31 -12.04 10.55
C SER A 31 7.25 -11.15 9.32
N LEU A 32 8.32 -10.41 9.08
CA LEU A 32 8.40 -9.47 7.97
C LEU A 32 8.22 -10.17 6.63
N GLU A 33 8.92 -11.28 6.43
CA GLU A 33 8.83 -12.03 5.17
C GLU A 33 7.38 -12.47 4.91
N GLN A 34 6.73 -13.00 5.93
CA GLN A 34 5.36 -13.47 5.80
C GLN A 34 4.38 -12.32 5.56
N VAL A 35 4.56 -11.22 6.27
CA VAL A 35 3.67 -10.08 6.13
C VAL A 35 3.85 -9.38 4.79
N LEU A 36 5.10 -9.30 4.30
CA LEU A 36 5.37 -8.64 3.02
C LEU A 36 4.61 -9.31 1.89
N GLU A 37 4.52 -10.64 1.94
CA GLU A 37 3.76 -11.36 0.94
C GLU A 37 2.29 -11.01 1.02
N GLU A 38 1.75 -10.97 2.24
CA GLU A 38 0.35 -10.62 2.45
C GLU A 38 0.06 -9.21 1.97
N ILE A 39 0.98 -8.28 2.26
CA ILE A 39 0.82 -6.89 1.82
C ILE A 39 0.73 -6.86 0.31
N GLU A 40 1.69 -7.52 -0.33
CA GLU A 40 1.73 -7.63 -1.78
C GLU A 40 0.43 -8.27 -2.30
N GLU A 41 -0.06 -9.27 -1.60
CA GLU A 41 -1.29 -9.95 -1.98
C GLU A 41 -2.50 -9.03 -1.79
N LEU A 42 -2.46 -8.21 -0.74
CA LEU A 42 -3.55 -7.27 -0.46
C LEU A 42 -3.63 -6.25 -1.58
N ILE A 43 -2.47 -5.86 -2.09
CA ILE A 43 -2.40 -4.94 -3.21
C ILE A 43 -3.10 -5.55 -4.41
N GLN A 44 -2.84 -6.84 -4.64
CA GLN A 44 -3.43 -7.56 -5.75
C GLN A 44 -4.95 -7.66 -5.58
N LYS A 45 -5.38 -7.97 -4.35
CA LYS A 45 -6.81 -8.11 -4.02
C LYS A 45 -7.54 -6.78 -4.22
N HIS A 46 -6.88 -5.69 -3.85
CA HIS A 46 -7.45 -4.35 -3.95
C HIS A 46 -7.42 -3.86 -5.41
N ARG A 47 -6.29 -4.08 -6.09
CA ARG A 47 -6.14 -3.70 -7.49
C ARG A 47 -7.11 -4.46 -8.39
N GLN A 48 -7.36 -5.72 -8.07
CA GLN A 48 -8.23 -6.57 -8.86
C GLN A 48 -9.63 -5.98 -8.96
N LEU A 49 -10.07 -5.30 -7.92
CA LEU A 49 -11.38 -4.69 -7.93
C LEU A 49 -11.40 -3.46 -8.83
N PHE A 50 -10.26 -2.77 -8.89
CA PHE A 50 -10.12 -1.57 -9.70
C PHE A 50 -10.07 -1.90 -11.20
N ASP A 51 -9.56 -3.09 -11.52
CA ASP A 51 -9.48 -3.53 -12.91
C ASP A 51 -10.87 -3.83 -13.44
N ASN A 52 -11.79 -4.07 -12.53
CA ASN A 52 -13.17 -4.33 -12.88
C ASN A 52 -13.98 -3.05 -12.73
N ARG A 53 -14.27 -2.67 -11.49
CA ARG A 53 -14.94 -1.42 -11.21
C ARG A 53 -13.92 -0.31 -11.00
N GLN A 54 -14.00 0.74 -11.80
CA GLN A 54 -13.05 1.83 -11.70
C GLN A 54 -13.56 2.94 -10.79
N GLU A 55 -14.28 3.91 -11.38
CA GLU A 55 -14.80 5.07 -10.64
C GLU A 55 -13.76 5.69 -9.71
N ALA A 56 -12.58 5.91 -10.27
CA ALA A 56 -11.48 6.49 -9.52
C ALA A 56 -11.71 7.98 -9.29
N ALA A 57 -12.51 8.58 -10.16
CA ALA A 57 -12.84 10.02 -10.11
C ALA A 57 -11.64 10.88 -10.52
N ASP A 58 -10.53 10.66 -9.85
CA ASP A 58 -9.30 11.37 -10.16
C ASP A 58 -8.27 10.38 -10.65
N THR A 59 -7.79 10.58 -11.87
CA THR A 59 -6.84 9.66 -12.47
C THR A 59 -5.49 9.65 -11.74
N GLU A 60 -5.12 10.76 -11.12
CA GLU A 60 -3.85 10.81 -10.41
C GLU A 60 -3.89 9.94 -9.17
N ALA A 61 -5.07 9.84 -8.54
CA ALA A 61 -5.22 9.03 -7.34
C ALA A 61 -4.88 7.58 -7.62
N ALA A 62 -5.39 7.06 -8.73
CA ALA A 62 -5.07 5.70 -9.15
C ALA A 62 -3.59 5.58 -9.48
N LYS A 63 -3.06 6.59 -10.16
CA LYS A 63 -1.66 6.61 -10.53
C LYS A 63 -0.75 6.68 -9.31
N GLN A 64 -1.19 7.36 -8.26
CA GLN A 64 -0.42 7.41 -7.02
C GLN A 64 -0.33 6.01 -6.45
N GLY A 65 -1.43 5.27 -6.54
CA GLY A 65 -1.46 3.90 -6.07
C GLY A 65 -0.48 3.04 -6.83
N ASP A 66 -0.44 3.20 -8.15
CA ASP A 66 0.51 2.46 -8.98
C ASP A 66 1.94 2.76 -8.56
N GLN A 67 2.20 4.02 -8.26
CA GLN A 67 3.51 4.45 -7.80
C GLN A 67 3.81 3.88 -6.42
N TRP A 68 2.78 3.82 -5.58
CA TRP A 68 2.92 3.26 -4.24
C TRP A 68 3.31 1.79 -4.33
N VAL A 69 2.72 1.09 -5.28
CA VAL A 69 3.00 -0.33 -5.48
C VAL A 69 4.45 -0.49 -5.92
N GLN A 70 4.91 0.44 -6.75
CA GLN A 70 6.26 0.45 -7.24
C GLN A 70 7.24 0.68 -6.09
N LEU A 71 6.90 1.66 -5.25
CA LEU A 71 7.73 1.98 -4.09
C LEU A 71 7.73 0.82 -3.10
N PHE A 72 6.58 0.18 -2.93
CA PHE A 72 6.49 -0.97 -2.05
C PHE A 72 7.35 -2.11 -2.57
N GLN A 73 7.29 -2.34 -3.87
CA GLN A 73 8.10 -3.36 -4.49
C GLN A 73 9.56 -3.02 -4.37
N ARG A 74 9.87 -1.74 -4.46
CA ARG A 74 11.22 -1.25 -4.28
C ARG A 74 11.66 -1.50 -2.83
N PHE A 75 10.73 -1.25 -1.92
CA PHE A 75 10.95 -1.47 -0.49
C PHE A 75 11.18 -2.96 -0.22
N ARG A 76 10.32 -3.80 -0.78
CA ARG A 76 10.44 -5.24 -0.62
C ARG A 76 11.75 -5.74 -1.26
N GLU A 77 12.07 -5.18 -2.42
CA GLU A 77 13.28 -5.52 -3.14
C GLU A 77 14.49 -5.14 -2.30
N ALA A 78 14.36 -4.05 -1.54
CA ALA A 78 15.42 -3.59 -0.68
C ALA A 78 15.68 -4.61 0.41
N ILE A 79 14.60 -5.17 0.98
CA ILE A 79 14.71 -6.23 1.98
C ILE A 79 15.43 -7.45 1.39
N ASP A 80 15.09 -7.78 0.15
CA ASP A 80 15.71 -8.91 -0.53
C ASP A 80 17.19 -8.65 -0.75
N LYS A 81 17.53 -7.40 -1.05
CA LYS A 81 18.92 -7.01 -1.27
C LYS A 81 19.65 -6.73 0.04
N GLY A 82 18.92 -6.73 1.15
CA GLY A 82 19.52 -6.40 2.43
C GLY A 82 19.93 -4.94 2.50
N ASP A 83 19.25 -4.12 1.72
CA ASP A 83 19.57 -2.71 1.61
C ASP A 83 18.86 -1.91 2.70
N LYS A 84 19.57 -1.65 3.79
CA LYS A 84 19.01 -0.93 4.93
C LYS A 84 18.85 0.55 4.59
N ASP A 85 19.76 1.05 3.76
CA ASP A 85 19.79 2.45 3.37
C ASP A 85 18.49 2.88 2.71
N SER A 86 18.05 2.08 1.77
CA SER A 86 16.84 2.37 1.02
C SER A 86 15.59 2.23 1.88
N LEU A 87 15.62 1.36 2.88
CA LEU A 87 14.44 1.08 3.70
C LEU A 87 13.93 2.34 4.39
N GLU A 88 14.83 3.08 5.03
CA GLU A 88 14.46 4.31 5.71
C GLU A 88 13.82 5.31 4.73
N GLN A 89 14.46 5.48 3.59
CA GLN A 89 14.03 6.45 2.60
C GLN A 89 12.71 6.03 1.92
N LEU A 90 12.64 4.77 1.52
CA LEU A 90 11.46 4.25 0.83
C LEU A 90 10.24 4.20 1.74
N LEU A 91 10.48 3.90 3.01
CA LEU A 91 9.39 3.84 3.99
C LEU A 91 8.70 5.19 4.09
N GLU A 92 9.51 6.25 4.10
CA GLU A 92 9.00 7.59 4.17
C GLU A 92 8.19 7.93 2.93
N GLU A 93 8.71 7.56 1.75
CA GLU A 93 8.01 7.81 0.49
C GLU A 93 6.68 7.07 0.45
N LEU A 94 6.66 5.88 1.02
CA LEU A 94 5.45 5.08 1.07
C LEU A 94 4.36 5.79 1.85
N GLU A 95 4.73 6.35 3.00
CA GLU A 95 3.76 7.06 3.84
C GLU A 95 3.16 8.27 3.14
N GLN A 96 3.98 9.09 2.51
CA GLN A 96 3.46 10.32 1.89
C GLN A 96 2.57 10.01 0.70
N ALA A 97 2.91 8.97 -0.05
CA ALA A 97 2.11 8.56 -1.18
C ALA A 97 0.77 8.01 -0.70
N LEU A 98 0.82 7.19 0.34
CA LEU A 98 -0.37 6.58 0.92
C LEU A 98 -1.33 7.66 1.43
N GLN A 99 -0.76 8.64 2.13
CA GLN A 99 -1.54 9.74 2.67
C GLN A 99 -2.26 10.54 1.58
N LYS A 100 -1.60 10.75 0.43
CA LYS A 100 -2.23 11.50 -0.66
C LYS A 100 -3.33 10.68 -1.31
N ILE A 101 -3.10 9.38 -1.49
CA ILE A 101 -4.07 8.50 -2.14
C ILE A 101 -5.38 8.50 -1.37
N ARG A 102 -5.30 8.31 -0.06
CA ARG A 102 -6.49 8.32 0.77
C ARG A 102 -7.26 9.61 0.65
N GLU A 103 -6.55 10.73 0.70
CA GLU A 103 -7.20 12.02 0.64
C GLU A 103 -7.91 12.22 -0.70
N LEU A 104 -7.25 11.88 -1.79
CA LEU A 104 -7.86 11.99 -3.11
C LEU A 104 -9.06 11.05 -3.26
N ALA A 105 -8.91 9.82 -2.78
CA ALA A 105 -9.97 8.80 -2.93
C ALA A 105 -11.17 9.11 -2.04
N GLU A 106 -10.93 9.73 -0.91
CA GLU A 106 -12.00 10.07 0.03
C GLU A 106 -12.42 11.52 -0.15
N LYS A 107 -11.80 12.17 -1.12
CA LYS A 107 -12.07 13.56 -1.47
C LYS A 107 -11.91 14.50 -0.27
N LYS A 108 -10.67 14.62 0.20
CA LYS A 108 -10.29 15.50 1.31
C LYS A 108 -10.92 15.07 2.66
N ASN A 109 -11.68 13.97 2.64
CA ASN A 109 -12.34 13.44 3.85
C ASN A 109 -13.41 14.39 4.34
NA1 7BU B . -6.32 2.31 -5.64
NB2 7BU B . -4.29 1.98 -3.65
ND4 7BU B . -8.18 3.25 -3.65
CHA 7BU B . -8.40 3.60 -6.08
CHB 7BU B . -4.24 0.98 -5.91
CHC 7BU B . -3.66 2.86 -1.43
CHD 7BU B . -8.54 3.28 -1.21
C1A 7BU B . -7.25 2.87 -6.48
C1B 7BU B . -3.65 1.27 -4.64
C1C 7BU B . -4.97 3.12 -0.94
C1D 7BU B . -8.98 3.45 -2.55
C1FA 7BU B . -9.21 4.23 -7.22
C1FB 7BU B . -3.49 0.07 -6.89
C1FC 7BU B . -2.53 3.17 -0.44
C1FD 7BU B . -9.57 3.45 -0.08
C2A 7BU B . -6.91 2.51 -7.87
C2B 7BU B . -2.27 1.05 -4.26
C2C 7BU B . -5.31 3.47 0.43
C2D 7BU B . -10.24 4.03 -2.97
C3A 7BU B . -5.80 1.73 -7.81
C3B 7BU B . -2.09 1.63 -3.05
C3C 7BU B . -6.65 3.52 0.52
C3D 7BU B . -10.18 4.19 -4.31
C4A 7BU B . -5.42 1.62 -6.41
C4B 7BU B . -3.36 2.22 -2.66
C4C 7BU B . -7.18 3.20 -0.81
C4D 7BU B . -8.89 3.69 -4.75
NC3 7BU B . -6.13 2.97 -1.67
F21A 7BU B . -10.06 3.34 -7.79
F21B 7BU B . -2.79 -0.89 -6.24
F21C 7BU B . -1.31 3.27 -0.98
F21D 7BU B . -9.31 2.68 1.01
F22A 7BU B . -8.43 4.67 -8.22
F22B 7BU B . -2.57 0.73 -7.64
F22C 7BU B . -2.73 4.35 0.19
F22D 7BU B . -10.82 3.07 -0.48
F23A 7BU B . -9.98 5.28 -6.86
F23B 7BU B . -4.32 -0.56 -7.74
F23C 7BU B . -2.45 2.21 0.52
F23D 7BU B . -9.67 4.74 0.35
ZN 7BU B . -6.36 2.22 -3.57
H2A1 7BU B . -7.45 2.80 -8.74
H2B1 7BU B . -1.52 0.52 -4.85
H2C1 7BU B . -4.61 3.64 1.23
H2D1 7BU B . -11.06 4.31 -2.33
H3A1 7BU B . -5.28 1.29 -8.64
H3B1 7BU B . -1.17 1.64 -2.48
H3C1 7BU B . -7.25 3.75 1.39
H3D1 7BU B . -10.95 4.60 -4.94
N SER A 1 -22.14 -1.72 -6.14
CA SER A 1 -21.63 -1.64 -4.77
C SER A 1 -20.26 -2.29 -4.68
N GLU A 2 -19.23 -1.49 -4.89
CA GLU A 2 -17.86 -1.98 -4.87
C GLU A 2 -16.94 -1.06 -4.07
N PHE A 3 -17.30 0.24 -4.01
CA PHE A 3 -16.48 1.24 -3.31
C PHE A 3 -16.25 0.86 -1.85
N GLU A 4 -17.18 0.10 -1.29
CA GLU A 4 -17.05 -0.38 0.07
C GLU A 4 -15.80 -1.24 0.18
N LYS A 5 -15.67 -2.19 -0.74
CA LYS A 5 -14.52 -3.08 -0.78
C LYS A 5 -13.24 -2.27 -1.07
N LEU A 6 -13.35 -1.33 -2.01
CA LEU A 6 -12.22 -0.41 -2.29
C LEU A 6 -11.68 0.18 -1.00
N ARG A 7 -12.58 0.77 -0.22
CA ARG A 7 -12.21 1.36 1.08
C ARG A 7 -11.70 0.30 2.06
N GLN A 8 -12.40 -0.83 2.14
CA GLN A 8 -12.03 -1.89 3.08
C GLN A 8 -10.62 -2.43 2.79
N THR A 9 -10.33 -2.71 1.53
CA THR A 9 -9.01 -3.17 1.14
C THR A 9 -7.96 -2.08 1.38
N GLY A 10 -8.40 -0.83 1.34
CA GLY A 10 -7.52 0.27 1.60
C GLY A 10 -7.15 0.31 3.06
N ASP A 11 -8.17 0.30 3.92
CA ASP A 11 -7.96 0.26 5.37
C ASP A 11 -7.09 -0.92 5.77
N GLU A 12 -7.38 -2.09 5.20
CA GLU A 12 -6.61 -3.30 5.48
C GLU A 12 -5.16 -3.12 5.07
N LEU A 13 -4.96 -2.50 3.91
CA LEU A 13 -3.61 -2.21 3.43
C LEU A 13 -2.88 -1.29 4.41
N VAL A 14 -3.58 -0.28 4.91
CA VAL A 14 -3.01 0.63 5.91
C VAL A 14 -2.64 -0.16 7.18
N GLN A 15 -3.54 -1.03 7.61
CA GLN A 15 -3.30 -1.88 8.78
C GLN A 15 -2.04 -2.71 8.58
N ALA A 16 -1.89 -3.29 7.41
CA ALA A 16 -0.72 -4.10 7.09
C ALA A 16 0.53 -3.23 6.99
N PHE A 17 0.40 -2.05 6.38
CA PHE A 17 1.52 -1.14 6.23
C PHE A 17 2.02 -0.63 7.58
N GLN A 18 1.10 -0.27 8.45
CA GLN A 18 1.45 0.22 9.77
C GLN A 18 2.13 -0.90 10.57
N ARG A 19 1.57 -2.10 10.43
CA ARG A 19 2.12 -3.29 11.07
C ARG A 19 3.53 -3.57 10.53
N LEU A 20 3.70 -3.29 9.24
CA LEU A 20 4.96 -3.52 8.56
C LEU A 20 6.10 -2.73 9.21
N ARG A 21 5.83 -1.49 9.58
CA ARG A 21 6.85 -0.67 10.20
C ARG A 21 7.22 -1.23 11.54
N GLU A 22 6.22 -1.75 12.26
CA GLU A 22 6.41 -2.31 13.59
C GLU A 22 7.24 -3.57 13.54
N ILE A 23 7.13 -4.28 12.44
CA ILE A 23 7.84 -5.52 12.25
C ILE A 23 9.30 -5.19 11.99
N PHE A 24 9.50 -4.07 11.30
CA PHE A 24 10.80 -3.60 10.93
C PHE A 24 11.52 -3.12 12.20
N ASP A 25 10.75 -2.50 13.09
CA ASP A 25 11.28 -1.98 14.36
C ASP A 25 11.84 -3.12 15.20
N LYS A 26 11.24 -4.30 15.07
CA LYS A 26 11.62 -5.44 15.88
C LYS A 26 12.74 -6.25 15.22
N GLY A 27 13.10 -5.87 13.99
CA GLY A 27 14.10 -6.61 13.25
C GLY A 27 13.71 -8.06 13.03
N ASP A 28 12.42 -8.34 12.95
CA ASP A 28 11.93 -9.69 12.76
C ASP A 28 11.99 -10.05 11.28
N ASP A 29 12.98 -10.84 10.94
CA ASP A 29 13.29 -11.16 9.54
C ASP A 29 12.29 -12.14 8.96
N ASP A 30 11.93 -13.13 9.74
CA ASP A 30 11.04 -14.19 9.30
C ASP A 30 9.61 -13.72 9.13
N SER A 31 9.18 -12.80 9.98
CA SER A 31 7.81 -12.28 9.94
C SER A 31 7.59 -11.41 8.70
N LEU A 32 8.65 -10.76 8.23
CA LEU A 32 8.54 -9.85 7.09
C LEU A 32 7.99 -10.55 5.87
N GLU A 33 8.45 -11.77 5.62
CA GLU A 33 7.99 -12.51 4.45
C GLU A 33 6.48 -12.75 4.55
N GLN A 34 6.02 -13.03 5.76
CA GLN A 34 4.62 -13.32 5.99
C GLN A 34 3.77 -12.05 5.87
N VAL A 35 4.29 -10.94 6.40
CA VAL A 35 3.57 -9.68 6.39
C VAL A 35 3.55 -9.09 4.98
N LEU A 36 4.70 -9.11 4.32
CA LEU A 36 4.83 -8.56 2.96
C LEU A 36 3.93 -9.31 2.01
N GLU A 37 3.79 -10.61 2.24
CA GLU A 37 2.97 -11.45 1.42
C GLU A 37 1.51 -11.02 1.54
N GLU A 38 1.08 -10.78 2.77
CA GLU A 38 -0.29 -10.34 3.03
C GLU A 38 -0.52 -8.97 2.41
N ILE A 39 0.51 -8.13 2.46
CA ILE A 39 0.43 -6.81 1.86
C ILE A 39 0.26 -6.94 0.35
N GLU A 40 1.07 -7.81 -0.26
CA GLU A 40 0.96 -8.08 -1.69
C GLU A 40 -0.44 -8.57 -2.03
N GLU A 41 -1.02 -9.38 -1.14
CA GLU A 41 -2.36 -9.90 -1.34
C GLU A 41 -3.37 -8.75 -1.36
N LEU A 42 -3.22 -7.84 -0.40
CA LEU A 42 -4.14 -6.72 -0.25
C LEU A 42 -4.02 -5.72 -1.40
N ILE A 43 -2.79 -5.47 -1.86
CA ILE A 43 -2.56 -4.55 -2.95
C ILE A 43 -3.24 -5.05 -4.22
N GLN A 44 -3.03 -6.32 -4.51
CA GLN A 44 -3.60 -6.94 -5.69
C GLN A 44 -5.13 -7.00 -5.59
N LYS A 45 -5.64 -7.38 -4.42
CA LYS A 45 -7.08 -7.42 -4.19
C LYS A 45 -7.71 -6.03 -4.35
N HIS A 46 -6.97 -5.01 -3.97
CA HIS A 46 -7.45 -3.64 -4.06
C HIS A 46 -7.36 -3.16 -5.51
N ARG A 47 -6.26 -3.51 -6.19
CA ARG A 47 -6.05 -3.14 -7.59
C ARG A 47 -7.02 -3.89 -8.52
N GLN A 48 -7.31 -5.16 -8.19
CA GLN A 48 -8.20 -5.98 -9.00
C GLN A 48 -9.58 -5.36 -9.11
N LEU A 49 -9.96 -4.63 -8.09
CA LEU A 49 -11.23 -3.93 -8.08
C LEU A 49 -11.24 -2.89 -9.19
N PHE A 50 -10.06 -2.31 -9.45
CA PHE A 50 -9.89 -1.34 -10.51
C PHE A 50 -9.78 -2.06 -11.86
N ASP A 51 -9.22 -3.28 -11.84
CA ASP A 51 -9.09 -4.10 -13.05
C ASP A 51 -10.47 -4.53 -13.52
N ASN A 52 -11.32 -4.87 -12.57
CA ASN A 52 -12.70 -5.26 -12.87
C ASN A 52 -13.42 -4.14 -13.57
N ARG A 53 -13.51 -2.99 -12.93
CA ARG A 53 -14.12 -1.84 -13.54
C ARG A 53 -13.15 -0.66 -13.57
N GLN A 54 -12.66 -0.35 -14.74
CA GLN A 54 -11.79 0.78 -14.91
C GLN A 54 -12.59 2.06 -14.71
N GLU A 55 -11.91 3.16 -14.42
CA GLU A 55 -12.57 4.41 -14.07
C GLU A 55 -13.49 4.22 -12.87
N ALA A 56 -12.91 4.01 -11.70
CA ALA A 56 -13.69 3.85 -10.49
C ALA A 56 -14.09 5.21 -9.97
N ALA A 57 -13.12 6.09 -9.86
CA ALA A 57 -13.35 7.45 -9.42
C ALA A 57 -12.52 8.39 -10.27
N ASP A 58 -11.64 9.14 -9.63
CA ASP A 58 -10.75 10.03 -10.36
C ASP A 58 -9.46 9.32 -10.71
N THR A 59 -8.71 9.87 -11.64
CA THR A 59 -7.47 9.26 -12.09
C THR A 59 -6.30 9.66 -11.21
N GLU A 60 -6.47 10.76 -10.48
CA GLU A 60 -5.43 11.25 -9.59
C GLU A 60 -5.15 10.23 -8.49
N ALA A 61 -6.21 9.72 -7.90
CA ALA A 61 -6.09 8.71 -6.85
C ALA A 61 -5.40 7.46 -7.39
N ALA A 62 -5.69 7.12 -8.63
CA ALA A 62 -5.10 5.96 -9.27
C ALA A 62 -3.64 6.21 -9.62
N LYS A 63 -3.33 7.43 -10.01
CA LYS A 63 -1.98 7.81 -10.38
C LYS A 63 -1.08 7.80 -9.15
N GLN A 64 -1.59 8.32 -8.05
CA GLN A 64 -0.84 8.34 -6.80
C GLN A 64 -0.62 6.92 -6.31
N GLY A 65 -1.66 6.10 -6.39
CA GLY A 65 -1.57 4.72 -5.96
C GLY A 65 -0.55 3.93 -6.76
N ASP A 66 -0.45 4.23 -8.06
CA ASP A 66 0.53 3.56 -8.92
C ASP A 66 1.93 3.80 -8.42
N GLN A 67 2.20 5.04 -8.03
CA GLN A 67 3.50 5.42 -7.53
C GLN A 67 3.82 4.65 -6.25
N TRP A 68 2.81 4.55 -5.39
CA TRP A 68 2.97 3.87 -4.10
C TRP A 68 3.33 2.40 -4.32
N VAL A 69 2.73 1.78 -5.35
CA VAL A 69 2.98 0.37 -5.63
C VAL A 69 4.42 0.16 -6.06
N GLN A 70 4.94 1.09 -6.85
CA GLN A 70 6.31 1.00 -7.34
C GLN A 70 7.29 1.17 -6.21
N LEU A 71 6.96 2.05 -5.28
CA LEU A 71 7.78 2.30 -4.12
C LEU A 71 7.75 1.10 -3.17
N PHE A 72 6.57 0.52 -2.98
CA PHE A 72 6.44 -0.64 -2.12
C PHE A 72 7.16 -1.84 -2.73
N GLN A 73 7.03 -1.99 -4.03
CA GLN A 73 7.70 -3.06 -4.72
C GLN A 73 9.21 -2.87 -4.60
N ARG A 74 9.64 -1.61 -4.64
CA ARG A 74 11.05 -1.27 -4.46
C ARG A 74 11.47 -1.64 -3.04
N PHE A 75 10.56 -1.42 -2.10
CA PHE A 75 10.77 -1.74 -0.71
C PHE A 75 11.00 -3.25 -0.56
N ARG A 76 10.17 -4.03 -1.25
CA ARG A 76 10.31 -5.49 -1.25
C ARG A 76 11.69 -5.90 -1.77
N GLU A 77 12.12 -5.28 -2.87
CA GLU A 77 13.39 -5.63 -3.49
C GLU A 77 14.53 -5.34 -2.54
N ALA A 78 14.39 -4.29 -1.77
CA ALA A 78 15.42 -3.86 -0.85
C ALA A 78 15.56 -4.83 0.32
N ILE A 79 14.46 -5.46 0.72
CA ILE A 79 14.49 -6.40 1.84
C ILE A 79 15.16 -7.69 1.40
N ASP A 80 14.82 -8.11 0.19
CA ASP A 80 15.35 -9.33 -0.38
C ASP A 80 16.86 -9.22 -0.59
N LYS A 81 17.32 -8.01 -0.86
CA LYS A 81 18.74 -7.75 -1.07
C LYS A 81 19.45 -7.42 0.24
N GLY A 82 18.71 -7.38 1.34
CA GLY A 82 19.30 -7.05 2.63
C GLY A 82 19.78 -5.61 2.73
N ASP A 83 19.17 -4.73 1.98
CA ASP A 83 19.56 -3.33 2.00
C ASP A 83 18.70 -2.57 2.99
N LYS A 84 19.24 -2.39 4.19
CA LYS A 84 18.51 -1.75 5.27
C LYS A 84 18.44 -0.25 5.07
N ASP A 85 19.44 0.28 4.36
CA ASP A 85 19.55 1.71 4.12
C ASP A 85 18.36 2.23 3.34
N SER A 86 18.06 1.54 2.23
CA SER A 86 16.96 1.93 1.38
C SER A 86 15.62 1.73 2.07
N LEU A 87 15.54 0.76 2.96
CA LEU A 87 14.29 0.44 3.64
C LEU A 87 13.77 1.64 4.42
N GLU A 88 14.64 2.27 5.18
CA GLU A 88 14.27 3.44 5.96
C GLU A 88 13.88 4.60 5.04
N GLN A 89 14.59 4.73 3.92
CA GLN A 89 14.32 5.78 2.95
C GLN A 89 12.97 5.56 2.28
N LEU A 90 12.73 4.33 1.88
CA LEU A 90 11.50 3.96 1.20
C LEU A 90 10.30 4.04 2.15
N LEU A 91 10.52 3.80 3.42
CA LEU A 91 9.44 3.89 4.41
C LEU A 91 8.97 5.33 4.51
N GLU A 92 9.91 6.26 4.45
CA GLU A 92 9.60 7.68 4.52
C GLU A 92 8.71 8.10 3.34
N GLU A 93 9.08 7.69 2.13
CA GLU A 93 8.32 8.04 0.95
C GLU A 93 7.00 7.28 0.88
N LEU A 94 6.99 6.04 1.37
CA LEU A 94 5.78 5.22 1.38
C LEU A 94 4.74 5.82 2.31
N GLU A 95 5.16 6.20 3.50
CA GLU A 95 4.28 6.80 4.50
C GLU A 95 3.67 8.11 3.99
N GLN A 96 4.50 8.96 3.41
CA GLN A 96 4.05 10.26 2.91
C GLN A 96 3.09 10.09 1.75
N ALA A 97 3.39 9.13 0.88
CA ALA A 97 2.56 8.87 -0.28
C ALA A 97 1.23 8.28 0.14
N LEU A 98 1.27 7.30 1.05
CA LEU A 98 0.06 6.64 1.53
C LEU A 98 -0.86 7.64 2.22
N GLN A 99 -0.28 8.47 3.07
CA GLN A 99 -1.03 9.48 3.78
C GLN A 99 -1.68 10.46 2.81
N LYS A 100 -0.95 10.83 1.76
CA LYS A 100 -1.45 11.78 0.77
C LYS A 100 -2.59 11.18 -0.03
N ILE A 101 -2.44 9.91 -0.40
CA ILE A 101 -3.46 9.20 -1.16
C ILE A 101 -4.76 9.12 -0.35
N ARG A 102 -4.66 8.75 0.92
CA ARG A 102 -5.84 8.68 1.79
C ARG A 102 -6.49 10.05 1.89
N GLU A 103 -5.66 11.08 1.99
CA GLU A 103 -6.15 12.44 2.11
C GLU A 103 -6.99 12.83 0.89
N LEU A 104 -6.51 12.46 -0.29
CA LEU A 104 -7.20 12.77 -1.53
C LEU A 104 -8.44 11.90 -1.72
N ALA A 105 -8.31 10.61 -1.45
CA ALA A 105 -9.38 9.64 -1.67
C ALA A 105 -10.50 9.76 -0.64
N GLU A 106 -10.14 10.14 0.58
CA GLU A 106 -11.11 10.24 1.65
C GLU A 106 -11.85 11.57 1.57
N LYS A 107 -11.21 12.56 0.97
CA LYS A 107 -11.83 13.86 0.79
C LYS A 107 -12.92 13.79 -0.27
N LYS A 108 -12.50 13.52 -1.52
CA LYS A 108 -13.43 13.38 -2.64
C LYS A 108 -14.55 12.38 -2.34
N ASN A 109 -15.73 12.90 -2.08
CA ASN A 109 -16.87 12.06 -1.78
C ASN A 109 -18.06 12.51 -2.60
NA1 7BU B . -6.27 2.98 -5.66
NB2 7BU B . -4.24 2.69 -3.65
ND4 7BU B . -8.15 3.90 -3.68
CHA 7BU B . -8.41 4.18 -6.12
CHB 7BU B . -4.16 1.70 -5.92
CHC 7BU B . -3.63 3.54 -1.41
CHD 7BU B . -8.52 3.98 -1.23
C1A 7BU B . -7.23 3.46 -6.51
C1B 7BU B . -3.59 1.99 -4.64
C1C 7BU B . -4.95 3.79 -0.93
C1D 7BU B . -8.97 4.09 -2.58
C1FA 7BU B . -9.27 4.68 -7.29
C1FB 7BU B . -3.40 0.79 -6.87
C1FC 7BU B . -2.52 3.79 -0.36
C1FD 7BU B . -9.57 4.10 -0.11
C2A 7BU B . -6.92 3.03 -7.88
C2B 7BU B . -2.22 1.74 -4.23
C2C 7BU B . -5.32 4.07 0.46
C2D 7BU B . -10.26 4.59 -3.03
C3A 7BU B . -5.79 2.29 -7.80
C3B 7BU B . -2.06 2.31 -3.01
C3C 7BU B . -6.67 4.13 0.51
C3D 7BU B . -10.21 4.70 -4.37
C4A 7BU B . -5.37 2.28 -6.41
C4B 7BU B . -3.33 2.91 -2.64
C4C 7BU B . -7.17 3.88 -0.83
C4D 7BU B . -8.88 4.28 -4.79
NC3 7BU B . -6.10 3.68 -1.68
F21A 7BU B . -10.01 3.69 -7.83
F21B 7BU B . -2.69 -0.17 -6.21
F21C 7BU B . -1.28 3.89 -0.87
F21D 7BU B . -9.33 3.26 0.94
F22A 7BU B . -8.53 5.17 -8.31
F22B 7BU B . -2.48 1.43 -7.64
F22C 7BU B . -2.72 4.94 0.33
F22D 7BU B . -10.81 3.76 -0.54
F23A 7BU B . -10.15 5.66 -6.96
F23B 7BU B . -4.22 0.12 -7.72
F23C 7BU B . -2.48 2.79 0.54
F23D 7BU B . -9.65 5.35 0.39
ZN 7BU B . -6.32 2.90 -3.59
H2A1 7BU B . -7.50 3.24 -8.76
H2B1 7BU B . -1.47 1.21 -4.80
H2C1 7BU B . -4.63 4.21 1.27
H2D1 7BU B . -11.10 4.83 -2.40
H3A1 7BU B . -5.28 1.83 -8.63
H3B1 7BU B . -1.15 2.30 -2.42
H3C1 7BU B . -7.27 4.32 1.39
H3D1 7BU B . -11.00 5.05 -5.02
N SER A 1 -20.82 -3.77 -4.72
CA SER A 1 -19.84 -4.84 -4.62
C SER A 1 -18.50 -4.43 -5.23
N GLU A 2 -18.28 -3.12 -5.37
CA GLU A 2 -17.05 -2.64 -5.96
C GLU A 2 -16.45 -1.50 -5.15
N PHE A 3 -17.18 -0.40 -5.04
CA PHE A 3 -16.68 0.78 -4.33
C PHE A 3 -16.47 0.51 -2.84
N GLU A 4 -17.40 -0.21 -2.24
CA GLU A 4 -17.30 -0.54 -0.82
C GLU A 4 -16.05 -1.37 -0.58
N LYS A 5 -15.91 -2.45 -1.35
CA LYS A 5 -14.76 -3.35 -1.25
C LYS A 5 -13.48 -2.59 -1.63
N LEU A 6 -13.64 -1.56 -2.44
CA LEU A 6 -12.52 -0.75 -2.88
C LEU A 6 -11.91 -0.06 -1.69
N ARG A 7 -12.74 0.67 -0.94
CA ARG A 7 -12.28 1.30 0.27
C ARG A 7 -11.84 0.28 1.32
N GLN A 8 -12.57 -0.82 1.42
CA GLN A 8 -12.24 -1.82 2.43
C GLN A 8 -10.84 -2.38 2.21
N THR A 9 -10.51 -2.72 0.97
CA THR A 9 -9.17 -3.20 0.66
C THR A 9 -8.11 -2.12 0.87
N GLY A 10 -8.52 -0.86 0.70
CA GLY A 10 -7.62 0.24 0.92
C GLY A 10 -7.31 0.42 2.39
N ASP A 11 -8.37 0.51 3.18
CA ASP A 11 -8.23 0.62 4.63
C ASP A 11 -7.47 -0.57 5.22
N GLU A 12 -7.78 -1.77 4.73
CA GLU A 12 -7.07 -2.99 5.17
C GLU A 12 -5.59 -2.87 4.83
N LEU A 13 -5.31 -2.34 3.64
CA LEU A 13 -3.93 -2.13 3.19
C LEU A 13 -3.20 -1.17 4.13
N VAL A 14 -3.88 -0.08 4.53
CA VAL A 14 -3.30 0.87 5.46
C VAL A 14 -2.98 0.19 6.80
N GLN A 15 -3.91 -0.65 7.26
CA GLN A 15 -3.71 -1.41 8.49
C GLN A 15 -2.46 -2.28 8.38
N ALA A 16 -2.32 -2.96 7.25
CA ALA A 16 -1.16 -3.80 7.00
C ALA A 16 0.11 -2.97 6.96
N PHE A 17 0.03 -1.79 6.37
CA PHE A 17 1.17 -0.88 6.28
C PHE A 17 1.61 -0.44 7.67
N GLN A 18 0.65 -0.15 8.53
CA GLN A 18 0.96 0.27 9.89
C GLN A 18 1.54 -0.88 10.69
N ARG A 19 1.10 -2.11 10.39
CA ARG A 19 1.66 -3.30 11.03
C ARG A 19 3.07 -3.52 10.53
N LEU A 20 3.26 -3.21 9.26
CA LEU A 20 4.53 -3.39 8.57
C LEU A 20 5.65 -2.61 9.24
N ARG A 21 5.38 -1.34 9.57
CA ARG A 21 6.41 -0.52 10.18
C ARG A 21 6.78 -1.02 11.57
N GLU A 22 5.79 -1.45 12.35
CA GLU A 22 6.04 -1.89 13.69
C GLU A 22 6.99 -3.08 13.68
N ILE A 23 6.66 -4.08 12.87
CA ILE A 23 7.52 -5.23 12.66
C ILE A 23 8.91 -4.80 12.18
N PHE A 24 8.94 -3.75 11.37
CA PHE A 24 10.20 -3.22 10.83
C PHE A 24 11.01 -2.59 11.98
N ASP A 25 10.34 -1.76 12.79
CA ASP A 25 10.96 -1.13 13.95
C ASP A 25 11.42 -2.18 14.96
N LYS A 26 10.82 -3.36 14.89
CA LYS A 26 11.14 -4.46 15.79
C LYS A 26 12.21 -5.38 15.18
N GLY A 27 12.62 -5.06 13.95
CA GLY A 27 13.61 -5.86 13.26
C GLY A 27 13.21 -7.33 13.09
N ASP A 28 11.92 -7.59 13.03
CA ASP A 28 11.47 -8.98 12.91
C ASP A 28 11.22 -9.34 11.45
N ASP A 29 12.30 -9.67 10.77
CA ASP A 29 12.26 -10.07 9.36
C ASP A 29 11.34 -11.26 9.13
N ASP A 30 11.17 -12.08 10.17
CA ASP A 30 10.34 -13.28 10.08
C ASP A 30 8.88 -12.94 9.83
N SER A 31 8.34 -12.04 10.62
CA SER A 31 6.97 -11.61 10.45
C SER A 31 6.83 -10.69 9.26
N LEU A 32 7.89 -9.92 9.00
CA LEU A 32 7.91 -8.94 7.93
C LEU A 32 7.67 -9.58 6.56
N GLU A 33 8.38 -10.69 6.29
CA GLU A 33 8.23 -11.38 5.01
C GLU A 33 6.79 -11.85 4.80
N GLN A 34 6.18 -12.35 5.86
CA GLN A 34 4.81 -12.83 5.83
C GLN A 34 3.83 -11.71 5.53
N VAL A 35 4.06 -10.55 6.15
CA VAL A 35 3.21 -9.39 5.95
C VAL A 35 3.32 -8.85 4.53
N LEU A 36 4.52 -8.96 3.95
CA LEU A 36 4.76 -8.48 2.59
C LEU A 36 3.85 -9.22 1.61
N GLU A 37 3.64 -10.51 1.86
CA GLU A 37 2.77 -11.31 1.01
C GLU A 37 1.31 -10.85 1.18
N GLU A 38 0.96 -10.48 2.40
CA GLU A 38 -0.39 -10.02 2.71
C GLU A 38 -0.64 -8.68 2.03
N ILE A 39 0.34 -7.80 2.11
CA ILE A 39 0.23 -6.48 1.51
C ILE A 39 0.08 -6.59 0.00
N GLU A 40 0.94 -7.39 -0.62
CA GLU A 40 0.87 -7.60 -2.06
C GLU A 40 -0.46 -8.21 -2.49
N GLU A 41 -1.00 -9.11 -1.67
CA GLU A 41 -2.28 -9.73 -1.96
C GLU A 41 -3.40 -8.71 -1.91
N LEU A 42 -3.32 -7.81 -0.94
CA LEU A 42 -4.32 -6.76 -0.78
C LEU A 42 -4.25 -5.78 -1.95
N ILE A 43 -3.03 -5.51 -2.42
CA ILE A 43 -2.83 -4.62 -3.55
C ILE A 43 -3.53 -5.17 -4.78
N GLN A 44 -3.36 -6.47 -5.03
CA GLN A 44 -3.97 -7.11 -6.18
C GLN A 44 -5.49 -7.03 -6.10
N LYS A 45 -6.03 -7.35 -4.92
CA LYS A 45 -7.47 -7.35 -4.68
C LYS A 45 -8.05 -5.96 -4.84
N HIS A 46 -7.29 -4.96 -4.45
CA HIS A 46 -7.70 -3.58 -4.50
C HIS A 46 -7.65 -3.07 -5.94
N ARG A 47 -6.55 -3.41 -6.63
CA ARG A 47 -6.36 -3.01 -8.01
C ARG A 47 -7.37 -3.66 -8.95
N GLN A 48 -7.74 -4.90 -8.66
CA GLN A 48 -8.68 -5.63 -9.51
C GLN A 48 -10.03 -4.90 -9.63
N LEU A 49 -10.40 -4.17 -8.59
CA LEU A 49 -11.62 -3.41 -8.61
C LEU A 49 -11.49 -2.21 -9.55
N PHE A 50 -10.26 -1.72 -9.68
CA PHE A 50 -9.97 -0.64 -10.62
C PHE A 50 -9.89 -1.21 -12.03
N ASP A 51 -9.49 -2.48 -12.13
CA ASP A 51 -9.46 -3.17 -13.42
C ASP A 51 -10.88 -3.32 -13.93
N ASN A 52 -11.81 -3.33 -12.99
CA ASN A 52 -13.24 -3.35 -13.29
C ASN A 52 -13.66 -2.00 -13.85
N ARG A 53 -13.63 -0.96 -13.01
CA ARG A 53 -13.99 0.38 -13.43
C ARG A 53 -12.74 1.20 -13.74
N GLN A 54 -12.45 1.38 -15.01
CA GLN A 54 -11.29 2.16 -15.43
C GLN A 54 -11.52 3.64 -15.12
N GLU A 55 -10.42 4.40 -15.02
CA GLU A 55 -10.45 5.85 -14.68
C GLU A 55 -10.92 6.11 -13.25
N ALA A 56 -12.10 5.57 -12.88
CA ALA A 56 -12.66 5.70 -11.54
C ALA A 56 -12.90 7.16 -11.17
N ALA A 57 -13.28 7.98 -12.17
CA ALA A 57 -13.57 9.41 -12.00
C ALA A 57 -12.31 10.25 -11.76
N ASP A 58 -11.32 9.66 -11.12
CA ASP A 58 -10.06 10.35 -10.87
C ASP A 58 -8.90 9.49 -11.31
N THR A 59 -8.19 9.94 -12.34
CA THR A 59 -7.11 9.18 -12.90
C THR A 59 -5.80 9.44 -12.14
N GLU A 60 -5.73 10.59 -11.48
CA GLU A 60 -4.55 10.97 -10.73
C GLU A 60 -4.40 10.10 -9.47
N ALA A 61 -5.51 9.86 -8.80
CA ALA A 61 -5.51 9.03 -7.61
C ALA A 61 -5.05 7.62 -7.96
N ALA A 62 -5.45 7.17 -9.13
CA ALA A 62 -5.06 5.86 -9.62
C ALA A 62 -3.56 5.85 -9.96
N LYS A 63 -3.08 6.96 -10.51
CA LYS A 63 -1.69 7.09 -10.91
C LYS A 63 -0.80 7.14 -9.68
N GLN A 64 -1.27 7.86 -8.67
CA GLN A 64 -0.55 7.98 -7.44
C GLN A 64 -0.47 6.61 -6.77
N GLY A 65 -1.57 5.87 -6.83
CA GLY A 65 -1.58 4.52 -6.31
C GLY A 65 -0.61 3.62 -7.03
N ASP A 66 -0.44 3.85 -8.33
CA ASP A 66 0.52 3.07 -9.13
C ASP A 66 1.93 3.32 -8.60
N GLN A 67 2.20 4.57 -8.26
CA GLN A 67 3.50 4.96 -7.75
C GLN A 67 3.76 4.30 -6.42
N TRP A 68 2.74 4.28 -5.56
CA TRP A 68 2.85 3.66 -4.25
C TRP A 68 3.19 2.18 -4.38
N VAL A 69 2.61 1.54 -5.38
CA VAL A 69 2.85 0.13 -5.63
C VAL A 69 4.29 -0.08 -6.07
N GLN A 70 4.78 0.86 -6.86
CA GLN A 70 6.12 0.81 -7.39
C GLN A 70 7.12 0.99 -6.25
N LEU A 71 6.82 1.96 -5.37
CA LEU A 71 7.64 2.24 -4.21
C LEU A 71 7.71 1.01 -3.31
N PHE A 72 6.57 0.34 -3.18
CA PHE A 72 6.48 -0.85 -2.35
C PHE A 72 7.31 -1.98 -2.95
N GLN A 73 7.29 -2.10 -4.27
CA GLN A 73 8.06 -3.13 -4.96
C GLN A 73 9.55 -2.88 -4.78
N ARG A 74 9.93 -1.61 -4.77
CA ARG A 74 11.32 -1.23 -4.53
C ARG A 74 11.67 -1.47 -3.07
N PHE A 75 10.71 -1.20 -2.19
CA PHE A 75 10.87 -1.42 -0.77
C PHE A 75 11.13 -2.89 -0.49
N ARG A 76 10.32 -3.77 -1.06
CA ARG A 76 10.52 -5.19 -0.90
C ARG A 76 11.82 -5.63 -1.55
N GLU A 77 12.15 -5.03 -2.69
CA GLU A 77 13.33 -5.41 -3.44
C GLU A 77 14.57 -5.20 -2.58
N ALA A 78 14.53 -4.13 -1.81
CA ALA A 78 15.61 -3.84 -0.89
C ALA A 78 15.69 -4.91 0.19
N ILE A 79 14.52 -5.30 0.74
CA ILE A 79 14.46 -6.38 1.73
C ILE A 79 14.99 -7.69 1.16
N ASP A 80 14.62 -7.99 -0.07
CA ASP A 80 15.06 -9.22 -0.73
C ASP A 80 16.57 -9.20 -0.90
N LYS A 81 17.11 -8.02 -1.18
CA LYS A 81 18.55 -7.83 -1.38
C LYS A 81 19.28 -7.53 -0.07
N GLY A 82 18.56 -7.54 1.06
CA GLY A 82 19.17 -7.28 2.36
C GLY A 82 19.63 -5.84 2.56
N ASP A 83 19.18 -4.94 1.70
CA ASP A 83 19.55 -3.54 1.78
C ASP A 83 18.69 -2.83 2.82
N LYS A 84 19.23 -2.70 4.03
CA LYS A 84 18.51 -2.08 5.14
C LYS A 84 18.45 -0.57 5.00
N ASP A 85 19.51 0.00 4.46
CA ASP A 85 19.63 1.46 4.31
C ASP A 85 18.47 2.03 3.50
N SER A 86 18.19 1.43 2.37
CA SER A 86 17.13 1.89 1.49
C SER A 86 15.75 1.74 2.14
N LEU A 87 15.60 0.75 3.01
CA LEU A 87 14.31 0.48 3.64
C LEU A 87 13.80 1.67 4.41
N GLU A 88 14.67 2.26 5.23
CA GLU A 88 14.29 3.43 6.01
C GLU A 88 13.81 4.57 5.12
N GLN A 89 14.55 4.84 4.07
CA GLN A 89 14.21 5.92 3.15
C GLN A 89 12.93 5.63 2.37
N LEU A 90 12.82 4.40 1.86
CA LEU A 90 11.65 4.00 1.07
C LEU A 90 10.39 3.93 1.91
N LEU A 91 10.53 3.53 3.18
CA LEU A 91 9.39 3.42 4.07
C LEU A 91 8.72 4.77 4.28
N GLU A 92 9.54 5.80 4.50
CA GLU A 92 9.03 7.14 4.69
C GLU A 92 8.37 7.65 3.42
N GLU A 93 8.96 7.32 2.28
CA GLU A 93 8.41 7.72 1.00
C GLU A 93 7.04 7.06 0.78
N LEU A 94 6.91 5.81 1.23
CA LEU A 94 5.64 5.10 1.16
C LEU A 94 4.59 5.82 1.99
N GLU A 95 4.98 6.25 3.18
CA GLU A 95 4.09 6.97 4.09
C GLU A 95 3.60 8.28 3.45
N GLN A 96 4.51 9.01 2.83
CA GLN A 96 4.17 10.29 2.21
C GLN A 96 3.19 10.11 1.06
N ALA A 97 3.43 9.09 0.26
CA ALA A 97 2.60 8.80 -0.89
C ALA A 97 1.23 8.27 -0.46
N LEU A 98 1.23 7.43 0.58
CA LEU A 98 -0.01 6.85 1.09
C LEU A 98 -0.94 7.95 1.59
N GLN A 99 -0.40 8.86 2.37
CA GLN A 99 -1.17 9.98 2.90
C GLN A 99 -1.71 10.87 1.79
N LYS A 100 -0.95 10.98 0.70
CA LYS A 100 -1.38 11.81 -0.43
C LYS A 100 -2.54 11.15 -1.16
N ILE A 101 -2.45 9.84 -1.34
CA ILE A 101 -3.48 9.07 -2.03
C ILE A 101 -4.81 9.16 -1.29
N ARG A 102 -4.78 9.02 0.03
CA ARG A 102 -6.01 9.09 0.83
C ARG A 102 -6.73 10.42 0.61
N GLU A 103 -5.97 11.51 0.61
CA GLU A 103 -6.58 12.81 0.42
C GLU A 103 -7.20 12.95 -0.97
N LEU A 104 -6.46 12.56 -2.01
CA LEU A 104 -6.95 12.65 -3.38
C LEU A 104 -8.12 11.69 -3.64
N ALA A 105 -8.01 10.46 -3.15
CA ALA A 105 -9.04 9.44 -3.40
C ALA A 105 -10.31 9.70 -2.62
N GLU A 106 -10.19 10.32 -1.46
CA GLU A 106 -11.34 10.58 -0.62
C GLU A 106 -11.91 11.98 -0.85
N LYS A 107 -11.07 12.87 -1.40
CA LYS A 107 -11.42 14.26 -1.67
C LYS A 107 -11.84 15.02 -0.40
N LYS A 108 -13.10 14.90 -0.05
CA LYS A 108 -13.66 15.61 1.09
C LYS A 108 -14.06 14.62 2.18
N ASN A 109 -14.45 15.14 3.34
CA ASN A 109 -14.89 14.32 4.48
C ASN A 109 -13.78 13.40 4.98
NA1 7BU B . -6.30 3.04 -5.94
NB2 7BU B . -4.31 2.62 -3.93
ND4 7BU B . -8.18 3.97 -3.98
CHA 7BU B . -8.36 4.35 -6.40
CHB 7BU B . -4.25 1.67 -6.21
CHC 7BU B . -3.71 3.41 -1.66
CHD 7BU B . -8.58 3.99 -1.53
C1A 7BU B . -7.22 3.59 -6.80
C1B 7BU B . -3.68 1.92 -4.92
C1C 7BU B . -5.03 3.67 -1.19
C1D 7BU B . -8.99 4.18 -2.88
C1FA 7BU B . -9.18 4.95 -7.56
C1FB 7BU B . -3.51 0.73 -7.18
C1FC 7BU B . -2.60 3.62 -0.61
C1FD 7BU B . -9.64 4.13 -0.42
C2A 7BU B . -6.90 3.18 -8.17
C2B 7BU B . -2.32 1.61 -4.49
C2C 7BU B . -5.40 3.94 0.20
C2D 7BU B . -10.24 4.78 -3.33
C3A 7BU B . -5.80 2.39 -8.11
C3B 7BU B . -2.15 2.15 -3.27
C3C 7BU B . -6.74 4.03 0.24
C3D 7BU B . -10.16 4.95 -4.66
C4A 7BU B . -5.42 2.31 -6.71
C4B 7BU B . -3.40 2.78 -2.90
C4C 7BU B . -7.23 3.83 -1.11
C4D 7BU B . -8.85 4.44 -5.08
NC3 7BU B . -6.17 3.62 -1.96
F21A 7BU B . -9.98 4.03 -8.12
F21B 7BU B . -2.81 -0.24 -6.52
F21C 7BU B . -1.35 3.69 -1.10
F21D 7BU B . -9.48 3.24 0.58
F22A 7BU B . -8.39 5.39 -8.57
F22B 7BU B . -2.62 1.35 -7.97
F22C 7BU B . -2.78 4.77 0.08
F22D 7BU B . -10.90 3.93 -0.88
F23A 7BU B . -9.97 5.99 -7.23
F23B 7BU B . -4.37 0.08 -7.99
F23C 7BU B . -2.60 2.62 0.30
F23D 7BU B . -9.62 5.36 0.14
ZN 7BU B . -6.37 2.90 -3.88
H2A1 7BU B . -7.45 3.46 -9.06
H2B1 7BU B . -1.57 1.06 -5.06
H2C1 7BU B . -4.72 4.04 1.03
H2D1 7BU B . -11.08 5.06 -2.70
H3A1 7BU B . -5.30 1.93 -8.94
H3B1 7BU B . -1.26 2.10 -2.66
H3C1 7BU B . -7.36 4.22 1.11
H3D1 7BU B . -10.90 5.37 -5.30
N SER A 1 -21.81 -0.47 -4.97
CA SER A 1 -20.96 -1.29 -4.07
C SER A 1 -19.50 -1.23 -4.52
N GLU A 2 -19.28 -0.75 -5.75
CA GLU A 2 -17.96 -0.67 -6.36
C GLU A 2 -16.96 0.06 -5.45
N PHE A 3 -17.27 1.32 -5.12
CA PHE A 3 -16.38 2.13 -4.28
C PHE A 3 -16.18 1.53 -2.89
N GLU A 4 -17.15 0.75 -2.43
CA GLU A 4 -17.06 0.14 -1.12
C GLU A 4 -16.05 -0.99 -1.13
N LYS A 5 -16.01 -1.71 -2.25
CA LYS A 5 -15.07 -2.80 -2.46
C LYS A 5 -13.66 -2.24 -2.66
N LEU A 6 -13.59 -1.01 -3.13
CA LEU A 6 -12.31 -0.37 -3.40
C LEU A 6 -11.75 0.12 -2.09
N ARG A 7 -12.62 0.77 -1.31
CA ARG A 7 -12.26 1.30 -0.02
C ARG A 7 -11.93 0.20 0.98
N GLN A 8 -12.71 -0.87 0.96
CA GLN A 8 -12.48 -1.97 1.90
C GLN A 8 -11.10 -2.59 1.70
N THR A 9 -10.75 -2.89 0.45
CA THR A 9 -9.41 -3.39 0.14
C THR A 9 -8.34 -2.33 0.43
N GLY A 10 -8.75 -1.08 0.47
CA GLY A 10 -7.83 -0.01 0.79
C GLY A 10 -7.56 0.03 2.28
N ASP A 11 -8.64 -0.03 3.06
CA ASP A 11 -8.55 -0.07 4.51
C ASP A 11 -7.71 -1.26 4.96
N GLU A 12 -7.91 -2.39 4.30
CA GLU A 12 -7.16 -3.60 4.60
C GLU A 12 -5.68 -3.36 4.37
N LEU A 13 -5.36 -2.78 3.23
CA LEU A 13 -3.98 -2.48 2.87
C LEU A 13 -3.34 -1.50 3.86
N VAL A 14 -4.06 -0.43 4.22
CA VAL A 14 -3.53 0.56 5.15
C VAL A 14 -3.30 -0.05 6.54
N GLN A 15 -4.31 -0.75 7.05
CA GLN A 15 -4.20 -1.41 8.35
C GLN A 15 -3.04 -2.41 8.38
N ALA A 16 -2.84 -3.13 7.30
CA ALA A 16 -1.73 -4.05 7.19
C ALA A 16 -0.40 -3.29 7.06
N PHE A 17 -0.44 -2.16 6.36
CA PHE A 17 0.75 -1.34 6.12
C PHE A 17 1.26 -0.70 7.41
N GLN A 18 0.35 -0.19 8.22
CA GLN A 18 0.73 0.44 9.48
C GLN A 18 1.34 -0.61 10.42
N ARG A 19 0.77 -1.80 10.39
CA ARG A 19 1.27 -2.92 11.17
C ARG A 19 2.60 -3.39 10.60
N LEU A 20 2.73 -3.31 9.28
CA LEU A 20 3.94 -3.71 8.57
C LEU A 20 5.12 -2.87 9.04
N ARG A 21 4.88 -1.58 9.24
CA ARG A 21 5.92 -0.68 9.66
C ARG A 21 6.37 -0.97 11.08
N GLU A 22 5.41 -1.27 11.95
CA GLU A 22 5.72 -1.54 13.34
C GLU A 22 6.65 -2.73 13.44
N ILE A 23 6.27 -3.82 12.79
CA ILE A 23 7.09 -5.01 12.71
C ILE A 23 8.46 -4.69 12.07
N PHE A 24 8.47 -3.77 11.13
CA PHE A 24 9.68 -3.39 10.43
C PHE A 24 10.63 -2.67 11.40
N ASP A 25 10.09 -1.71 12.14
CA ASP A 25 10.85 -0.97 13.13
C ASP A 25 11.30 -1.89 14.28
N LYS A 26 10.57 -2.99 14.46
CA LYS A 26 10.91 -3.98 15.47
C LYS A 26 11.98 -4.96 14.94
N GLY A 27 12.32 -4.81 13.67
CA GLY A 27 13.32 -5.68 13.04
C GLY A 27 12.96 -7.17 13.06
N ASP A 28 11.67 -7.48 13.07
CA ASP A 28 11.26 -8.89 13.09
C ASP A 28 10.99 -9.37 11.66
N ASP A 29 12.06 -9.82 11.00
CA ASP A 29 12.00 -10.30 9.61
C ASP A 29 11.00 -11.43 9.44
N ASP A 30 10.82 -12.24 10.47
CA ASP A 30 9.94 -13.41 10.37
C ASP A 30 8.49 -13.00 10.18
N SER A 31 8.04 -12.09 11.02
CA SER A 31 6.67 -11.60 10.91
C SER A 31 6.55 -10.67 9.72
N LEU A 32 7.60 -9.90 9.46
CA LEU A 32 7.61 -8.94 8.37
C LEU A 32 7.41 -9.64 7.03
N GLU A 33 8.08 -10.77 6.83
CA GLU A 33 7.97 -11.52 5.59
C GLU A 33 6.53 -11.95 5.35
N GLN A 34 5.88 -12.44 6.40
CA GLN A 34 4.50 -12.89 6.30
C GLN A 34 3.55 -11.73 6.01
N VAL A 35 3.84 -10.58 6.62
CA VAL A 35 3.04 -9.41 6.39
C VAL A 35 3.25 -8.87 4.97
N LEU A 36 4.47 -9.00 4.45
CA LEU A 36 4.75 -8.60 3.07
C LEU A 36 3.89 -9.40 2.11
N GLU A 37 3.68 -10.66 2.44
CA GLU A 37 2.84 -11.54 1.66
C GLU A 37 1.41 -11.02 1.67
N GLU A 38 0.97 -10.58 2.84
CA GLU A 38 -0.35 -10.01 3.03
C GLU A 38 -0.48 -8.72 2.23
N ILE A 39 0.54 -7.88 2.30
CA ILE A 39 0.54 -6.60 1.60
C ILE A 39 0.45 -6.83 0.11
N GLU A 40 1.30 -7.71 -0.40
CA GLU A 40 1.31 -8.03 -1.82
C GLU A 40 -0.03 -8.56 -2.29
N GLU A 41 -0.66 -9.40 -1.48
CA GLU A 41 -1.94 -9.97 -1.84
C GLU A 41 -3.03 -8.90 -1.81
N LEU A 42 -3.00 -8.04 -0.80
CA LEU A 42 -4.00 -6.97 -0.68
C LEU A 42 -3.89 -5.99 -1.83
N ILE A 43 -2.66 -5.74 -2.29
CA ILE A 43 -2.45 -4.85 -3.41
C ILE A 43 -3.12 -5.43 -4.64
N GLN A 44 -2.90 -6.71 -4.87
CA GLN A 44 -3.46 -7.39 -6.03
C GLN A 44 -4.98 -7.37 -5.97
N LYS A 45 -5.52 -7.70 -4.81
CA LYS A 45 -6.97 -7.75 -4.62
C LYS A 45 -7.62 -6.38 -4.82
N HIS A 46 -6.92 -5.34 -4.42
CA HIS A 46 -7.42 -3.97 -4.58
C HIS A 46 -7.26 -3.55 -6.05
N ARG A 47 -6.11 -3.89 -6.62
CA ARG A 47 -5.78 -3.57 -8.00
C ARG A 47 -6.70 -4.30 -9.01
N GLN A 48 -7.09 -5.54 -8.69
CA GLN A 48 -7.96 -6.34 -9.58
C GLN A 48 -9.28 -5.62 -9.85
N LEU A 49 -9.76 -4.91 -8.85
CA LEU A 49 -11.00 -4.16 -8.97
C LEU A 49 -10.82 -3.02 -9.96
N PHE A 50 -9.61 -2.48 -9.99
CA PHE A 50 -9.28 -1.38 -10.88
C PHE A 50 -9.14 -1.89 -12.31
N ASP A 51 -8.70 -3.14 -12.47
CA ASP A 51 -8.54 -3.74 -13.79
C ASP A 51 -9.89 -3.87 -14.47
N ASN A 52 -10.89 -4.20 -13.66
CA ASN A 52 -12.23 -4.45 -14.16
C ASN A 52 -12.98 -3.17 -14.50
N ARG A 53 -13.60 -2.56 -13.50
CA ARG A 53 -14.42 -1.38 -13.75
C ARG A 53 -13.66 -0.06 -13.47
N GLN A 54 -12.53 -0.15 -12.76
CA GLN A 54 -11.69 1.03 -12.43
C GLN A 54 -12.34 1.90 -11.36
N GLU A 55 -13.45 2.56 -11.73
CA GLU A 55 -14.15 3.52 -10.87
C GLU A 55 -13.17 4.56 -10.31
N ALA A 56 -12.37 5.13 -11.20
CA ALA A 56 -11.37 6.10 -10.81
C ALA A 56 -12.01 7.36 -10.25
N ALA A 57 -11.85 7.56 -8.94
CA ALA A 57 -12.40 8.74 -8.28
C ALA A 57 -11.57 9.96 -8.61
N ASP A 58 -10.35 9.73 -9.05
CA ASP A 58 -9.43 10.81 -9.40
C ASP A 58 -8.25 10.24 -10.18
N THR A 59 -7.82 10.96 -11.20
CA THR A 59 -6.73 10.49 -12.03
C THR A 59 -5.38 10.58 -11.31
N GLU A 60 -5.21 11.62 -10.49
CA GLU A 60 -3.95 11.77 -9.77
C GLU A 60 -3.83 10.70 -8.70
N ALA A 61 -4.96 10.31 -8.12
CA ALA A 61 -4.99 9.26 -7.11
C ALA A 61 -4.46 7.95 -7.69
N ALA A 62 -4.89 7.63 -8.91
CA ALA A 62 -4.41 6.43 -9.59
C ALA A 62 -2.92 6.57 -9.90
N LYS A 63 -2.52 7.78 -10.28
CA LYS A 63 -1.13 8.08 -10.57
C LYS A 63 -0.25 7.86 -9.34
N GLN A 64 -0.73 8.32 -8.19
CA GLN A 64 -0.01 8.14 -6.93
C GLN A 64 -0.02 6.66 -6.56
N GLY A 65 -1.12 5.99 -6.89
CA GLY A 65 -1.24 4.57 -6.63
C GLY A 65 -0.19 3.78 -7.37
N ASP A 66 -0.02 4.06 -8.66
CA ASP A 66 1.04 3.41 -9.45
C ASP A 66 2.40 3.66 -8.85
N GLN A 67 2.63 4.90 -8.46
CA GLN A 67 3.89 5.28 -7.84
C GLN A 67 4.11 4.54 -6.54
N TRP A 68 3.06 4.42 -5.74
CA TRP A 68 3.12 3.71 -4.47
C TRP A 68 3.49 2.24 -4.72
N VAL A 69 2.94 1.68 -5.78
CA VAL A 69 3.23 0.29 -6.14
C VAL A 69 4.69 0.16 -6.53
N GLN A 70 5.18 1.10 -7.31
CA GLN A 70 6.57 1.11 -7.75
C GLN A 70 7.51 1.25 -6.55
N LEU A 71 7.15 2.15 -5.64
CA LEU A 71 7.92 2.36 -4.43
C LEU A 71 7.95 1.08 -3.59
N PHE A 72 6.81 0.38 -3.54
CA PHE A 72 6.73 -0.85 -2.79
C PHE A 72 7.58 -1.94 -3.43
N GLN A 73 7.59 -1.98 -4.76
CA GLN A 73 8.44 -2.94 -5.48
C GLN A 73 9.89 -2.72 -5.12
N ARG A 74 10.29 -1.46 -5.10
CA ARG A 74 11.64 -1.08 -4.73
C ARG A 74 11.90 -1.44 -3.27
N PHE A 75 10.90 -1.24 -2.43
CA PHE A 75 11.00 -1.56 -1.02
C PHE A 75 11.16 -3.08 -0.83
N ARG A 76 10.31 -3.85 -1.48
CA ARG A 76 10.39 -5.30 -1.41
C ARG A 76 11.72 -5.80 -1.95
N GLU A 77 12.13 -5.27 -3.09
CA GLU A 77 13.35 -5.65 -3.74
C GLU A 77 14.54 -5.36 -2.84
N ALA A 78 14.44 -4.28 -2.11
CA ALA A 78 15.50 -3.87 -1.22
C ALA A 78 15.62 -4.83 -0.04
N ILE A 79 14.50 -5.43 0.37
CA ILE A 79 14.52 -6.37 1.49
C ILE A 79 15.17 -7.67 1.03
N ASP A 80 14.86 -8.05 -0.21
CA ASP A 80 15.43 -9.26 -0.81
C ASP A 80 16.92 -9.08 -1.01
N LYS A 81 17.33 -7.86 -1.34
CA LYS A 81 18.74 -7.54 -1.55
C LYS A 81 19.44 -7.20 -0.22
N GLY A 82 18.68 -7.14 0.86
CA GLY A 82 19.25 -6.80 2.16
C GLY A 82 19.74 -5.37 2.24
N ASP A 83 19.17 -4.49 1.43
CA ASP A 83 19.59 -3.10 1.38
C ASP A 83 18.80 -2.27 2.38
N LYS A 84 19.40 -2.02 3.54
CA LYS A 84 18.71 -1.30 4.61
C LYS A 84 18.63 0.20 4.29
N ASP A 85 19.56 0.68 3.49
CA ASP A 85 19.61 2.10 3.12
C ASP A 85 18.37 2.50 2.36
N SER A 86 18.02 1.72 1.35
CA SER A 86 16.86 1.99 0.54
C SER A 86 15.58 1.82 1.35
N LEU A 87 15.60 0.88 2.29
CA LEU A 87 14.41 0.56 3.07
C LEU A 87 13.91 1.74 3.88
N GLU A 88 14.83 2.39 4.60
CA GLU A 88 14.46 3.52 5.44
C GLU A 88 13.82 4.65 4.62
N GLN A 89 14.44 4.99 3.51
CA GLN A 89 13.94 6.06 2.66
C GLN A 89 12.63 5.66 1.96
N LEU A 90 12.59 4.44 1.44
CA LEU A 90 11.41 3.97 0.72
C LEU A 90 10.22 3.79 1.65
N LEU A 91 10.48 3.38 2.88
CA LEU A 91 9.41 3.20 3.86
C LEU A 91 8.72 4.52 4.16
N GLU A 92 9.51 5.57 4.33
CA GLU A 92 8.98 6.89 4.61
C GLU A 92 8.22 7.44 3.41
N GLU A 93 8.73 7.18 2.21
CA GLU A 93 8.08 7.64 1.00
C GLU A 93 6.78 6.88 0.76
N LEU A 94 6.78 5.59 1.08
CA LEU A 94 5.58 4.77 0.96
C LEU A 94 4.49 5.30 1.88
N GLU A 95 4.88 5.61 3.10
CA GLU A 95 3.98 6.15 4.09
C GLU A 95 3.42 7.50 3.61
N GLN A 96 4.28 8.34 3.06
CA GLN A 96 3.88 9.67 2.61
C GLN A 96 2.97 9.56 1.37
N ALA A 97 3.30 8.62 0.50
CA ALA A 97 2.52 8.39 -0.71
C ALA A 97 1.14 7.87 -0.36
N LEU A 98 1.07 7.12 0.72
CA LEU A 98 -0.20 6.58 1.21
C LEU A 98 -1.05 7.73 1.73
N GLN A 99 -0.39 8.67 2.39
CA GLN A 99 -1.04 9.87 2.91
C GLN A 99 -1.62 10.71 1.79
N LYS A 100 -0.98 10.66 0.63
CA LYS A 100 -1.40 11.47 -0.50
C LYS A 100 -2.71 10.92 -1.07
N ILE A 101 -2.77 9.61 -1.21
CA ILE A 101 -3.93 8.95 -1.77
C ILE A 101 -5.12 9.08 -0.82
N ARG A 102 -4.88 8.86 0.47
CA ARG A 102 -5.92 9.02 1.48
C ARG A 102 -6.45 10.45 1.47
N GLU A 103 -5.54 11.40 1.27
CA GLU A 103 -5.90 12.82 1.22
C GLU A 103 -6.88 13.08 0.08
N LEU A 104 -6.59 12.54 -1.08
CA LEU A 104 -7.43 12.73 -2.25
C LEU A 104 -8.79 12.06 -2.09
N ALA A 105 -8.81 10.89 -1.49
CA ALA A 105 -10.06 10.15 -1.29
C ALA A 105 -10.92 10.79 -0.22
N GLU A 106 -10.28 11.46 0.72
CA GLU A 106 -10.98 12.11 1.82
C GLU A 106 -11.33 13.56 1.45
N LYS A 107 -10.67 14.08 0.43
CA LYS A 107 -10.85 15.47 0.02
C LYS A 107 -12.05 15.66 -0.91
N LYS A 108 -12.47 14.60 -1.59
CA LYS A 108 -13.54 14.74 -2.56
C LYS A 108 -14.59 13.66 -2.34
N ASN A 109 -15.84 14.04 -2.42
CA ASN A 109 -16.95 13.10 -2.22
C ASN A 109 -18.05 13.39 -3.22
NA1 7BU B . -6.00 2.73 -6.31
NB2 7BU B . -4.08 2.33 -4.20
ND4 7BU B . -7.95 3.69 -4.41
CHA 7BU B . -8.05 4.05 -6.86
CHB 7BU B . -3.92 1.40 -6.48
CHC 7BU B . -3.56 3.12 -1.92
CHD 7BU B . -8.44 3.75 -1.98
C1A 7BU B . -6.86 3.34 -7.20
C1B 7BU B . -3.40 1.65 -5.18
C1C 7BU B . -4.90 3.42 -1.50
C1D 7BU B . -8.80 3.92 -3.35
C1FA 7BU B . -8.79 4.70 -8.04
C1FB 7BU B . -3.10 0.54 -7.45
C1FC 7BU B . -2.49 3.36 -0.83
C1FD 7BU B . -9.53 3.95 -0.92
C2A 7BU B . -6.42 3.03 -8.56
C2B 7BU B . -2.04 1.41 -4.74
C2C 7BU B . -5.31 3.74 -0.15
C2D 7BU B . -10.03 4.54 -3.85
C3A 7BU B . -5.32 2.25 -8.46
C3B 7BU B . -1.92 1.94 -3.50
C3C 7BU B . -6.66 3.84 -0.14
C3D 7BU B . -9.90 4.68 -5.18
C4A 7BU B . -5.05 2.07 -7.04
C4B 7BU B . -3.21 2.52 -3.15
C4C 7BU B . -7.11 3.60 -1.51
C4D 7BU B . -8.58 4.15 -5.54
NC3 7BU B . -6.02 3.34 -2.31
F21A 7BU B . -9.58 3.81 -8.68
F21B 7BU B . -2.41 -0.44 -6.80
F21C 7BU B . -1.24 3.47 -1.30
F21D 7BU B . -9.39 3.11 0.15
F22A 7BU B . -7.95 5.17 -8.99
F22B 7BU B . -2.18 1.23 -8.16
F22C 7BU B . -2.72 4.51 -0.15
F22D 7BU B . -10.77 3.70 -1.41
F23A 7BU B . -9.59 5.75 -7.71
F23B 7BU B . -3.90 -0.10 -8.36
F23C 7BU B . -2.47 2.36 0.08
F23D 7BU B . -9.56 5.21 -0.43
ZN 7BU B . -6.16 2.61 -4.24
H2A1 7BU B . -6.89 3.36 -9.46
H2B1 7BU B . -1.26 0.90 -5.30
H2C1 7BU B . -4.66 3.85 0.71
H2D1 7BU B . -10.87 4.83 -3.25
H3A1 7BU B . -4.74 1.86 -9.27
H3B1 7BU B . -1.04 1.94 -2.87
H3C1 7BU B . -7.29 4.08 0.69
H3D1 7BU B . -10.63 5.09 -5.86
N SER A 1 -16.74 -0.23 -9.19
CA SER A 1 -17.89 -0.90 -8.57
C SER A 1 -18.30 -0.17 -7.29
N GLU A 2 -19.11 -0.83 -6.47
CA GLU A 2 -19.61 -0.26 -5.22
C GLU A 2 -18.49 0.40 -4.41
N PHE A 3 -18.71 1.65 -4.04
CA PHE A 3 -17.77 2.42 -3.25
C PHE A 3 -17.66 1.83 -1.86
N GLU A 4 -18.66 1.04 -1.48
CA GLU A 4 -18.69 0.40 -0.19
C GLU A 4 -17.59 -0.64 -0.12
N LYS A 5 -17.49 -1.47 -1.14
CA LYS A 5 -16.46 -2.49 -1.22
C LYS A 5 -15.08 -1.85 -1.31
N LEU A 6 -14.95 -0.87 -2.20
CA LEU A 6 -13.69 -0.10 -2.31
C LEU A 6 -13.20 0.37 -0.93
N ARG A 7 -14.11 0.89 -0.11
CA ARG A 7 -13.76 1.31 1.24
C ARG A 7 -13.39 0.11 2.12
N GLN A 8 -14.20 -0.94 2.04
CA GLN A 8 -13.99 -2.15 2.86
C GLN A 8 -12.68 -2.84 2.51
N THR A 9 -12.25 -2.73 1.26
CA THR A 9 -11.00 -3.35 0.84
C THR A 9 -9.83 -2.46 1.20
N GLY A 10 -10.14 -1.19 1.46
CA GLY A 10 -9.12 -0.25 1.86
C GLY A 10 -8.82 -0.43 3.32
N ASP A 11 -9.87 -0.62 4.11
CA ASP A 11 -9.74 -0.88 5.53
C ASP A 11 -8.88 -2.11 5.78
N GLU A 12 -9.08 -3.13 4.96
CA GLU A 12 -8.30 -4.36 5.08
C GLU A 12 -6.84 -4.08 4.80
N LEU A 13 -6.58 -3.34 3.71
CA LEU A 13 -5.23 -2.98 3.34
C LEU A 13 -4.55 -2.13 4.43
N VAL A 14 -5.28 -1.18 5.00
CA VAL A 14 -4.75 -0.36 6.08
C VAL A 14 -4.42 -1.23 7.30
N GLN A 15 -5.35 -2.10 7.66
CA GLN A 15 -5.16 -3.01 8.78
C GLN A 15 -3.92 -3.87 8.57
N ALA A 16 -3.76 -4.41 7.37
CA ALA A 16 -2.59 -5.23 7.02
C ALA A 16 -1.33 -4.37 7.02
N PHE A 17 -1.47 -3.13 6.56
CA PHE A 17 -0.37 -2.18 6.52
C PHE A 17 0.10 -1.85 7.94
N GLN A 18 -0.85 -1.75 8.85
CA GLN A 18 -0.57 -1.50 10.25
C GLN A 18 0.25 -2.67 10.81
N ARG A 19 -0.18 -3.88 10.45
CA ARG A 19 0.51 -5.10 10.84
C ARG A 19 1.90 -5.13 10.22
N LEU A 20 1.99 -4.58 9.01
CA LEU A 20 3.24 -4.52 8.27
C LEU A 20 4.27 -3.72 9.07
N ARG A 21 3.83 -2.63 9.71
CA ARG A 21 4.74 -1.83 10.53
C ARG A 21 5.21 -2.60 11.72
N GLU A 22 4.30 -3.30 12.40
CA GLU A 22 4.64 -4.00 13.61
C GLU A 22 5.71 -5.03 13.32
N ILE A 23 5.44 -5.88 12.36
CA ILE A 23 6.38 -6.90 11.93
C ILE A 23 7.69 -6.29 11.39
N PHE A 24 7.59 -5.18 10.68
CA PHE A 24 8.78 -4.53 10.11
C PHE A 24 9.64 -3.91 11.22
N ASP A 25 8.99 -3.17 12.12
CA ASP A 25 9.68 -2.51 13.24
C ASP A 25 10.31 -3.56 14.17
N LYS A 26 9.77 -4.76 14.15
CA LYS A 26 10.31 -5.86 14.95
C LYS A 26 11.34 -6.68 14.16
N GLY A 27 11.64 -6.21 12.94
CA GLY A 27 12.63 -6.86 12.09
C GLY A 27 12.34 -8.32 11.77
N ASP A 28 11.08 -8.70 11.75
CA ASP A 28 10.73 -10.08 11.46
C ASP A 28 10.61 -10.29 9.94
N ASP A 29 11.75 -10.48 9.29
CA ASP A 29 11.82 -10.69 7.83
C ASP A 29 10.94 -11.86 7.38
N ASP A 30 10.84 -12.89 8.21
CA ASP A 30 10.10 -14.10 7.84
C ASP A 30 8.62 -13.82 7.74
N SER A 31 8.06 -13.16 8.73
CA SER A 31 6.66 -12.85 8.75
C SER A 31 6.36 -11.71 7.76
N LEU A 32 7.34 -10.83 7.59
CA LEU A 32 7.21 -9.68 6.70
C LEU A 32 6.96 -10.12 5.26
N GLU A 33 7.67 -11.14 4.81
CA GLU A 33 7.51 -11.66 3.45
C GLU A 33 6.07 -12.13 3.23
N GLN A 34 5.51 -12.78 4.25
CA GLN A 34 4.15 -13.28 4.20
C GLN A 34 3.17 -12.14 4.00
N VAL A 35 3.39 -11.07 4.75
CA VAL A 35 2.54 -9.90 4.72
C VAL A 35 2.64 -9.16 3.39
N LEU A 36 3.85 -9.12 2.81
CA LEU A 36 4.07 -8.42 1.55
C LEU A 36 3.21 -9.03 0.45
N GLU A 37 3.12 -10.35 0.45
CA GLU A 37 2.34 -11.06 -0.52
C GLU A 37 0.85 -10.76 -0.33
N GLU A 38 0.43 -10.66 0.93
CA GLU A 38 -0.95 -10.35 1.26
C GLU A 38 -1.28 -8.92 0.83
N ILE A 39 -0.33 -8.02 1.03
CA ILE A 39 -0.50 -6.63 0.64
C ILE A 39 -0.76 -6.57 -0.87
N GLU A 40 0.07 -7.29 -1.62
CA GLU A 40 -0.08 -7.36 -3.07
C GLU A 40 -1.47 -7.87 -3.47
N GLU A 41 -1.95 -8.88 -2.76
CA GLU A 41 -3.22 -9.49 -3.10
C GLU A 41 -4.37 -8.54 -2.75
N LEU A 42 -4.22 -7.80 -1.66
CA LEU A 42 -5.24 -6.86 -1.23
C LEU A 42 -5.34 -5.71 -2.22
N ILE A 43 -4.19 -5.30 -2.75
CA ILE A 43 -4.14 -4.25 -3.74
C ILE A 43 -4.95 -4.66 -4.96
N GLN A 44 -4.80 -5.92 -5.37
CA GLN A 44 -5.50 -6.44 -6.53
C GLN A 44 -7.01 -6.42 -6.30
N LYS A 45 -7.44 -6.91 -5.14
CA LYS A 45 -8.86 -6.99 -4.83
C LYS A 45 -9.50 -5.61 -4.75
N HIS A 46 -8.74 -4.65 -4.26
CA HIS A 46 -9.23 -3.29 -4.11
C HIS A 46 -9.24 -2.58 -5.48
N ARG A 47 -8.17 -2.76 -6.24
CA ARG A 47 -8.05 -2.14 -7.57
C ARG A 47 -9.00 -2.76 -8.59
N GLN A 48 -9.15 -4.09 -8.56
CA GLN A 48 -9.98 -4.78 -9.56
C GLN A 48 -11.43 -4.30 -9.54
N LEU A 49 -11.92 -3.91 -8.37
CA LEU A 49 -13.28 -3.43 -8.26
C LEU A 49 -13.46 -2.13 -9.05
N PHE A 50 -12.38 -1.39 -9.15
CA PHE A 50 -12.37 -0.16 -9.91
C PHE A 50 -12.25 -0.45 -11.40
N ASP A 51 -11.51 -1.50 -11.73
CA ASP A 51 -11.25 -1.86 -13.12
C ASP A 51 -12.39 -2.62 -13.79
N ASN A 52 -13.03 -3.51 -13.03
CA ASN A 52 -14.13 -4.35 -13.54
C ASN A 52 -15.23 -3.51 -14.17
N ARG A 53 -15.81 -2.62 -13.39
CA ARG A 53 -16.88 -1.77 -13.86
C ARG A 53 -17.05 -0.58 -12.94
N GLN A 54 -17.72 0.46 -13.43
CA GLN A 54 -17.94 1.68 -12.67
C GLN A 54 -16.64 2.32 -12.23
N GLU A 55 -15.91 2.85 -13.21
CA GLU A 55 -14.64 3.50 -12.98
C GLU A 55 -14.83 4.97 -12.59
N ALA A 56 -15.94 5.26 -11.92
CA ALA A 56 -16.26 6.61 -11.52
C ALA A 56 -15.65 6.92 -10.16
N ALA A 57 -14.58 7.68 -10.15
CA ALA A 57 -13.90 8.04 -8.92
C ALA A 57 -13.09 9.31 -9.10
N ASP A 58 -12.31 9.66 -8.09
CA ASP A 58 -11.49 10.85 -8.14
C ASP A 58 -10.19 10.60 -8.90
N THR A 59 -9.70 11.63 -9.57
CA THR A 59 -8.50 11.53 -10.39
C THR A 59 -7.23 11.55 -9.53
N GLU A 60 -7.19 12.44 -8.54
CA GLU A 60 -6.01 12.56 -7.69
C GLU A 60 -5.89 11.34 -6.78
N ALA A 61 -7.01 10.85 -6.30
CA ALA A 61 -7.02 9.65 -5.46
C ALA A 61 -6.43 8.46 -6.20
N ALA A 62 -6.84 8.31 -7.47
CA ALA A 62 -6.33 7.23 -8.30
C ALA A 62 -4.82 7.40 -8.54
N LYS A 63 -4.39 8.65 -8.70
CA LYS A 63 -2.97 8.95 -8.92
C LYS A 63 -2.12 8.51 -7.72
N GLN A 64 -2.59 8.83 -6.52
CA GLN A 64 -1.88 8.46 -5.30
C GLN A 64 -1.88 6.95 -5.13
N GLY A 65 -2.94 6.32 -5.63
CA GLY A 65 -3.06 4.89 -5.53
C GLY A 65 -1.99 4.19 -6.34
N ASP A 66 -1.82 4.63 -7.59
CA ASP A 66 -0.79 4.08 -8.48
C ASP A 66 0.61 4.36 -7.95
N GLN A 67 0.80 5.55 -7.41
CA GLN A 67 2.09 5.95 -6.86
C GLN A 67 2.44 5.10 -5.64
N TRP A 68 1.44 4.82 -4.81
CA TRP A 68 1.63 4.02 -3.62
C TRP A 68 2.06 2.60 -4.00
N VAL A 69 1.45 2.08 -5.06
CA VAL A 69 1.75 0.73 -5.53
C VAL A 69 3.17 0.68 -6.09
N GLN A 70 3.57 1.73 -6.78
CA GLN A 70 4.88 1.84 -7.37
C GLN A 70 5.94 1.89 -6.26
N LEU A 71 5.65 2.67 -5.23
CA LEU A 71 6.51 2.78 -4.06
C LEU A 71 6.61 1.43 -3.36
N PHE A 72 5.50 0.71 -3.29
CA PHE A 72 5.47 -0.60 -2.65
C PHE A 72 6.39 -1.57 -3.37
N GLN A 73 6.36 -1.53 -4.70
CA GLN A 73 7.22 -2.38 -5.51
C GLN A 73 8.67 -2.08 -5.22
N ARG A 74 8.97 -0.81 -5.03
CA ARG A 74 10.32 -0.38 -4.72
C ARG A 74 10.69 -0.82 -3.30
N PHE A 75 9.74 -0.69 -2.39
CA PHE A 75 9.94 -1.09 -1.01
C PHE A 75 10.22 -2.59 -0.92
N ARG A 76 9.40 -3.39 -1.58
CA ARG A 76 9.60 -4.84 -1.59
C ARG A 76 10.92 -5.18 -2.27
N GLU A 77 11.23 -4.46 -3.35
CA GLU A 77 12.44 -4.70 -4.13
C GLU A 77 13.66 -4.40 -3.28
N ALA A 78 13.54 -3.42 -2.41
CA ALA A 78 14.62 -3.03 -1.54
C ALA A 78 14.96 -4.14 -0.57
N ILE A 79 13.95 -4.91 -0.16
CA ILE A 79 14.16 -6.01 0.76
C ILE A 79 14.89 -7.14 0.05
N ASP A 80 14.56 -7.32 -1.22
CA ASP A 80 15.17 -8.37 -2.04
C ASP A 80 16.63 -8.05 -2.25
N LYS A 81 16.92 -6.76 -2.42
CA LYS A 81 18.28 -6.30 -2.66
C LYS A 81 19.05 -6.11 -1.34
N GLY A 82 18.35 -6.27 -0.23
CA GLY A 82 18.98 -6.10 1.08
C GLY A 82 19.36 -4.66 1.38
N ASP A 83 18.63 -3.74 0.79
CA ASP A 83 18.90 -2.32 0.99
C ASP A 83 18.10 -1.78 2.16
N LYS A 84 18.75 -1.74 3.32
CA LYS A 84 18.08 -1.29 4.54
C LYS A 84 17.85 0.21 4.54
N ASP A 85 18.73 0.94 3.86
CA ASP A 85 18.65 2.40 3.78
C ASP A 85 17.36 2.87 3.13
N SER A 86 17.04 2.33 1.98
CA SER A 86 15.84 2.72 1.26
C SER A 86 14.56 2.30 1.97
N LEU A 87 14.61 1.18 2.70
CA LEU A 87 13.42 0.66 3.37
C LEU A 87 12.85 1.67 4.35
N GLU A 88 13.72 2.20 5.19
CA GLU A 88 13.32 3.20 6.18
C GLU A 88 12.69 4.42 5.52
N GLN A 89 13.33 4.90 4.46
CA GLN A 89 12.88 6.10 3.75
C GLN A 89 11.55 5.85 3.02
N LEU A 90 11.47 4.73 2.34
CA LEU A 90 10.28 4.38 1.55
C LEU A 90 9.09 4.07 2.45
N LEU A 91 9.35 3.44 3.57
CA LEU A 91 8.29 3.05 4.49
C LEU A 91 7.55 4.26 5.03
N GLU A 92 8.30 5.28 5.44
CA GLU A 92 7.69 6.51 5.95
C GLU A 92 6.85 7.16 4.85
N GLU A 93 7.38 7.15 3.62
CA GLU A 93 6.68 7.73 2.48
C GLU A 93 5.38 6.98 2.21
N LEU A 94 5.42 5.66 2.38
CA LEU A 94 4.25 4.81 2.16
C LEU A 94 3.13 5.20 3.11
N GLU A 95 3.48 5.38 4.37
CA GLU A 95 2.50 5.75 5.40
C GLU A 95 1.83 7.08 5.09
N GLN A 96 2.64 8.05 4.67
CA GLN A 96 2.13 9.38 4.39
C GLN A 96 1.21 9.37 3.17
N ALA A 97 1.61 8.61 2.16
CA ALA A 97 0.82 8.52 0.94
C ALA A 97 -0.46 7.74 1.21
N LEU A 98 -0.35 6.68 2.02
CA LEU A 98 -1.51 5.87 2.39
C LEU A 98 -2.51 6.72 3.15
N GLN A 99 -2.02 7.49 4.10
CA GLN A 99 -2.84 8.37 4.88
C GLN A 99 -3.50 9.41 3.98
N LYS A 100 -2.79 9.83 2.92
CA LYS A 100 -3.31 10.81 2.00
C LYS A 100 -4.42 10.24 1.14
N ILE A 101 -4.24 9.01 0.67
CA ILE A 101 -5.25 8.38 -0.17
C ILE A 101 -6.57 8.25 0.57
N ARG A 102 -6.50 7.81 1.82
CA ARG A 102 -7.71 7.68 2.64
C ARG A 102 -8.31 9.07 2.90
N GLU A 103 -7.45 10.07 2.96
CA GLU A 103 -7.88 11.46 3.14
C GLU A 103 -8.51 11.99 1.85
N LEU A 104 -8.05 11.48 0.70
CA LEU A 104 -8.55 11.89 -0.59
C LEU A 104 -9.92 11.30 -0.82
N ALA A 105 -10.18 10.17 -0.16
CA ALA A 105 -11.48 9.53 -0.20
C ALA A 105 -12.53 10.45 0.45
N GLU A 106 -12.05 11.44 1.19
CA GLU A 106 -12.90 12.44 1.83
C GLU A 106 -12.79 13.72 1.00
N LYS A 107 -12.08 13.57 -0.11
CA LYS A 107 -11.71 14.62 -1.06
C LYS A 107 -11.00 15.81 -0.41
N LYS A 108 -11.78 16.70 0.21
CA LYS A 108 -11.24 17.93 0.79
C LYS A 108 -10.74 18.84 -0.33
N ASN A 109 -11.64 19.61 -0.90
CA ASN A 109 -11.32 20.50 -2.00
C ASN A 109 -12.37 21.60 -2.09
NA1 7BU B . -7.51 3.47 -4.87
NB2 7BU B . -5.53 2.64 -2.95
ND4 7BU B . -9.31 4.23 -2.74
CHA 7BU B . -9.48 4.97 -5.09
CHB 7BU B . -5.53 2.06 -5.35
CHC 7BU B . -4.87 3.04 -0.61
CHD 7BU B . -9.70 3.92 -0.32
C1A 7BU B . -8.38 4.23 -5.61
C1B 7BU B . -4.94 2.07 -4.05
C1C 7BU B . -6.16 3.33 -0.09
C1D 7BU B . -10.10 4.33 -1.61
C1FA 7BU B . -10.25 5.79 -6.13
C1FB 7BU B . -4.84 1.27 -6.48
C1FC 7BU B . -3.75 3.04 0.43
C1FD 7BU B . -10.73 3.97 0.83
C2A 7BU B . -8.06 4.05 -7.03
C2B 7BU B . -3.60 1.64 -3.72
C2C 7BU B . -6.50 3.44 1.33
C2D 7BU B . -11.30 5.07 -1.95
C3A 7BU B . -7.01 3.21 -7.10
C3B 7BU B . -3.39 1.97 -2.41
C3C 7BU B . -7.83 3.62 1.42
C3D 7BU B . -11.22 5.41 -3.25
C4A 7BU B . -6.65 2.84 -5.73
C4B 7BU B . -4.61 2.60 -1.93
C4C 7BU B . -8.35 3.63 0.06
C4D 7BU B . -9.96 4.89 -3.76
NC3 7BU B . -7.31 3.45 -0.83
F21A 7BU B . -11.11 5.03 -6.84
F21B 7BU B . -4.23 0.15 -6.00
F21C 7BU B . -2.50 3.11 -0.07
F21D 7BU B . -10.61 2.94 1.69
F22A 7BU B . -9.43 6.36 -7.05
F22B 7BU B . -3.87 1.96 -7.11
F22C 7BU B . -3.86 4.09 1.27
F22D 7BU B . -11.99 3.91 0.36
F23A 7BU B . -11.00 6.80 -5.62
F23B 7BU B . -5.71 0.85 -7.42
F23C 7BU B . -3.79 1.93 1.20
F23D 7BU B . -10.62 5.11 1.55
ZN 7BU B . -7.58 3.04 -2.84
H2A1 7BU B . -8.57 4.52 -7.86
H2B1 7BU B . -2.89 1.16 -4.37
H2C1 7BU B . -5.80 3.39 2.16
H2D1 7BU B . -12.11 5.30 -1.28
H3A1 7BU B . -6.52 2.87 -7.99
H3B1 7BU B . -2.50 1.80 -1.84
H3C1 7BU B . -8.42 3.74 2.31
H3D1 7BU B . -11.95 5.96 -3.82
N SER A 1 -16.34 0.25 -8.89
CA SER A 1 -17.47 -0.69 -8.88
C SER A 1 -17.58 -1.32 -7.50
N GLU A 2 -18.81 -1.34 -6.97
CA GLU A 2 -19.08 -1.88 -5.63
C GLU A 2 -18.26 -1.12 -4.58
N PHE A 3 -18.74 0.08 -4.26
CA PHE A 3 -18.03 0.98 -3.34
C PHE A 3 -17.80 0.35 -1.97
N GLU A 4 -18.73 -0.48 -1.54
CA GLU A 4 -18.64 -1.13 -0.25
C GLU A 4 -17.39 -1.98 -0.15
N LYS A 5 -17.17 -2.78 -1.19
CA LYS A 5 -16.04 -3.67 -1.22
C LYS A 5 -14.72 -2.91 -1.36
N LEU A 6 -14.65 -2.00 -2.34
CA LEU A 6 -13.44 -1.18 -2.49
C LEU A 6 -13.09 -0.45 -1.18
N ARG A 7 -14.09 0.11 -0.48
CA ARG A 7 -13.83 0.73 0.82
C ARG A 7 -13.33 -0.31 1.83
N GLN A 8 -14.00 -1.45 1.86
CA GLN A 8 -13.63 -2.54 2.76
C GLN A 8 -12.21 -3.04 2.49
N THR A 9 -11.89 -3.30 1.23
CA THR A 9 -10.54 -3.74 0.86
C THR A 9 -9.50 -2.67 1.13
N GLY A 10 -9.95 -1.41 1.11
CA GLY A 10 -9.05 -0.32 1.38
C GLY A 10 -8.71 -0.25 2.85
N ASP A 11 -9.75 -0.25 3.67
CA ASP A 11 -9.58 -0.25 5.12
C ASP A 11 -8.79 -1.47 5.59
N GLU A 12 -9.07 -2.63 4.99
CA GLU A 12 -8.32 -3.85 5.30
C GLU A 12 -6.86 -3.68 4.95
N LEU A 13 -6.61 -3.06 3.80
CA LEU A 13 -5.25 -2.77 3.35
C LEU A 13 -4.55 -1.86 4.36
N VAL A 14 -5.26 -0.84 4.84
CA VAL A 14 -4.70 0.07 5.83
C VAL A 14 -4.33 -0.69 7.09
N GLN A 15 -5.25 -1.54 7.55
CA GLN A 15 -5.01 -2.36 8.73
C GLN A 15 -3.77 -3.23 8.57
N ALA A 16 -3.66 -3.88 7.42
CA ALA A 16 -2.50 -4.74 7.14
C ALA A 16 -1.23 -3.91 7.00
N PHE A 17 -1.36 -2.73 6.40
CA PHE A 17 -0.22 -1.83 6.23
C PHE A 17 0.30 -1.38 7.60
N GLN A 18 -0.63 -1.10 8.50
CA GLN A 18 -0.29 -0.72 9.86
C GLN A 18 0.48 -1.85 10.54
N ARG A 19 0.02 -3.07 10.31
CA ARG A 19 0.66 -4.26 10.87
C ARG A 19 2.04 -4.44 10.25
N LEU A 20 2.16 -4.09 8.98
CA LEU A 20 3.42 -4.20 8.25
C LEU A 20 4.46 -3.30 8.90
N ARG A 21 4.03 -2.11 9.31
CA ARG A 21 4.92 -1.15 9.96
C ARG A 21 5.43 -1.73 11.27
N GLU A 22 4.53 -2.34 12.05
CA GLU A 22 4.89 -2.91 13.33
C GLU A 22 5.94 -3.99 13.15
N ILE A 23 5.66 -4.92 12.24
CA ILE A 23 6.61 -5.97 11.90
C ILE A 23 7.95 -5.39 11.44
N PHE A 24 7.88 -4.28 10.71
CA PHE A 24 9.07 -3.63 10.17
C PHE A 24 9.93 -3.05 11.29
N ASP A 25 9.29 -2.33 12.22
CA ASP A 25 10.00 -1.75 13.36
C ASP A 25 10.66 -2.83 14.21
N LYS A 26 10.10 -4.04 14.15
CA LYS A 26 10.64 -5.16 14.92
C LYS A 26 11.66 -5.95 14.10
N GLY A 27 11.92 -5.48 12.86
CA GLY A 27 12.88 -6.14 11.99
C GLY A 27 12.60 -7.62 11.75
N ASP A 28 11.35 -8.01 11.80
CA ASP A 28 11.01 -9.42 11.66
C ASP A 28 10.75 -9.78 10.19
N ASP A 29 11.83 -10.12 9.49
CA ASP A 29 11.77 -10.49 8.05
C ASP A 29 10.79 -11.62 7.79
N ASP A 30 10.65 -12.51 8.75
CA ASP A 30 9.80 -13.68 8.57
C ASP A 30 8.35 -13.30 8.50
N SER A 31 7.91 -12.49 9.45
CA SER A 31 6.53 -12.06 9.48
C SER A 31 6.28 -11.01 8.41
N LEU A 32 7.30 -10.20 8.13
CA LEU A 32 7.21 -9.13 7.15
C LEU A 32 6.87 -9.69 5.77
N GLU A 33 7.51 -10.80 5.42
CA GLU A 33 7.29 -11.41 4.12
C GLU A 33 5.87 -12.00 4.05
N GLN A 34 5.43 -12.61 5.15
CA GLN A 34 4.10 -13.22 5.19
C GLN A 34 3.01 -12.15 5.09
N VAL A 35 3.20 -11.08 5.85
CA VAL A 35 2.27 -9.96 5.85
C VAL A 35 2.30 -9.25 4.49
N LEU A 36 3.48 -9.20 3.89
CA LEU A 36 3.67 -8.53 2.60
C LEU A 36 2.84 -9.21 1.52
N GLU A 37 2.73 -10.53 1.59
CA GLU A 37 1.97 -11.29 0.62
C GLU A 37 0.49 -10.99 0.75
N GLU A 38 0.03 -10.89 1.99
CA GLU A 38 -1.36 -10.58 2.27
C GLU A 38 -1.71 -9.21 1.72
N ILE A 39 -0.80 -8.27 1.92
CA ILE A 39 -0.97 -6.92 1.45
C ILE A 39 -0.98 -6.86 -0.06
N GLU A 40 -0.02 -7.54 -0.68
CA GLU A 40 0.09 -7.60 -2.13
C GLU A 40 -1.20 -8.14 -2.76
N GLU A 41 -1.77 -9.17 -2.15
CA GLU A 41 -3.02 -9.74 -2.66
C GLU A 41 -4.18 -8.77 -2.45
N LEU A 42 -4.14 -8.01 -1.35
CA LEU A 42 -5.17 -7.01 -1.07
C LEU A 42 -5.13 -5.91 -2.11
N ILE A 43 -3.93 -5.60 -2.58
CA ILE A 43 -3.75 -4.58 -3.59
C ILE A 43 -4.50 -4.94 -4.85
N GLN A 44 -4.35 -6.18 -5.27
CA GLN A 44 -5.02 -6.68 -6.47
C GLN A 44 -6.54 -6.64 -6.30
N LYS A 45 -7.02 -7.05 -5.14
CA LYS A 45 -8.45 -7.09 -4.84
C LYS A 45 -9.05 -5.69 -4.82
N HIS A 46 -8.29 -4.74 -4.34
CA HIS A 46 -8.74 -3.35 -4.23
C HIS A 46 -8.67 -2.69 -5.59
N ARG A 47 -7.56 -2.93 -6.30
CA ARG A 47 -7.32 -2.40 -7.63
C ARG A 47 -8.38 -2.84 -8.64
N GLN A 48 -8.74 -4.12 -8.59
CA GLN A 48 -9.69 -4.69 -9.56
C GLN A 48 -11.02 -3.99 -9.55
N LEU A 49 -11.56 -3.69 -8.37
CA LEU A 49 -12.87 -3.07 -8.27
C LEU A 49 -12.90 -1.68 -8.90
N PHE A 50 -11.74 -1.03 -8.90
CA PHE A 50 -11.63 0.29 -9.49
C PHE A 50 -11.53 0.22 -11.02
N ASP A 51 -10.84 -0.81 -11.50
CA ASP A 51 -10.59 -0.95 -12.95
C ASP A 51 -11.80 -1.51 -13.67
N ASN A 52 -12.62 -2.26 -12.95
CA ASN A 52 -13.83 -2.89 -13.52
C ASN A 52 -14.67 -1.93 -14.36
N ARG A 53 -15.01 -0.78 -13.80
CA ARG A 53 -15.89 0.17 -14.50
C ARG A 53 -15.54 1.62 -14.23
N GLN A 54 -14.70 1.86 -13.22
CA GLN A 54 -14.35 3.23 -12.80
C GLN A 54 -15.57 3.95 -12.21
N GLU A 55 -15.33 4.94 -11.38
CA GLU A 55 -16.42 5.69 -10.74
C GLU A 55 -16.02 7.14 -10.56
N ALA A 56 -15.16 7.61 -11.46
CA ALA A 56 -14.64 8.99 -11.44
C ALA A 56 -13.79 9.25 -10.20
N ALA A 57 -14.47 9.55 -9.08
CA ALA A 57 -13.84 9.83 -7.79
C ALA A 57 -12.91 11.05 -7.87
N ASP A 58 -11.70 10.84 -8.33
CA ASP A 58 -10.70 11.88 -8.43
C ASP A 58 -9.51 11.39 -9.24
N THR A 59 -9.03 12.20 -10.16
CA THR A 59 -7.91 11.81 -11.01
C THR A 59 -6.59 11.83 -10.24
N GLU A 60 -6.42 12.87 -9.43
CA GLU A 60 -5.22 13.02 -8.62
C GLU A 60 -5.11 11.86 -7.63
N ALA A 61 -6.25 11.47 -7.06
CA ALA A 61 -6.30 10.35 -6.15
C ALA A 61 -5.87 9.07 -6.84
N ALA A 62 -6.37 8.87 -8.06
CA ALA A 62 -6.01 7.69 -8.84
C ALA A 62 -4.53 7.71 -9.20
N LYS A 63 -4.02 8.90 -9.51
CA LYS A 63 -2.60 9.06 -9.82
C LYS A 63 -1.74 8.70 -8.62
N GLN A 64 -2.14 9.16 -7.44
CA GLN A 64 -1.43 8.81 -6.20
C GLN A 64 -1.55 7.32 -5.94
N GLY A 65 -2.65 6.74 -6.40
CA GLY A 65 -2.86 5.33 -6.24
C GLY A 65 -1.83 4.54 -7.01
N ASP A 66 -1.62 4.93 -8.27
CA ASP A 66 -0.59 4.31 -9.10
C ASP A 66 0.79 4.53 -8.52
N GLN A 67 1.02 5.73 -7.98
CA GLN A 67 2.30 6.07 -7.37
C GLN A 67 2.59 5.16 -6.18
N TRP A 68 1.57 4.94 -5.37
CA TRP A 68 1.72 4.14 -4.17
C TRP A 68 2.03 2.69 -4.55
N VAL A 69 1.40 2.21 -5.62
CA VAL A 69 1.63 0.84 -6.08
C VAL A 69 3.06 0.69 -6.53
N GLN A 70 3.57 1.69 -7.24
CA GLN A 70 4.92 1.69 -7.71
C GLN A 70 5.89 1.76 -6.54
N LEU A 71 5.58 2.62 -5.58
CA LEU A 71 6.40 2.77 -4.39
C LEU A 71 6.42 1.47 -3.59
N PHE A 72 5.27 0.82 -3.48
CA PHE A 72 5.17 -0.44 -2.77
C PHE A 72 5.95 -1.51 -3.51
N GLN A 73 5.89 -1.45 -4.84
CA GLN A 73 6.62 -2.37 -5.68
C GLN A 73 8.12 -2.19 -5.45
N ARG A 74 8.56 -0.92 -5.39
CA ARG A 74 9.96 -0.60 -5.10
C ARG A 74 10.34 -1.08 -3.70
N PHE A 75 9.40 -0.91 -2.77
CA PHE A 75 9.57 -1.36 -1.40
C PHE A 75 9.76 -2.87 -1.39
N ARG A 76 8.89 -3.55 -2.11
CA ARG A 76 8.95 -5.00 -2.24
C ARG A 76 10.28 -5.44 -2.85
N GLU A 77 10.71 -4.74 -3.90
CA GLU A 77 11.97 -5.05 -4.58
C GLU A 77 13.15 -4.88 -3.63
N ALA A 78 13.05 -3.92 -2.73
CA ALA A 78 14.10 -3.68 -1.77
C ALA A 78 14.24 -4.86 -0.83
N ILE A 79 13.11 -5.40 -0.37
CA ILE A 79 13.11 -6.61 0.45
C ILE A 79 13.75 -7.78 -0.29
N ASP A 80 13.55 -7.85 -1.60
CA ASP A 80 14.17 -8.89 -2.41
C ASP A 80 15.69 -8.76 -2.34
N LYS A 81 16.15 -7.52 -2.32
CA LYS A 81 17.57 -7.23 -2.25
C LYS A 81 18.08 -7.18 -0.80
N GLY A 82 17.19 -7.38 0.16
CA GLY A 82 17.58 -7.29 1.57
C GLY A 82 17.97 -5.89 2.00
N ASP A 83 17.59 -4.89 1.20
CA ASP A 83 18.01 -3.53 1.48
C ASP A 83 17.01 -2.80 2.38
N LYS A 84 17.05 -3.14 3.65
CA LYS A 84 16.22 -2.48 4.67
C LYS A 84 16.45 -0.97 4.73
N ASP A 85 17.60 -0.52 4.25
CA ASP A 85 17.91 0.90 4.26
C ASP A 85 16.92 1.67 3.39
N SER A 86 16.64 1.10 2.21
CA SER A 86 15.66 1.69 1.29
C SER A 86 14.26 1.54 1.85
N LEU A 87 14.04 0.47 2.60
CA LEU A 87 12.73 0.17 3.15
C LEU A 87 12.28 1.29 4.07
N GLU A 88 13.17 1.78 4.89
CA GLU A 88 12.85 2.86 5.83
C GLU A 88 12.34 4.10 5.08
N GLN A 89 13.06 4.50 4.03
CA GLN A 89 12.68 5.67 3.24
C GLN A 89 11.41 5.42 2.44
N LEU A 90 11.35 4.27 1.78
CA LEU A 90 10.21 3.91 0.93
C LEU A 90 8.95 3.73 1.77
N LEU A 91 9.11 3.21 2.97
CA LEU A 91 7.99 2.99 3.86
C LEU A 91 7.44 4.32 4.33
N GLU A 92 8.35 5.26 4.59
CA GLU A 92 7.98 6.60 5.02
C GLU A 92 7.17 7.26 3.91
N GLU A 93 7.66 7.11 2.69
CA GLU A 93 6.98 7.65 1.52
C GLU A 93 5.62 6.98 1.35
N LEU A 94 5.56 5.67 1.62
CA LEU A 94 4.32 4.92 1.53
C LEU A 94 3.32 5.42 2.54
N GLU A 95 3.79 5.64 3.77
CA GLU A 95 2.95 6.15 4.86
C GLU A 95 2.38 7.52 4.51
N GLN A 96 3.23 8.40 3.99
CA GLN A 96 2.82 9.76 3.63
C GLN A 96 1.85 9.75 2.44
N ALA A 97 2.11 8.87 1.49
CA ALA A 97 1.26 8.75 0.32
C ALA A 97 -0.09 8.17 0.69
N LEU A 98 -0.07 7.19 1.59
CA LEU A 98 -1.30 6.55 2.06
C LEU A 98 -2.18 7.57 2.76
N GLN A 99 -1.55 8.43 3.57
CA GLN A 99 -2.28 9.48 4.27
C GLN A 99 -2.93 10.45 3.29
N LYS A 100 -2.25 10.75 2.19
CA LYS A 100 -2.78 11.65 1.18
C LYS A 100 -3.92 11.01 0.41
N ILE A 101 -3.72 9.76 0.01
CA ILE A 101 -4.72 9.02 -0.75
C ILE A 101 -6.01 8.87 0.03
N ARG A 102 -5.90 8.47 1.31
CA ARG A 102 -7.08 8.32 2.14
C ARG A 102 -7.86 9.61 2.24
N GLU A 103 -7.16 10.72 2.41
CA GLU A 103 -7.82 12.01 2.55
C GLU A 103 -8.66 12.34 1.32
N LEU A 104 -8.12 12.06 0.14
CA LEU A 104 -8.84 12.30 -1.10
C LEU A 104 -9.95 11.27 -1.29
N ALA A 105 -9.72 10.03 -0.85
CA ALA A 105 -10.68 8.96 -0.99
C ALA A 105 -11.88 9.17 -0.06
N GLU A 106 -11.62 9.79 1.10
CA GLU A 106 -12.67 10.08 2.05
C GLU A 106 -13.61 11.14 1.50
N LYS A 107 -13.13 11.90 0.49
CA LYS A 107 -13.90 12.97 -0.19
C LYS A 107 -14.13 14.20 0.69
N LYS A 108 -14.23 13.98 2.00
CA LYS A 108 -14.48 15.06 2.96
C LYS A 108 -14.69 14.46 4.34
N ASN A 109 -15.45 13.37 4.38
CA ASN A 109 -15.78 12.72 5.63
C ASN A 109 -16.10 11.25 5.41
NA1 7BU B . -8.13 3.64 -4.70
NB2 7BU B . -5.71 2.97 -3.28
ND4 7BU B . -9.55 3.99 -2.21
CHA 7BU B . -10.32 4.80 -4.42
CHB 7BU B . -6.10 2.61 -5.70
CHC 7BU B . -4.64 3.31 -1.08
CHD 7BU B . -9.39 3.51 0.21
C1A 7BU B . -9.23 4.31 -5.20
C1B 7BU B . -5.28 2.61 -4.54
C1C 7BU B . -5.83 3.42 -0.29
C1D 7BU B . -10.10 3.88 -0.96
C1FA 7BU B . -11.39 5.58 -5.21
C1FB 7BU B . -5.53 2.09 -7.02
C1FC 7BU B . -3.34 3.44 -0.28
C1FD 7BU B . -10.18 3.40 1.53
C2A 7BU B . -9.15 4.33 -6.66
C2B 7BU B . -3.84 2.43 -4.50
C2C 7BU B . -5.89 3.45 1.16
C2D 7BU B . -11.45 4.42 -0.99
C3A 7BU B . -8.02 3.68 -7.01
C3B 7BU B . -3.42 2.68 -3.24
C3C 7BU B . -7.18 3.44 1.52
C3D 7BU B . -11.69 4.84 -2.25
C4A 7BU B . -7.38 3.24 -5.78
C4B 7BU B . -4.60 3.03 -2.47
C4C 7BU B . -7.98 3.40 0.29
C4D 7BU B . -10.50 4.56 -3.03
NC3 7BU B . -7.11 3.39 -0.80
F21A 7BU B . -12.27 4.75 -5.82
F21B 7BU B . -4.62 1.11 -6.82
F21C 7BU B . -2.27 3.74 -1.01
F21D 7BU B . -9.55 2.69 2.49
F22A 7BU B . -10.86 6.32 -6.21
F22B 7BU B . -4.88 3.04 -7.74
F22C 7BU B . -3.42 4.42 0.65
F22D 7BU B . -11.36 2.78 1.34
F23A 7BU B . -12.14 6.43 -4.47
F23B 7BU B . -6.48 1.59 -7.82
F23C 7BU B . -3.05 2.30 0.37
F23D 7BU B . -10.45 4.61 2.05
ZN 7BU B . -7.74 3.07 -2.75
H2A1 7BU B . -9.87 4.78 -7.33
H2B1 7BU B . -3.20 2.15 -5.34
H2C1 7BU B . -5.03 3.48 1.82
H2D1 7BU B . -12.13 4.47 -0.16
H3A1 7BU B . -7.66 3.50 -8.01
H3B1 7BU B . -2.41 2.63 -2.87
H3C1 7BU B . -7.58 3.46 2.52
H3D1 7BU B . -12.60 5.29 -2.62
N SER A 1 -23.23 -2.78 -1.25
CA SER A 1 -22.97 -2.03 -2.50
C SER A 1 -21.66 -2.48 -3.14
N GLU A 2 -21.50 -2.23 -4.43
CA GLU A 2 -20.32 -2.67 -5.17
C GLU A 2 -19.13 -1.75 -4.92
N PHE A 3 -19.32 -0.44 -5.07
CA PHE A 3 -18.26 0.53 -4.85
C PHE A 3 -17.83 0.48 -3.38
N GLU A 4 -18.77 0.09 -2.55
CA GLU A 4 -18.53 -0.11 -1.14
C GLU A 4 -17.39 -1.11 -0.91
N LYS A 5 -17.33 -2.16 -1.74
CA LYS A 5 -16.26 -3.15 -1.64
C LYS A 5 -14.94 -2.48 -2.01
N LEU A 6 -14.98 -1.66 -3.05
CA LEU A 6 -13.82 -0.90 -3.49
C LEU A 6 -13.19 -0.14 -2.31
N ARG A 7 -13.99 0.67 -1.61
CA ARG A 7 -13.46 1.40 -0.45
C ARG A 7 -13.04 0.42 0.67
N GLN A 8 -13.82 -0.63 0.86
CA GLN A 8 -13.54 -1.63 1.89
C GLN A 8 -12.17 -2.28 1.67
N THR A 9 -11.88 -2.68 0.43
CA THR A 9 -10.58 -3.25 0.10
C THR A 9 -9.47 -2.22 0.26
N GLY A 10 -9.84 -0.94 0.16
CA GLY A 10 -8.88 0.12 0.35
C GLY A 10 -8.50 0.24 1.79
N ASP A 11 -9.51 0.38 2.65
CA ASP A 11 -9.31 0.43 4.09
C ASP A 11 -8.63 -0.84 4.58
N GLU A 12 -8.93 -1.96 3.94
CA GLU A 12 -8.33 -3.23 4.26
C GLU A 12 -6.83 -3.15 4.01
N LEU A 13 -6.46 -2.59 2.86
CA LEU A 13 -5.07 -2.41 2.48
C LEU A 13 -4.36 -1.50 3.49
N VAL A 14 -5.04 -0.45 3.93
CA VAL A 14 -4.47 0.46 4.92
C VAL A 14 -4.24 -0.27 6.24
N GLN A 15 -5.24 -1.01 6.68
CA GLN A 15 -5.16 -1.77 7.91
C GLN A 15 -3.97 -2.73 7.88
N ALA A 16 -3.81 -3.43 6.76
CA ALA A 16 -2.70 -4.36 6.57
C ALA A 16 -1.37 -3.60 6.56
N PHE A 17 -1.39 -2.40 6.00
CA PHE A 17 -0.21 -1.57 5.93
C PHE A 17 0.19 -1.08 7.33
N GLN A 18 -0.82 -0.73 8.13
CA GLN A 18 -0.58 -0.29 9.49
C GLN A 18 -0.01 -1.44 10.31
N ARG A 19 -0.46 -2.64 9.98
CA ARG A 19 0.04 -3.85 10.60
C ARG A 19 1.49 -4.08 10.16
N LEU A 20 1.76 -3.74 8.91
CA LEU A 20 3.07 -3.89 8.31
C LEU A 20 4.09 -3.04 9.05
N ARG A 21 3.66 -1.87 9.50
CA ARG A 21 4.55 -0.96 10.22
C ARG A 21 5.07 -1.63 11.48
N GLU A 22 4.16 -2.23 12.23
CA GLU A 22 4.51 -2.90 13.48
C GLU A 22 5.48 -4.04 13.21
N ILE A 23 5.10 -4.89 12.28
CA ILE A 23 5.92 -6.01 11.84
C ILE A 23 7.31 -5.56 11.33
N PHE A 24 7.33 -4.43 10.63
CA PHE A 24 8.58 -3.92 10.08
C PHE A 24 9.49 -3.41 11.18
N ASP A 25 8.92 -2.61 12.09
CA ASP A 25 9.68 -2.07 13.20
C ASP A 25 10.20 -3.17 14.13
N LYS A 26 9.58 -4.35 14.06
CA LYS A 26 10.04 -5.50 14.83
C LYS A 26 11.21 -6.19 14.15
N GLY A 27 11.56 -5.72 12.94
CA GLY A 27 12.64 -6.33 12.17
C GLY A 27 12.43 -7.81 11.89
N ASP A 28 11.19 -8.26 11.89
CA ASP A 28 10.92 -9.67 11.67
C ASP A 28 10.66 -9.96 10.20
N ASP A 29 11.74 -10.19 9.47
CA ASP A 29 11.71 -10.45 8.02
C ASP A 29 10.85 -11.66 7.67
N ASP A 30 10.78 -12.61 8.59
CA ASP A 30 10.04 -13.83 8.35
C ASP A 30 8.55 -13.54 8.36
N SER A 31 8.14 -12.73 9.31
CA SER A 31 6.76 -12.33 9.45
C SER A 31 6.37 -11.33 8.34
N LEU A 32 7.35 -10.54 7.91
CA LEU A 32 7.14 -9.53 6.87
C LEU A 32 6.71 -10.18 5.57
N GLU A 33 7.31 -11.31 5.26
CA GLU A 33 7.05 -12.00 4.01
C GLU A 33 5.57 -12.39 3.90
N GLN A 34 5.01 -12.86 5.02
CA GLN A 34 3.62 -13.30 5.05
C GLN A 34 2.66 -12.12 4.94
N VAL A 35 2.99 -11.02 5.63
CA VAL A 35 2.14 -9.83 5.60
C VAL A 35 2.21 -9.17 4.22
N LEU A 36 3.38 -9.18 3.62
CA LEU A 36 3.59 -8.59 2.31
C LEU A 36 2.74 -9.30 1.25
N GLU A 37 2.55 -10.61 1.41
CA GLU A 37 1.72 -11.38 0.49
C GLU A 37 0.26 -10.96 0.62
N GLU A 38 -0.14 -10.68 1.85
CA GLU A 38 -1.50 -10.24 2.14
C GLU A 38 -1.73 -8.87 1.51
N ILE A 39 -0.75 -8.00 1.67
CA ILE A 39 -0.83 -6.64 1.14
C ILE A 39 -0.85 -6.64 -0.38
N GLU A 40 0.06 -7.37 -1.00
CA GLU A 40 0.12 -7.45 -2.46
C GLU A 40 -1.19 -7.97 -3.04
N GLU A 41 -1.81 -8.93 -2.36
CA GLU A 41 -3.09 -9.44 -2.81
C GLU A 41 -4.18 -8.40 -2.65
N LEU A 42 -4.10 -7.59 -1.60
CA LEU A 42 -5.09 -6.57 -1.34
C LEU A 42 -5.02 -5.47 -2.40
N ILE A 43 -3.81 -5.18 -2.85
CA ILE A 43 -3.62 -4.17 -3.89
C ILE A 43 -4.34 -4.60 -5.15
N GLN A 44 -4.20 -5.88 -5.49
CA GLN A 44 -4.83 -6.44 -6.66
C GLN A 44 -6.34 -6.49 -6.51
N LYS A 45 -6.81 -6.92 -5.34
CA LYS A 45 -8.24 -7.04 -5.08
C LYS A 45 -8.92 -5.68 -5.07
N HIS A 46 -8.20 -4.68 -4.57
CA HIS A 46 -8.71 -3.33 -4.51
C HIS A 46 -8.70 -2.68 -5.89
N ARG A 47 -7.61 -2.88 -6.63
CA ARG A 47 -7.51 -2.34 -7.98
C ARG A 47 -8.41 -3.09 -8.95
N GLN A 48 -8.65 -4.38 -8.69
CA GLN A 48 -9.47 -5.21 -9.56
C GLN A 48 -10.86 -4.62 -9.69
N LEU A 49 -11.36 -4.07 -8.61
CA LEU A 49 -12.66 -3.44 -8.61
C LEU A 49 -12.60 -2.13 -9.37
N PHE A 50 -11.48 -1.42 -9.23
CA PHE A 50 -11.28 -0.15 -9.91
C PHE A 50 -11.10 -0.36 -11.42
N ASP A 51 -10.55 -1.51 -11.80
CA ASP A 51 -10.34 -1.84 -13.20
C ASP A 51 -11.67 -2.06 -13.89
N ASN A 52 -12.65 -2.50 -13.11
CA ASN A 52 -14.00 -2.75 -13.61
C ASN A 52 -14.81 -1.46 -13.73
N ARG A 53 -14.14 -0.39 -14.17
CA ARG A 53 -14.73 0.91 -14.40
C ARG A 53 -15.12 1.62 -13.09
N GLN A 54 -16.28 1.23 -12.53
CA GLN A 54 -16.81 1.84 -11.31
C GLN A 54 -17.00 3.35 -11.52
N GLU A 55 -17.00 4.08 -10.42
CA GLU A 55 -17.13 5.51 -10.49
C GLU A 55 -15.74 6.14 -10.54
N ALA A 56 -15.65 7.33 -11.10
CA ALA A 56 -14.38 8.02 -11.22
C ALA A 56 -13.78 8.31 -9.85
N ALA A 57 -14.65 8.66 -8.90
CA ALA A 57 -14.27 8.95 -7.51
C ALA A 57 -13.40 10.21 -7.39
N ASP A 58 -12.16 10.09 -7.84
CA ASP A 58 -11.21 11.20 -7.78
C ASP A 58 -10.06 10.94 -8.73
N THR A 59 -9.69 11.95 -9.48
CA THR A 59 -8.62 11.84 -10.47
C THR A 59 -7.24 11.73 -9.81
N GLU A 60 -6.98 12.59 -8.83
CA GLU A 60 -5.69 12.64 -8.16
C GLU A 60 -5.47 11.39 -7.29
N ALA A 61 -6.56 10.88 -6.74
CA ALA A 61 -6.50 9.71 -5.88
C ALA A 61 -5.98 8.50 -6.65
N ALA A 62 -6.45 8.34 -7.88
CA ALA A 62 -6.03 7.24 -8.73
C ALA A 62 -4.55 7.37 -9.08
N LYS A 63 -4.12 8.59 -9.39
CA LYS A 63 -2.72 8.84 -9.72
C LYS A 63 -1.82 8.56 -8.53
N GLN A 64 -2.26 9.00 -7.37
CA GLN A 64 -1.51 8.81 -6.14
C GLN A 64 -1.41 7.32 -5.83
N GLY A 65 -2.49 6.58 -6.08
CA GLY A 65 -2.50 5.15 -5.85
C GLY A 65 -1.46 4.42 -6.68
N ASP A 66 -1.32 4.80 -7.95
CA ASP A 66 -0.32 4.17 -8.83
C ASP A 66 1.08 4.41 -8.30
N GLN A 67 1.33 5.62 -7.82
CA GLN A 67 2.63 5.97 -7.26
C GLN A 67 2.91 5.13 -6.03
N TRP A 68 1.88 4.95 -5.21
CA TRP A 68 1.99 4.15 -3.99
C TRP A 68 2.36 2.71 -4.34
N VAL A 69 1.79 2.21 -5.43
CA VAL A 69 2.04 0.84 -5.86
C VAL A 69 3.50 0.69 -6.29
N GLN A 70 4.01 1.70 -7.00
CA GLN A 70 5.38 1.67 -7.47
C GLN A 70 6.34 1.73 -6.29
N LEU A 71 6.02 2.58 -5.32
CA LEU A 71 6.82 2.72 -4.11
C LEU A 71 6.84 1.41 -3.31
N PHE A 72 5.68 0.76 -3.27
CA PHE A 72 5.56 -0.49 -2.54
C PHE A 72 6.38 -1.59 -3.21
N GLN A 73 6.39 -1.59 -4.53
CA GLN A 73 7.18 -2.55 -5.28
C GLN A 73 8.66 -2.33 -5.01
N ARG A 74 9.05 -1.06 -4.90
CA ARG A 74 10.43 -0.71 -4.56
C ARG A 74 10.76 -1.24 -3.17
N PHE A 75 9.77 -1.15 -2.29
CA PHE A 75 9.90 -1.64 -0.93
C PHE A 75 10.17 -3.14 -0.95
N ARG A 76 9.41 -3.87 -1.77
CA ARG A 76 9.61 -5.30 -1.93
C ARG A 76 10.97 -5.58 -2.53
N GLU A 77 11.36 -4.78 -3.53
CA GLU A 77 12.64 -4.98 -4.20
C GLU A 77 13.78 -4.78 -3.23
N ALA A 78 13.62 -3.83 -2.33
CA ALA A 78 14.65 -3.55 -1.36
C ALA A 78 14.82 -4.72 -0.40
N ILE A 79 13.70 -5.28 0.08
CA ILE A 79 13.74 -6.45 0.96
C ILE A 79 14.40 -7.64 0.27
N ASP A 80 14.02 -7.87 -0.97
CA ASP A 80 14.55 -8.99 -1.73
C ASP A 80 16.04 -8.82 -2.01
N LYS A 81 16.45 -7.58 -2.26
CA LYS A 81 17.85 -7.29 -2.54
C LYS A 81 18.65 -7.04 -1.24
N GLY A 82 17.96 -7.10 -0.11
CA GLY A 82 18.62 -6.92 1.20
C GLY A 82 19.03 -5.48 1.48
N ASP A 83 18.35 -4.53 0.88
CA ASP A 83 18.65 -3.12 1.09
C ASP A 83 17.78 -2.57 2.22
N LYS A 84 18.34 -2.56 3.42
CA LYS A 84 17.63 -2.12 4.60
C LYS A 84 17.49 -0.60 4.64
N ASP A 85 18.49 0.09 4.11
CA ASP A 85 18.51 1.56 4.11
C ASP A 85 17.33 2.15 3.37
N SER A 86 16.99 1.56 2.25
CA SER A 86 15.86 2.02 1.46
C SER A 86 14.54 1.71 2.13
N LEU A 87 14.50 0.61 2.88
CA LEU A 87 13.25 0.16 3.51
C LEU A 87 12.67 1.20 4.44
N GLU A 88 13.51 1.75 5.30
CA GLU A 88 13.07 2.77 6.25
C GLU A 88 12.47 3.98 5.51
N GLN A 89 13.15 4.43 4.48
CA GLN A 89 12.68 5.58 3.71
C GLN A 89 11.42 5.25 2.91
N LEU A 90 11.44 4.11 2.21
CA LEU A 90 10.33 3.72 1.36
C LEU A 90 9.06 3.49 2.16
N LEU A 91 9.21 2.94 3.35
CA LEU A 91 8.07 2.69 4.19
C LEU A 91 7.45 4.01 4.65
N GLU A 92 8.31 4.96 5.00
CA GLU A 92 7.86 6.25 5.45
C GLU A 92 7.19 7.02 4.31
N GLU A 93 7.77 6.92 3.10
CA GLU A 93 7.19 7.56 1.93
C GLU A 93 5.87 6.90 1.57
N LEU A 94 5.79 5.59 1.76
CA LEU A 94 4.57 4.83 1.50
C LEU A 94 3.46 5.27 2.43
N GLU A 95 3.80 5.40 3.71
CA GLU A 95 2.83 5.77 4.72
C GLU A 95 2.25 7.15 4.45
N GLN A 96 3.11 8.11 4.10
CA GLN A 96 2.65 9.46 3.82
C GLN A 96 1.83 9.50 2.54
N ALA A 97 2.22 8.71 1.55
CA ALA A 97 1.50 8.63 0.29
C ALA A 97 0.13 8.00 0.52
N LEU A 98 0.10 7.03 1.42
CA LEU A 98 -1.13 6.36 1.82
C LEU A 98 -2.09 7.37 2.44
N GLN A 99 -1.53 8.21 3.31
CA GLN A 99 -2.29 9.25 3.97
C GLN A 99 -2.86 10.23 2.97
N LYS A 100 -2.16 10.45 1.86
CA LYS A 100 -2.64 11.37 0.84
C LYS A 100 -3.82 10.78 0.10
N ILE A 101 -3.72 9.49 -0.23
CA ILE A 101 -4.78 8.80 -0.94
C ILE A 101 -6.06 8.81 -0.10
N ARG A 102 -5.92 8.45 1.17
CA ARG A 102 -7.06 8.47 2.08
C ARG A 102 -7.63 9.88 2.21
N GLU A 103 -6.76 10.88 2.23
CA GLU A 103 -7.19 12.27 2.32
C GLU A 103 -8.06 12.65 1.11
N LEU A 104 -7.60 12.28 -0.07
CA LEU A 104 -8.31 12.59 -1.31
C LEU A 104 -9.58 11.75 -1.47
N ALA A 105 -9.50 10.50 -1.05
CA ALA A 105 -10.63 9.58 -1.17
C ALA A 105 -11.75 9.87 -0.16
N GLU A 106 -11.36 10.29 1.03
CA GLU A 106 -12.34 10.54 2.09
C GLU A 106 -12.83 11.99 2.07
N LYS A 107 -12.01 12.87 1.47
CA LYS A 107 -12.30 14.31 1.36
C LYS A 107 -12.77 14.94 2.67
N LYS A 108 -14.08 14.96 2.88
CA LYS A 108 -14.67 15.57 4.06
C LYS A 108 -15.80 14.71 4.60
N ASN A 109 -15.68 13.41 4.38
CA ASN A 109 -16.71 12.44 4.80
C ASN A 109 -18.01 12.68 4.06
NA1 7BU B . -7.20 3.57 -5.41
NB2 7BU B . -5.25 2.77 -3.46
ND4 7BU B . -9.06 4.29 -3.32
CHA 7BU B . -9.19 5.04 -5.67
CHB 7BU B . -5.21 2.18 -5.86
CHC 7BU B . -4.64 3.21 -1.11
CHD 7BU B . -9.47 3.98 -0.91
C1A 7BU B . -8.07 4.31 -6.17
C1B 7BU B . -4.64 2.20 -4.55
C1C 7BU B . -5.94 3.50 -0.62
C1D 7BU B . -9.86 4.40 -2.21
C1FA 7BU B . -9.92 5.92 -6.71
C1FB 7BU B . -4.46 1.39 -6.96
C1FC 7BU B . -3.52 3.27 -0.06
C1FD 7BU B . -10.52 4.09 0.22
C2A 7BU B . -7.72 4.15 -7.58
C2B 7BU B . -3.27 1.82 -4.19
C2C 7BU B . -6.29 3.68 0.79
C2D 7BU B . -11.03 5.19 -2.54
C3A 7BU B . -6.65 3.31 -7.63
C3B 7BU B . -3.11 2.17 -2.89
C3C 7BU B . -7.63 3.84 0.85
C3D 7BU B . -10.93 5.54 -3.84
C4A 7BU B . -6.33 2.94 -6.26
C4B 7BU B . -4.35 2.77 -2.42
C4C 7BU B . -8.14 3.75 -0.50
C4D 7BU B . -9.69 4.98 -4.34
NC3 7BU B . -7.08 3.55 -1.38
F21A 7BU B . -10.86 5.23 -7.39
F21B 7BU B . -3.83 0.30 -6.48
F21C 7BU B . -2.27 3.34 -0.55
F21D 7BU B . -10.40 3.11 1.16
F22A 7BU B . -9.09 6.40 -7.66
F22B 7BU B . -3.50 2.12 -7.59
F22C 7BU B . -3.64 4.37 0.74
F22D 7BU B . -11.78 3.99 -0.24
F23A 7BU B . -10.55 7.00 -6.19
F23B 7BU B . -5.32 0.95 -7.92
F23C 7BU B . -3.55 2.19 0.75
F23D 7BU B . -10.43 5.27 0.89
ZN 7BU B . -7.30 3.13 -3.38
H2A1 7BU B . -8.22 4.61 -8.42
H2B1 7BU B . -2.55 1.36 -4.83
H2C1 7BU B . -5.59 3.71 1.62
H2D1 7BU B . -11.84 5.45 -1.88
H3A1 7BU B . -6.14 2.98 -8.52
H3B1 7BU B . -2.20 2.03 -2.30
H3C1 7BU B . -8.23 4.00 1.74
H3D1 7BU B . -11.63 6.13 -4.41
N SER A 1 -22.22 -3.46 -5.14
CA SER A 1 -21.45 -2.48 -5.90
C SER A 1 -19.95 -2.78 -5.78
N GLU A 2 -19.16 -2.14 -6.63
CA GLU A 2 -17.73 -2.34 -6.65
C GLU A 2 -17.04 -1.38 -5.69
N PHE A 3 -17.61 -0.18 -5.57
CA PHE A 3 -17.07 0.86 -4.68
C PHE A 3 -16.92 0.35 -3.27
N GLU A 4 -17.82 -0.53 -2.85
CA GLU A 4 -17.81 -1.09 -1.52
C GLU A 4 -16.50 -1.82 -1.28
N LYS A 5 -16.19 -2.76 -2.16
CA LYS A 5 -14.98 -3.55 -2.04
C LYS A 5 -13.75 -2.69 -2.29
N LEU A 6 -13.84 -1.78 -3.26
CA LEU A 6 -12.75 -0.82 -3.51
C LEU A 6 -12.32 -0.14 -2.22
N ARG A 7 -13.29 0.42 -1.50
CA ARG A 7 -13.03 1.04 -0.20
C ARG A 7 -12.51 0.02 0.82
N GLN A 8 -13.17 -1.14 0.85
CA GLN A 8 -12.80 -2.20 1.81
C GLN A 8 -11.37 -2.66 1.61
N THR A 9 -10.96 -2.92 0.37
CA THR A 9 -9.60 -3.32 0.07
C THR A 9 -8.61 -2.21 0.40
N GLY A 10 -9.11 -0.98 0.40
CA GLY A 10 -8.29 0.14 0.76
C GLY A 10 -8.03 0.14 2.25
N ASP A 11 -9.12 -0.02 3.00
CA ASP A 11 -9.03 -0.12 4.46
C ASP A 11 -8.16 -1.30 4.86
N GLU A 12 -8.34 -2.44 4.18
CA GLU A 12 -7.55 -3.63 4.45
C GLU A 12 -6.08 -3.35 4.20
N LEU A 13 -5.79 -2.69 3.07
CA LEU A 13 -4.42 -2.33 2.72
C LEU A 13 -3.82 -1.41 3.78
N VAL A 14 -4.61 -0.46 4.27
CA VAL A 14 -4.15 0.44 5.33
C VAL A 14 -3.86 -0.36 6.61
N GLN A 15 -4.75 -1.29 6.93
CA GLN A 15 -4.57 -2.16 8.10
C GLN A 15 -3.25 -2.93 8.00
N ALA A 16 -2.95 -3.44 6.81
CA ALA A 16 -1.71 -4.17 6.57
C ALA A 16 -0.52 -3.22 6.63
N PHE A 17 -0.73 -1.99 6.15
CA PHE A 17 0.31 -0.97 6.17
C PHE A 17 0.65 -0.63 7.63
N GLN A 18 -0.38 -0.60 8.48
CA GLN A 18 -0.18 -0.36 9.90
C GLN A 18 0.65 -1.48 10.49
N ARG A 19 0.39 -2.72 10.04
CA ARG A 19 1.17 -3.87 10.48
C ARG A 19 2.61 -3.68 10.05
N LEU A 20 2.79 -3.10 8.87
CA LEU A 20 4.09 -2.89 8.28
C LEU A 20 4.95 -2.04 9.19
N ARG A 21 4.35 -1.01 9.80
CA ARG A 21 5.11 -0.17 10.71
C ARG A 21 5.52 -0.93 11.94
N GLU A 22 4.58 -1.63 12.56
CA GLU A 22 4.86 -2.31 13.81
C GLU A 22 5.87 -3.43 13.61
N ILE A 23 5.85 -4.04 12.45
CA ILE A 23 6.73 -5.14 12.15
C ILE A 23 8.13 -4.62 11.79
N PHE A 24 8.15 -3.53 11.03
CA PHE A 24 9.38 -2.93 10.53
C PHE A 24 10.13 -2.25 11.67
N ASP A 25 9.39 -1.45 12.45
CA ASP A 25 9.95 -0.70 13.56
C ASP A 25 10.53 -1.66 14.63
N LYS A 26 9.97 -2.86 14.69
CA LYS A 26 10.41 -3.86 15.65
C LYS A 26 11.44 -4.83 15.06
N GLY A 27 11.82 -4.62 13.80
CA GLY A 27 12.82 -5.47 13.17
C GLY A 27 12.38 -6.92 13.04
N ASP A 28 11.08 -7.13 12.91
CA ASP A 28 10.54 -8.49 12.80
C ASP A 28 10.67 -9.00 11.37
N ASP A 29 11.66 -9.86 11.16
CA ASP A 29 11.96 -10.38 9.83
C ASP A 29 10.93 -11.40 9.38
N ASP A 30 10.55 -12.28 10.30
CA ASP A 30 9.63 -13.38 10.00
C ASP A 30 8.25 -12.90 9.60
N SER A 31 7.70 -11.99 10.37
CA SER A 31 6.35 -11.52 10.13
C SER A 31 6.32 -10.60 8.90
N LEU A 32 7.40 -9.87 8.67
CA LEU A 32 7.46 -8.94 7.55
C LEU A 32 7.29 -9.64 6.22
N GLU A 33 8.01 -10.74 6.02
CA GLU A 33 7.92 -11.49 4.78
C GLU A 33 6.49 -11.98 4.53
N GLN A 34 5.88 -12.54 5.58
CA GLN A 34 4.52 -13.03 5.48
C GLN A 34 3.54 -11.91 5.16
N VAL A 35 3.68 -10.78 5.85
CA VAL A 35 2.80 -9.65 5.67
C VAL A 35 2.98 -9.00 4.31
N LEU A 36 4.21 -8.99 3.79
CA LEU A 36 4.46 -8.43 2.45
C LEU A 36 3.64 -9.17 1.41
N GLU A 37 3.49 -10.48 1.62
CA GLU A 37 2.66 -11.30 0.74
C GLU A 37 1.20 -10.89 0.87
N GLU A 38 0.79 -10.58 2.10
CA GLU A 38 -0.58 -10.17 2.38
C GLU A 38 -0.86 -8.80 1.77
N ILE A 39 0.11 -7.89 1.90
CA ILE A 39 -0.02 -6.55 1.36
C ILE A 39 -0.18 -6.61 -0.16
N GLU A 40 0.70 -7.36 -0.81
CA GLU A 40 0.65 -7.53 -2.26
C GLU A 40 -0.70 -8.15 -2.68
N GLU A 41 -1.20 -9.07 -1.85
CA GLU A 41 -2.46 -9.73 -2.12
C GLU A 41 -3.60 -8.73 -2.08
N LEU A 42 -3.51 -7.80 -1.13
CA LEU A 42 -4.51 -6.74 -0.99
C LEU A 42 -4.40 -5.77 -2.16
N ILE A 43 -3.17 -5.55 -2.62
CA ILE A 43 -2.95 -4.68 -3.77
C ILE A 43 -3.63 -5.29 -5.00
N GLN A 44 -3.51 -6.61 -5.15
CA GLN A 44 -4.18 -7.33 -6.23
C GLN A 44 -5.70 -7.20 -6.10
N LYS A 45 -6.19 -7.37 -4.88
CA LYS A 45 -7.63 -7.28 -4.60
C LYS A 45 -8.18 -5.90 -4.92
N HIS A 46 -7.39 -4.88 -4.64
CA HIS A 46 -7.83 -3.51 -4.84
C HIS A 46 -7.78 -3.18 -6.34
N ARG A 47 -6.73 -3.64 -7.01
CA ARG A 47 -6.56 -3.46 -8.46
C ARG A 47 -7.61 -4.22 -9.24
N GLN A 48 -7.85 -5.47 -8.85
CA GLN A 48 -8.75 -6.35 -9.59
C GLN A 48 -10.15 -5.77 -9.70
N LEU A 49 -10.62 -5.17 -8.63
CA LEU A 49 -11.94 -4.58 -8.61
C LEU A 49 -11.99 -3.37 -9.53
N PHE A 50 -10.90 -2.62 -9.54
CA PHE A 50 -10.77 -1.43 -10.37
C PHE A 50 -10.60 -1.80 -11.84
N ASP A 51 -10.01 -2.95 -12.07
CA ASP A 51 -9.82 -3.46 -13.42
C ASP A 51 -11.11 -4.02 -13.98
N ASN A 52 -11.95 -4.55 -13.09
CA ASN A 52 -13.25 -5.07 -13.48
C ASN A 52 -14.14 -3.96 -14.02
N ARG A 53 -14.58 -3.08 -13.13
CA ARG A 53 -15.43 -1.97 -13.53
C ARG A 53 -14.80 -0.67 -13.07
N GLN A 54 -15.36 0.44 -13.53
CA GLN A 54 -14.94 1.79 -13.13
C GLN A 54 -13.63 2.21 -13.81
N GLU A 55 -13.50 3.50 -13.96
CA GLU A 55 -12.31 4.09 -14.55
C GLU A 55 -11.71 5.07 -13.56
N ALA A 56 -10.55 5.61 -13.90
CA ALA A 56 -9.90 6.56 -13.03
C ALA A 56 -10.54 7.93 -13.14
N ALA A 57 -11.47 8.22 -12.24
CA ALA A 57 -12.15 9.51 -12.22
C ALA A 57 -11.16 10.63 -11.96
N ASP A 58 -10.22 10.38 -11.06
CA ASP A 58 -9.21 11.36 -10.73
C ASP A 58 -7.84 10.84 -11.12
N THR A 59 -7.09 11.65 -11.85
CA THR A 59 -5.78 11.25 -12.34
C THR A 59 -4.73 11.27 -11.23
N GLU A 60 -4.80 12.27 -10.36
CA GLU A 60 -3.82 12.42 -9.30
C GLU A 60 -3.88 11.23 -8.34
N ALA A 61 -5.08 10.86 -7.95
CA ALA A 61 -5.28 9.73 -7.04
C ALA A 61 -4.76 8.44 -7.65
N ALA A 62 -5.10 8.19 -8.92
CA ALA A 62 -4.63 7.00 -9.60
C ALA A 62 -3.11 7.01 -9.76
N LYS A 63 -2.56 8.17 -10.10
CA LYS A 63 -1.11 8.29 -10.27
C LYS A 63 -0.39 8.01 -8.97
N GLN A 64 -0.87 8.59 -7.87
CA GLN A 64 -0.26 8.36 -6.56
C GLN A 64 -0.41 6.91 -6.17
N GLY A 65 -1.53 6.31 -6.58
CA GLY A 65 -1.77 4.91 -6.27
C GLY A 65 -0.78 4.00 -6.96
N ASP A 66 -0.59 4.21 -8.25
CA ASP A 66 0.41 3.45 -9.01
C ASP A 66 1.79 3.71 -8.49
N GLN A 67 2.06 4.95 -8.11
CA GLN A 67 3.35 5.33 -7.57
C GLN A 67 3.62 4.59 -6.27
N TRP A 68 2.58 4.48 -5.43
CA TRP A 68 2.69 3.78 -4.16
C TRP A 68 3.01 2.30 -4.40
N VAL A 69 2.39 1.73 -5.43
CA VAL A 69 2.61 0.33 -5.78
C VAL A 69 4.03 0.12 -6.27
N GLN A 70 4.53 1.05 -7.07
CA GLN A 70 5.89 0.97 -7.59
C GLN A 70 6.88 1.16 -6.45
N LEU A 71 6.55 2.07 -5.53
CA LEU A 71 7.37 2.33 -4.36
C LEU A 71 7.47 1.06 -3.52
N PHE A 72 6.36 0.34 -3.41
CA PHE A 72 6.30 -0.91 -2.66
C PHE A 72 7.25 -1.94 -3.27
N GLN A 73 7.28 -1.98 -4.60
CA GLN A 73 8.15 -2.89 -5.33
C GLN A 73 9.61 -2.58 -5.02
N ARG A 74 9.92 -1.28 -4.97
CA ARG A 74 11.28 -0.84 -4.67
C ARG A 74 11.64 -1.22 -3.24
N PHE A 75 10.68 -1.05 -2.34
CA PHE A 75 10.86 -1.40 -0.94
C PHE A 75 11.14 -2.90 -0.80
N ARG A 76 10.32 -3.70 -1.45
CA ARG A 76 10.47 -5.15 -1.43
C ARG A 76 11.84 -5.57 -1.98
N GLU A 77 12.25 -4.92 -3.06
CA GLU A 77 13.51 -5.22 -3.70
C GLU A 77 14.69 -4.78 -2.85
N ALA A 78 14.50 -3.69 -2.12
CA ALA A 78 15.54 -3.16 -1.27
C ALA A 78 15.88 -4.15 -0.16
N ILE A 79 14.87 -4.91 0.29
CA ILE A 79 15.07 -5.92 1.31
C ILE A 79 15.91 -7.06 0.73
N ASP A 80 15.70 -7.33 -0.54
CA ASP A 80 16.41 -8.40 -1.24
C ASP A 80 17.87 -8.05 -1.37
N LYS A 81 18.14 -6.75 -1.50
CA LYS A 81 19.50 -6.26 -1.64
C LYS A 81 20.16 -6.05 -0.28
N GLY A 82 19.39 -6.24 0.79
CA GLY A 82 19.93 -6.05 2.13
C GLY A 82 20.22 -4.59 2.42
N ASP A 83 19.56 -3.71 1.69
CA ASP A 83 19.78 -2.28 1.84
C ASP A 83 18.82 -1.70 2.86
N LYS A 84 19.31 -1.53 4.07
CA LYS A 84 18.50 -1.01 5.17
C LYS A 84 18.26 0.47 5.00
N ASP A 85 19.20 1.13 4.35
CA ASP A 85 19.15 2.58 4.16
C ASP A 85 17.90 2.97 3.38
N SER A 86 17.69 2.32 2.25
CA SER A 86 16.54 2.58 1.42
C SER A 86 15.26 2.16 2.10
N LEU A 87 15.31 1.13 2.94
CA LEU A 87 14.10 0.63 3.60
C LEU A 87 13.47 1.71 4.44
N GLU A 88 14.30 2.36 5.25
CA GLU A 88 13.82 3.45 6.09
C GLU A 88 13.24 4.59 5.26
N GLN A 89 13.95 4.97 4.20
CA GLN A 89 13.51 6.06 3.33
C GLN A 89 12.25 5.70 2.54
N LEU A 90 12.23 4.52 1.96
CA LEU A 90 11.10 4.07 1.15
C LEU A 90 9.86 3.87 2.01
N LEU A 91 10.07 3.45 3.26
CA LEU A 91 8.97 3.25 4.18
C LEU A 91 8.29 4.58 4.43
N GLU A 92 9.10 5.60 4.63
CA GLU A 92 8.61 6.94 4.87
C GLU A 92 7.91 7.49 3.64
N GLU A 93 8.46 7.22 2.45
CA GLU A 93 7.83 7.67 1.22
C GLU A 93 6.49 6.97 1.00
N LEU A 94 6.42 5.69 1.39
CA LEU A 94 5.16 4.94 1.31
C LEU A 94 4.10 5.63 2.16
N GLU A 95 4.53 6.10 3.33
CA GLU A 95 3.66 6.80 4.25
C GLU A 95 3.18 8.12 3.64
N GLN A 96 4.09 8.85 2.99
CA GLN A 96 3.79 10.16 2.43
C GLN A 96 2.83 10.03 1.22
N ALA A 97 3.05 9.01 0.42
CA ALA A 97 2.20 8.77 -0.74
C ALA A 97 0.83 8.31 -0.29
N LEU A 98 0.81 7.43 0.70
CA LEU A 98 -0.44 6.92 1.25
C LEU A 98 -1.25 8.07 1.85
N GLN A 99 -0.57 8.97 2.55
CA GLN A 99 -1.24 10.13 3.15
C GLN A 99 -1.91 11.00 2.09
N LYS A 100 -1.26 11.14 0.95
CA LYS A 100 -1.80 11.96 -0.12
C LYS A 100 -3.03 11.31 -0.74
N ILE A 101 -2.97 10.01 -0.95
CA ILE A 101 -4.07 9.28 -1.56
C ILE A 101 -5.32 9.32 -0.68
N ARG A 102 -5.17 9.05 0.61
CA ARG A 102 -6.30 9.06 1.53
C ARG A 102 -6.93 10.45 1.61
N GLU A 103 -6.11 11.50 1.64
CA GLU A 103 -6.64 12.86 1.70
C GLU A 103 -7.51 13.17 0.50
N LEU A 104 -7.11 12.64 -0.66
CA LEU A 104 -7.87 12.84 -1.89
C LEU A 104 -9.20 12.09 -1.82
N ALA A 105 -9.16 10.88 -1.26
CA ALA A 105 -10.35 10.04 -1.15
C ALA A 105 -11.31 10.59 -0.08
N GLU A 106 -10.74 11.21 0.94
CA GLU A 106 -11.53 11.80 2.01
C GLU A 106 -11.96 13.20 1.63
N LYS A 107 -11.34 13.72 0.57
CA LYS A 107 -11.59 15.08 0.08
C LYS A 107 -11.09 16.12 1.09
N LYS A 108 -10.36 15.62 2.11
CA LYS A 108 -9.84 16.42 3.22
C LYS A 108 -10.85 17.46 3.71
N ASN A 109 -11.71 17.04 4.59
CA ASN A 109 -12.76 17.89 5.11
C ASN A 109 -12.90 17.71 6.60
NA1 7BU B . -6.68 3.34 -6.19
NB2 7BU B . -4.72 2.88 -4.15
ND4 7BU B . -8.64 4.09 -4.22
CHA 7BU B . -8.79 4.59 -6.64
CHB 7BU B . -4.57 2.07 -6.48
CHC 7BU B . -4.20 3.54 -1.83
CHD 7BU B . -9.10 3.96 -1.80
C1A 7BU B . -7.61 3.90 -7.05
C1B 7BU B . -4.04 2.26 -5.17
C1C 7BU B . -5.54 3.76 -1.38
C1D 7BU B . -9.48 4.23 -3.14
C1FA 7BU B . -9.60 5.25 -7.79
C1FB 7BU B . -3.78 1.22 -7.49
C1FC 7BU B . -3.13 3.71 -0.73
C1FD 7BU B . -10.18 4.02 -0.71
C2A 7BU B . -7.23 3.58 -8.43
C2B 7BU B . -2.69 1.97 -4.74
C2C 7BU B . -5.94 3.96 0.01
C2D 7BU B . -10.73 4.83 -3.58
C3A 7BU B . -6.12 2.84 -8.38
C3B 7BU B . -2.57 2.44 -3.46
C3C 7BU B . -7.30 4.01 0.02
C3D 7BU B . -10.62 5.07 -4.90
C4A 7BU B . -5.76 2.69 -6.98
C4B 7BU B . -3.84 3.01 -3.09
C4C 7BU B . -7.75 3.84 -1.34
C4D 7BU B . -9.31 4.61 -5.31
NC3 7BU B . -6.66 3.69 -2.17
F21A 7BU B . -10.40 4.35 -8.41
F21B 7BU B . -2.98 0.32 -6.88
F21C 7BU B . -1.86 3.82 -1.18
F21D 7BU B . -10.00 3.11 0.28
F22A 7BU B . -8.80 5.74 -8.76
F22B 7BU B . -2.97 1.95 -8.28
F22C 7BU B . -3.33 4.83 0.01
F22D 7BU B . -11.41 3.75 -1.20
F23A 7BU B . -10.39 6.27 -7.41
F23B 7BU B . -4.60 0.53 -8.31
F23C 7BU B . -3.13 2.67 0.12
F23D 7BU B . -10.25 5.24 -0.11
ZN 7BU B . -6.80 3.09 -4.14
H2A1 7BU B . -7.77 3.88 -9.31
H2B1 7BU B . -1.92 1.49 -5.32
H2C1 7BU B . -5.29 4.06 0.86
H2D1 7BU B . -11.57 5.06 -2.95
H3A1 7BU B . -5.57 2.44 -9.22
H3B1 7BU B . -1.69 2.39 -2.84
H3C1 7BU B . -7.93 4.16 0.89
H3D1 7BU B . -11.37 5.51 -5.53
N SER A 1 -21.74 -3.04 -2.44
CA SER A 1 -21.61 -2.14 -3.60
C SER A 1 -20.24 -2.27 -4.24
N GLU A 2 -20.12 -1.77 -5.48
CA GLU A 2 -18.88 -1.85 -6.25
C GLU A 2 -17.77 -1.00 -5.61
N PHE A 3 -18.06 0.29 -5.37
CA PHE A 3 -17.09 1.20 -4.75
C PHE A 3 -16.82 0.78 -3.32
N GLU A 4 -17.79 0.10 -2.75
CA GLU A 4 -17.70 -0.37 -1.37
C GLU A 4 -16.59 -1.39 -1.23
N LYS A 5 -16.57 -2.38 -2.11
CA LYS A 5 -15.53 -3.41 -2.10
C LYS A 5 -14.19 -2.77 -2.46
N LEU A 6 -14.22 -1.94 -3.50
CA LEU A 6 -13.06 -1.16 -3.92
C LEU A 6 -12.45 -0.43 -2.72
N ARG A 7 -13.26 0.33 -2.01
CA ARG A 7 -12.80 1.03 -0.81
C ARG A 7 -12.39 0.05 0.30
N GLN A 8 -13.15 -1.03 0.46
CA GLN A 8 -12.87 -2.01 1.51
C GLN A 8 -11.48 -2.62 1.34
N THR A 9 -11.14 -3.00 0.12
CA THR A 9 -9.81 -3.54 -0.15
C THR A 9 -8.72 -2.50 0.08
N GLY A 10 -9.11 -1.23 0.04
CA GLY A 10 -8.18 -0.16 0.30
C GLY A 10 -7.89 -0.06 1.77
N ASP A 11 -8.96 -0.10 2.57
CA ASP A 11 -8.85 -0.12 4.03
C ASP A 11 -7.97 -1.26 4.49
N GLU A 12 -8.21 -2.44 3.92
CA GLU A 12 -7.46 -3.64 4.28
C GLU A 12 -5.97 -3.43 3.98
N LEU A 13 -5.68 -2.84 2.82
CA LEU A 13 -4.31 -2.55 2.43
C LEU A 13 -3.66 -1.59 3.43
N VAL A 14 -4.38 -0.55 3.84
CA VAL A 14 -3.87 0.40 4.83
C VAL A 14 -3.58 -0.31 6.15
N GLN A 15 -4.52 -1.14 6.60
CA GLN A 15 -4.36 -1.91 7.84
C GLN A 15 -3.08 -2.75 7.80
N ALA A 16 -2.86 -3.42 6.68
CA ALA A 16 -1.68 -4.24 6.50
C ALA A 16 -0.42 -3.38 6.50
N PHE A 17 -0.55 -2.20 5.93
CA PHE A 17 0.55 -1.25 5.87
C PHE A 17 0.90 -0.73 7.27
N GLN A 18 -0.12 -0.47 8.08
CA GLN A 18 0.08 -0.03 9.46
C GLN A 18 0.80 -1.11 10.24
N ARG A 19 0.39 -2.35 10.03
CA ARG A 19 1.03 -3.49 10.65
C ARG A 19 2.46 -3.64 10.16
N LEU A 20 2.67 -3.32 8.89
CA LEU A 20 3.98 -3.40 8.27
C LEU A 20 4.96 -2.47 8.97
N ARG A 21 4.47 -1.28 9.32
CA ARG A 21 5.31 -0.28 9.98
C ARG A 21 5.79 -0.80 11.33
N GLU A 22 4.87 -1.32 12.12
CA GLU A 22 5.18 -1.80 13.46
C GLU A 22 6.16 -2.96 13.39
N ILE A 23 5.83 -3.96 12.59
CA ILE A 23 6.69 -5.11 12.37
C ILE A 23 8.09 -4.71 11.88
N PHE A 24 8.14 -3.67 11.07
CA PHE A 24 9.40 -3.20 10.51
C PHE A 24 10.25 -2.57 11.61
N ASP A 25 9.64 -1.69 12.39
CA ASP A 25 10.34 -0.98 13.48
C ASP A 25 10.82 -1.95 14.55
N LYS A 26 10.08 -3.02 14.75
CA LYS A 26 10.42 -3.99 15.80
C LYS A 26 11.39 -5.05 15.31
N GLY A 27 11.84 -4.91 14.06
CA GLY A 27 12.84 -5.82 13.52
C GLY A 27 12.38 -7.26 13.42
N ASP A 28 11.09 -7.47 13.24
CA ASP A 28 10.57 -8.83 13.12
C ASP A 28 10.77 -9.31 11.70
N ASP A 29 11.77 -10.16 11.53
CA ASP A 29 12.20 -10.60 10.21
C ASP A 29 11.16 -11.53 9.59
N ASP A 30 10.65 -12.43 10.39
CA ASP A 30 9.72 -13.45 9.92
C ASP A 30 8.37 -12.89 9.52
N SER A 31 7.79 -12.06 10.36
CA SER A 31 6.47 -11.52 10.08
C SER A 31 6.54 -10.54 8.93
N LEU A 32 7.65 -9.83 8.81
CA LEU A 32 7.85 -8.87 7.74
C LEU A 32 7.73 -9.56 6.38
N GLU A 33 8.43 -10.68 6.24
CA GLU A 33 8.38 -11.45 5.00
C GLU A 33 6.95 -11.92 4.71
N GLN A 34 6.30 -12.47 5.73
CA GLN A 34 4.94 -12.98 5.61
C GLN A 34 3.95 -11.89 5.20
N VAL A 35 4.06 -10.75 5.85
CA VAL A 35 3.20 -9.61 5.58
C VAL A 35 3.40 -9.08 4.16
N LEU A 36 4.63 -9.17 3.65
CA LEU A 36 4.95 -8.70 2.30
C LEU A 36 4.12 -9.44 1.26
N GLU A 37 3.93 -10.73 1.45
CA GLU A 37 3.13 -11.53 0.53
C GLU A 37 1.66 -11.12 0.61
N GLU A 38 1.21 -10.83 1.83
CA GLU A 38 -0.18 -10.43 2.08
C GLU A 38 -0.47 -9.07 1.45
N ILE A 39 0.46 -8.15 1.60
CA ILE A 39 0.31 -6.82 1.03
C ILE A 39 0.21 -6.90 -0.49
N GLU A 40 1.10 -7.69 -1.09
CA GLU A 40 1.08 -7.89 -2.54
C GLU A 40 -0.27 -8.45 -3.00
N GLU A 41 -0.89 -9.28 -2.16
CA GLU A 41 -2.18 -9.88 -2.49
C GLU A 41 -3.27 -8.82 -2.48
N LEU A 42 -3.21 -7.93 -1.50
CA LEU A 42 -4.20 -6.88 -1.34
C LEU A 42 -4.09 -5.85 -2.46
N ILE A 43 -2.86 -5.56 -2.88
CA ILE A 43 -2.63 -4.60 -3.95
C ILE A 43 -3.29 -5.06 -5.24
N GLN A 44 -3.09 -6.33 -5.57
CA GLN A 44 -3.65 -6.91 -6.79
C GLN A 44 -5.17 -6.91 -6.75
N LYS A 45 -5.73 -7.31 -5.62
CA LYS A 45 -7.18 -7.39 -5.46
C LYS A 45 -7.83 -6.01 -5.45
N HIS A 46 -7.15 -5.03 -4.91
CA HIS A 46 -7.69 -3.68 -4.84
C HIS A 46 -7.60 -3.02 -6.22
N ARG A 47 -6.46 -3.20 -6.88
CA ARG A 47 -6.24 -2.66 -8.22
C ARG A 47 -7.13 -3.36 -9.26
N GLN A 48 -7.40 -4.64 -9.05
CA GLN A 48 -8.22 -5.42 -9.98
C GLN A 48 -9.63 -4.87 -10.05
N LEU A 49 -10.11 -4.31 -8.94
CA LEU A 49 -11.44 -3.75 -8.86
C LEU A 49 -11.50 -2.43 -9.62
N PHE A 50 -10.36 -1.75 -9.69
CA PHE A 50 -10.25 -0.45 -10.35
C PHE A 50 -10.21 -0.60 -11.87
N ASP A 51 -9.74 -1.75 -12.36
CA ASP A 51 -9.63 -1.98 -13.80
C ASP A 51 -11.00 -1.89 -14.48
N ASN A 52 -12.04 -2.30 -13.77
CA ASN A 52 -13.41 -2.21 -14.27
C ASN A 52 -14.30 -1.66 -13.17
N ARG A 53 -15.13 -0.66 -13.52
CA ARG A 53 -15.97 0.07 -12.55
C ARG A 53 -15.11 1.05 -11.78
N GLN A 54 -14.70 2.11 -12.45
CA GLN A 54 -13.84 3.09 -11.85
C GLN A 54 -14.64 4.12 -11.08
N GLU A 55 -15.00 3.79 -9.87
CA GLU A 55 -15.73 4.69 -9.02
C GLU A 55 -14.77 5.63 -8.33
N ALA A 56 -15.13 6.92 -8.30
CA ALA A 56 -14.26 7.96 -7.74
C ALA A 56 -12.97 8.05 -8.56
N ALA A 57 -13.09 7.76 -9.85
CA ALA A 57 -11.96 7.77 -10.78
C ALA A 57 -11.27 9.12 -10.80
N ASP A 58 -9.99 9.11 -11.16
CA ASP A 58 -9.17 10.31 -11.18
C ASP A 58 -7.77 9.98 -11.67
N THR A 59 -7.16 10.93 -12.36
CA THR A 59 -5.82 10.74 -12.90
C THR A 59 -4.77 10.88 -11.81
N GLU A 60 -4.97 11.85 -10.92
CA GLU A 60 -4.03 12.14 -9.86
C GLU A 60 -3.97 10.98 -8.85
N ALA A 61 -5.13 10.49 -8.45
CA ALA A 61 -5.22 9.38 -7.51
C ALA A 61 -4.56 8.13 -8.08
N ALA A 62 -4.83 7.83 -9.34
CA ALA A 62 -4.24 6.67 -10.00
C ALA A 62 -2.72 6.81 -10.11
N LYS A 63 -2.28 8.04 -10.38
CA LYS A 63 -0.85 8.33 -10.50
C LYS A 63 -0.13 8.04 -9.18
N GLN A 64 -0.70 8.48 -8.08
CA GLN A 64 -0.13 8.22 -6.76
C GLN A 64 -0.27 6.76 -6.40
N GLY A 65 -1.32 6.14 -6.92
CA GLY A 65 -1.54 4.73 -6.67
C GLY A 65 -0.43 3.90 -7.27
N ASP A 66 -0.12 4.18 -8.52
CA ASP A 66 1.00 3.50 -9.20
C ASP A 66 2.32 3.85 -8.55
N GLN A 67 2.44 5.09 -8.09
CA GLN A 67 3.65 5.55 -7.42
C GLN A 67 3.89 4.73 -6.16
N TRP A 68 2.82 4.51 -5.41
CA TRP A 68 2.90 3.75 -4.17
C TRP A 68 3.30 2.32 -4.45
N VAL A 69 2.79 1.77 -5.55
CA VAL A 69 3.08 0.39 -5.93
C VAL A 69 4.56 0.23 -6.26
N GLN A 70 5.09 1.17 -7.04
CA GLN A 70 6.49 1.12 -7.42
C GLN A 70 7.39 1.33 -6.21
N LEU A 71 6.98 2.23 -5.33
CA LEU A 71 7.72 2.50 -4.10
C LEU A 71 7.72 1.27 -3.20
N PHE A 72 6.56 0.62 -3.10
CA PHE A 72 6.46 -0.58 -2.28
C PHE A 72 7.26 -1.70 -2.88
N GLN A 73 7.20 -1.84 -4.20
CA GLN A 73 7.92 -2.86 -4.91
C GLN A 73 9.41 -2.67 -4.67
N ARG A 74 9.85 -1.43 -4.77
CA ARG A 74 11.23 -1.06 -4.51
C ARG A 74 11.59 -1.29 -3.04
N PHE A 75 10.66 -0.95 -2.16
CA PHE A 75 10.83 -1.15 -0.72
C PHE A 75 10.98 -2.62 -0.40
N ARG A 76 10.09 -3.44 -0.93
CA ARG A 76 10.13 -4.86 -0.72
C ARG A 76 11.41 -5.46 -1.31
N GLU A 77 11.79 -4.96 -2.47
CA GLU A 77 13.00 -5.41 -3.15
C GLU A 77 14.23 -5.04 -2.32
N ALA A 78 14.15 -3.91 -1.64
CA ALA A 78 15.23 -3.42 -0.81
C ALA A 78 15.41 -4.31 0.40
N ILE A 79 14.32 -4.93 0.87
CA ILE A 79 14.39 -5.83 2.02
C ILE A 79 15.09 -7.10 1.61
N ASP A 80 14.86 -7.50 0.37
CA ASP A 80 15.46 -8.71 -0.18
C ASP A 80 16.96 -8.47 -0.35
N LYS A 81 17.31 -7.23 -0.67
CA LYS A 81 18.70 -6.83 -0.87
C LYS A 81 19.40 -6.52 0.45
N GLY A 82 18.64 -6.49 1.54
CA GLY A 82 19.23 -6.18 2.84
C GLY A 82 19.71 -4.75 2.96
N ASP A 83 19.12 -3.86 2.19
CA ASP A 83 19.53 -2.46 2.20
C ASP A 83 18.68 -1.67 3.19
N LYS A 84 19.23 -1.46 4.37
CA LYS A 84 18.50 -0.79 5.44
C LYS A 84 18.37 0.70 5.18
N ASP A 85 19.36 1.27 4.50
CA ASP A 85 19.39 2.70 4.21
C ASP A 85 18.20 3.13 3.37
N SER A 86 17.95 2.41 2.30
CA SER A 86 16.83 2.73 1.44
C SER A 86 15.50 2.40 2.08
N LEU A 87 15.47 1.38 2.95
CA LEU A 87 14.23 0.94 3.57
C LEU A 87 13.59 2.05 4.40
N GLU A 88 14.38 2.69 5.24
CA GLU A 88 13.87 3.77 6.07
C GLU A 88 13.35 4.92 5.22
N GLN A 89 14.11 5.31 4.21
CA GLN A 89 13.76 6.42 3.34
C GLN A 89 12.50 6.08 2.51
N LEU A 90 12.47 4.87 1.97
CA LEU A 90 11.34 4.43 1.14
C LEU A 90 10.08 4.27 1.97
N LEU A 91 10.24 3.84 3.22
CA LEU A 91 9.11 3.63 4.10
C LEU A 91 8.43 4.95 4.43
N GLU A 92 9.23 5.97 4.70
CA GLU A 92 8.69 7.30 4.99
C GLU A 92 7.90 7.83 3.79
N GLU A 93 8.44 7.58 2.60
CA GLU A 93 7.78 7.99 1.37
C GLU A 93 6.50 7.18 1.16
N LEU A 94 6.54 5.90 1.52
CA LEU A 94 5.38 5.03 1.39
C LEU A 94 4.24 5.52 2.25
N GLU A 95 4.56 5.88 3.49
CA GLU A 95 3.58 6.42 4.41
C GLU A 95 2.99 7.72 3.88
N GLN A 96 3.84 8.55 3.30
CA GLN A 96 3.39 9.83 2.77
C GLN A 96 2.55 9.61 1.51
N ALA A 97 3.00 8.70 0.66
CA ALA A 97 2.29 8.37 -0.59
C ALA A 97 0.93 7.79 -0.29
N LEU A 98 0.85 7.00 0.76
CA LEU A 98 -0.41 6.42 1.18
C LEU A 98 -1.37 7.54 1.60
N GLN A 99 -0.83 8.51 2.30
CA GLN A 99 -1.58 9.65 2.75
C GLN A 99 -2.03 10.52 1.57
N LYS A 100 -1.26 10.53 0.47
CA LYS A 100 -1.60 11.36 -0.67
C LYS A 100 -2.84 10.79 -1.35
N ILE A 101 -2.83 9.47 -1.50
CA ILE A 101 -3.92 8.74 -2.13
C ILE A 101 -5.19 8.87 -1.31
N ARG A 102 -5.08 8.70 0.01
CA ARG A 102 -6.24 8.79 0.89
C ARG A 102 -6.92 10.15 0.77
N GLU A 103 -6.14 11.21 0.67
CA GLU A 103 -6.71 12.54 0.54
C GLU A 103 -7.56 12.63 -0.72
N LEU A 104 -7.02 12.14 -1.82
CA LEU A 104 -7.70 12.17 -3.10
C LEU A 104 -8.90 11.22 -3.14
N ALA A 105 -8.76 10.05 -2.52
CA ALA A 105 -9.82 9.05 -2.51
C ALA A 105 -10.96 9.46 -1.59
N GLU A 106 -10.64 10.12 -0.48
CA GLU A 106 -11.64 10.56 0.46
C GLU A 106 -12.18 11.93 0.05
N LYS A 107 -11.51 12.51 -0.96
CA LYS A 107 -11.83 13.85 -1.47
C LYS A 107 -11.48 14.93 -0.43
N LYS A 108 -10.73 14.50 0.60
CA LYS A 108 -10.28 15.36 1.71
C LYS A 108 -11.43 15.86 2.60
N ASN A 109 -12.53 16.27 1.97
CA ASN A 109 -13.72 16.77 2.67
C ASN A 109 -13.40 18.01 3.52
NA1 7BU B . -6.45 3.15 -5.85
NB2 7BU B . -4.45 2.53 -3.87
ND4 7BU B . -8.32 3.89 -3.78
CHA 7BU B . -8.53 4.50 -6.17
CHB 7BU B . -4.38 1.85 -6.26
CHC 7BU B . -3.84 3.08 -1.55
CHD 7BU B . -8.71 3.69 -1.34
C1A 7BU B . -7.36 3.81 -6.64
C1B 7BU B . -3.81 1.96 -4.96
C1C 7BU B . -5.15 3.33 -1.06
C1D 7BU B . -9.13 3.99 -2.67
C1FA 7BU B . -9.34 5.26 -7.24
C1FB 7BU B . -3.60 1.08 -7.34
C1FC 7BU B . -2.72 3.22 -0.51
C1FD 7BU B . -9.75 3.79 -0.21
C2A 7BU B . -7.01 3.61 -8.04
C2B 7BU B . -2.43 1.67 -4.59
C2C 7BU B . -5.51 3.50 0.35
C2D 7BU B . -10.37 4.66 -3.04
C3A 7BU B . -5.90 2.82 -8.06
C3B 7BU B . -2.27 2.07 -3.31
C3C 7BU B . -6.85 3.61 0.41
C3D 7BU B . -10.30 4.94 -4.36
C4A 7BU B . -5.55 2.54 -6.69
C4B 7BU B . -3.53 2.61 -2.85
C4C 7BU B . -7.36 3.49 -0.95
C4D 7BU B . -9.01 4.46 -4.84
NC3 7BU B . -6.30 3.32 -1.82
F21A 7BU B . -10.20 4.44 -7.88
F21B 7BU B . -2.86 0.08 -6.82
F21C 7BU B . -1.49 3.36 -1.00
F21D 7BU B . -9.60 2.83 0.73
F22A 7BU B . -8.54 5.76 -8.22
F22B 7BU B . -2.75 1.86 -8.04
F22C 7BU B . -2.90 4.30 0.28
F22D 7BU B . -11.01 3.65 -0.67
F23A 7BU B . -10.06 6.29 -6.78
F23B 7BU B . -4.44 0.51 -8.23
F23C 7BU B . -2.68 2.14 0.32
F23D 7BU B . -9.68 4.97 0.44
ZN 7BU B . -6.52 2.81 -3.81
H2A1 7BU B . -7.54 3.99 -8.90
H2B1 7BU B . -1.68 1.21 -5.22
H2C1 7BU B . -4.81 3.54 1.18
H2D1 7BU B . -11.19 4.88 -2.39
H3A1 7BU B . -5.38 2.48 -8.95
H3B1 7BU B . -1.36 1.98 -2.71
H3C1 7BU B . -7.45 3.74 1.30
H3D1 7BU B . -11.06 5.43 -4.95
N SER A 1 -20.09 -0.87 -10.23
CA SER A 1 -18.78 -0.60 -9.63
C SER A 1 -18.82 -0.83 -8.14
N GLU A 2 -18.01 -1.76 -7.66
CA GLU A 2 -17.96 -2.07 -6.24
C GLU A 2 -17.17 -1.00 -5.50
N PHE A 3 -17.78 0.15 -5.28
CA PHE A 3 -17.11 1.25 -4.60
C PHE A 3 -16.89 0.94 -3.12
N GLU A 4 -17.83 0.24 -2.52
CA GLU A 4 -17.74 -0.10 -1.10
C GLU A 4 -16.58 -1.04 -0.87
N LYS A 5 -16.49 -2.08 -1.70
CA LYS A 5 -15.40 -3.05 -1.64
C LYS A 5 -14.08 -2.37 -2.00
N LEU A 6 -14.19 -1.30 -2.78
CA LEU A 6 -13.02 -0.56 -3.23
C LEU A 6 -12.41 0.16 -2.04
N ARG A 7 -13.27 0.90 -1.35
CA ARG A 7 -12.89 1.60 -0.14
C ARG A 7 -12.46 0.63 0.96
N GLN A 8 -13.23 -0.44 1.09
CA GLN A 8 -12.99 -1.44 2.12
C GLN A 8 -11.60 -2.07 1.97
N THR A 9 -11.22 -2.44 0.74
CA THR A 9 -9.91 -3.03 0.51
C THR A 9 -8.81 -1.98 0.67
N GLY A 10 -9.17 -0.72 0.52
CA GLY A 10 -8.22 0.36 0.68
C GLY A 10 -7.87 0.53 2.14
N ASP A 11 -8.90 0.60 2.97
CA ASP A 11 -8.74 0.68 4.42
C ASP A 11 -7.96 -0.51 4.95
N GLU A 12 -8.24 -1.71 4.43
CA GLU A 12 -7.54 -2.92 4.86
C GLU A 12 -6.06 -2.83 4.50
N LEU A 13 -5.77 -2.34 3.31
CA LEU A 13 -4.39 -2.20 2.85
C LEU A 13 -3.63 -1.24 3.78
N VAL A 14 -4.29 -0.14 4.16
CA VAL A 14 -3.69 0.82 5.08
C VAL A 14 -3.37 0.14 6.41
N GLN A 15 -4.30 -0.67 6.89
CA GLN A 15 -4.12 -1.41 8.14
C GLN A 15 -2.91 -2.36 8.05
N ALA A 16 -2.78 -3.05 6.92
CA ALA A 16 -1.65 -3.95 6.70
C ALA A 16 -0.35 -3.17 6.66
N PHE A 17 -0.41 -1.97 6.09
CA PHE A 17 0.74 -1.08 6.01
C PHE A 17 1.13 -0.60 7.40
N GLN A 18 0.13 -0.33 8.22
CA GLN A 18 0.34 0.13 9.57
C GLN A 18 0.95 -0.99 10.41
N ARG A 19 0.49 -2.21 10.17
CA ARG A 19 0.99 -3.38 10.87
C ARG A 19 2.42 -3.65 10.42
N LEU A 20 2.65 -3.38 9.13
CA LEU A 20 3.95 -3.58 8.51
C LEU A 20 5.01 -2.75 9.20
N ARG A 21 4.67 -1.51 9.53
CA ARG A 21 5.59 -0.61 10.19
C ARG A 21 5.88 -1.08 11.60
N GLU A 22 4.87 -1.63 12.24
CA GLU A 22 4.98 -2.07 13.60
C GLU A 22 5.90 -3.29 13.67
N ILE A 23 5.83 -4.14 12.65
CA ILE A 23 6.62 -5.36 12.59
C ILE A 23 8.06 -5.01 12.21
N PHE A 24 8.18 -4.01 11.33
CA PHE A 24 9.45 -3.60 10.79
C PHE A 24 10.30 -2.94 11.87
N ASP A 25 9.66 -2.05 12.62
CA ASP A 25 10.33 -1.31 13.69
C ASP A 25 10.85 -2.25 14.78
N LYS A 26 10.27 -3.43 14.87
CA LYS A 26 10.68 -4.41 15.88
C LYS A 26 11.75 -5.35 15.34
N GLY A 27 12.20 -5.13 14.11
CA GLY A 27 13.22 -5.97 13.52
C GLY A 27 12.74 -7.40 13.29
N ASP A 28 11.45 -7.58 13.09
CA ASP A 28 10.91 -8.91 12.85
C ASP A 28 10.98 -9.27 11.38
N ASP A 29 11.96 -10.09 11.04
CA ASP A 29 12.21 -10.46 9.66
C ASP A 29 11.19 -11.49 9.16
N ASP A 30 10.91 -12.45 10.03
CA ASP A 30 10.04 -13.58 9.69
C ASP A 30 8.62 -13.15 9.35
N SER A 31 8.04 -12.30 10.17
CA SER A 31 6.69 -11.85 9.94
C SER A 31 6.65 -10.87 8.77
N LEU A 32 7.74 -10.13 8.60
CA LEU A 32 7.84 -9.14 7.54
C LEU A 32 7.70 -9.82 6.17
N GLU A 33 8.42 -10.91 5.96
CA GLU A 33 8.33 -11.67 4.71
C GLU A 33 6.89 -12.16 4.47
N GLN A 34 6.28 -12.72 5.50
CA GLN A 34 4.91 -13.22 5.41
C GLN A 34 3.92 -12.09 5.07
N VAL A 35 4.05 -10.98 5.76
CA VAL A 35 3.16 -9.83 5.55
C VAL A 35 3.32 -9.21 4.17
N LEU A 36 4.55 -9.23 3.64
CA LEU A 36 4.82 -8.63 2.33
C LEU A 36 3.98 -9.29 1.25
N GLU A 37 3.89 -10.62 1.28
CA GLU A 37 3.11 -11.34 0.28
C GLU A 37 1.62 -11.05 0.44
N GLU A 38 1.20 -10.87 1.68
CA GLU A 38 -0.19 -10.57 1.98
C GLU A 38 -0.56 -9.16 1.52
N ILE A 39 0.33 -8.21 1.79
CA ILE A 39 0.12 -6.82 1.36
C ILE A 39 -0.01 -6.77 -0.15
N GLU A 40 0.92 -7.42 -0.84
CA GLU A 40 0.89 -7.49 -2.29
C GLU A 40 -0.42 -8.12 -2.78
N GLU A 41 -0.90 -9.11 -2.05
CA GLU A 41 -2.11 -9.79 -2.40
C GLU A 41 -3.32 -8.86 -2.21
N LEU A 42 -3.26 -8.02 -1.18
CA LEU A 42 -4.33 -7.06 -0.89
C LEU A 42 -4.38 -6.00 -1.97
N ILE A 43 -3.21 -5.60 -2.45
CA ILE A 43 -3.11 -4.61 -3.52
C ILE A 43 -3.83 -5.13 -4.76
N GLN A 44 -3.65 -6.42 -5.03
CA GLN A 44 -4.29 -7.07 -6.17
C GLN A 44 -5.81 -7.05 -6.01
N LYS A 45 -6.27 -7.37 -4.79
CA LYS A 45 -7.70 -7.39 -4.49
C LYS A 45 -8.32 -6.01 -4.68
N HIS A 46 -7.57 -4.99 -4.31
CA HIS A 46 -8.02 -3.61 -4.39
C HIS A 46 -7.97 -3.12 -5.83
N ARG A 47 -6.87 -3.40 -6.51
CA ARG A 47 -6.69 -3.00 -7.91
C ARG A 47 -7.66 -3.73 -8.83
N GLN A 48 -7.94 -4.99 -8.52
CA GLN A 48 -8.85 -5.79 -9.35
C GLN A 48 -10.21 -5.14 -9.43
N LEU A 49 -10.63 -4.49 -8.36
CA LEU A 49 -11.91 -3.81 -8.32
C LEU A 49 -11.88 -2.62 -9.26
N PHE A 50 -10.71 -2.02 -9.41
CA PHE A 50 -10.51 -0.88 -10.30
C PHE A 50 -10.45 -1.36 -11.74
N ASP A 51 -9.93 -2.57 -11.95
CA ASP A 51 -9.84 -3.16 -13.28
C ASP A 51 -11.22 -3.54 -13.78
N ASN A 52 -12.10 -3.85 -12.83
CA ASN A 52 -13.48 -4.21 -13.13
C ASN A 52 -14.34 -2.95 -13.38
N ARG A 53 -13.70 -1.84 -13.69
CA ARG A 53 -14.40 -0.60 -13.98
C ARG A 53 -13.49 0.35 -14.74
N GLN A 54 -14.02 1.48 -15.14
CA GLN A 54 -13.23 2.51 -15.78
C GLN A 54 -13.29 3.78 -14.96
N GLU A 55 -14.50 4.15 -14.57
CA GLU A 55 -14.76 5.30 -13.72
C GLU A 55 -13.90 5.27 -12.46
N ALA A 56 -13.02 6.24 -12.34
CA ALA A 56 -12.16 6.35 -11.18
C ALA A 56 -12.71 7.37 -10.21
N ALA A 57 -12.47 7.15 -8.92
CA ALA A 57 -12.94 8.07 -7.89
C ALA A 57 -12.11 9.35 -7.88
N ASP A 58 -10.96 9.29 -8.54
CA ASP A 58 -10.06 10.42 -8.65
C ASP A 58 -8.93 10.08 -9.61
N THR A 59 -8.56 11.02 -10.45
CA THR A 59 -7.55 10.77 -11.47
C THR A 59 -6.12 10.73 -10.88
N GLU A 60 -5.80 11.71 -10.04
CA GLU A 60 -4.45 11.81 -9.47
C GLU A 60 -4.23 10.69 -8.44
N ALA A 61 -5.29 10.32 -7.75
CA ALA A 61 -5.22 9.30 -6.72
C ALA A 61 -4.79 7.96 -7.30
N ALA A 62 -5.33 7.63 -8.48
CA ALA A 62 -4.99 6.38 -9.15
C ALA A 62 -3.52 6.37 -9.57
N LYS A 63 -3.05 7.50 -10.10
CA LYS A 63 -1.67 7.61 -10.55
C LYS A 63 -0.72 7.45 -9.36
N GLN A 64 -1.07 8.11 -8.26
CA GLN A 64 -0.27 8.03 -7.04
C GLN A 64 -0.29 6.60 -6.52
N GLY A 65 -1.43 5.94 -6.64
CA GLY A 65 -1.54 4.56 -6.21
C GLY A 65 -0.62 3.65 -6.98
N ASP A 66 -0.53 3.85 -8.29
CA ASP A 66 0.38 3.08 -9.13
C ASP A 66 1.82 3.30 -8.68
N GLN A 67 2.16 4.56 -8.44
CA GLN A 67 3.50 4.92 -8.01
C GLN A 67 3.80 4.33 -6.63
N TRP A 68 2.77 4.30 -5.78
CA TRP A 68 2.90 3.72 -4.45
C TRP A 68 3.24 2.24 -4.55
N VAL A 69 2.62 1.57 -5.52
CA VAL A 69 2.85 0.15 -5.74
C VAL A 69 4.29 -0.08 -6.20
N GLN A 70 4.79 0.84 -7.03
CA GLN A 70 6.14 0.74 -7.53
C GLN A 70 7.14 0.99 -6.40
N LEU A 71 6.81 1.95 -5.54
CA LEU A 71 7.63 2.27 -4.37
C LEU A 71 7.70 1.05 -3.45
N PHE A 72 6.57 0.37 -3.31
CA PHE A 72 6.50 -0.83 -2.48
C PHE A 72 7.41 -1.91 -3.06
N GLN A 73 7.45 -1.98 -4.39
CA GLN A 73 8.31 -2.93 -5.08
C GLN A 73 9.77 -2.63 -4.75
N ARG A 74 10.10 -1.35 -4.70
CA ARG A 74 11.46 -0.92 -4.36
C ARG A 74 11.78 -1.30 -2.93
N PHE A 75 10.77 -1.18 -2.08
CA PHE A 75 10.89 -1.57 -0.68
C PHE A 75 11.23 -3.05 -0.59
N ARG A 76 10.51 -3.86 -1.37
CA ARG A 76 10.78 -5.28 -1.43
C ARG A 76 12.19 -5.56 -1.95
N GLU A 77 12.61 -4.79 -2.97
CA GLU A 77 13.91 -5.01 -3.58
C GLU A 77 15.01 -4.69 -2.60
N ALA A 78 14.78 -3.68 -1.78
CA ALA A 78 15.75 -3.26 -0.80
C ALA A 78 15.95 -4.36 0.23
N ILE A 79 14.86 -4.95 0.71
CA ILE A 79 14.93 -6.06 1.65
C ILE A 79 15.68 -7.24 1.05
N ASP A 80 15.40 -7.54 -0.21
CA ASP A 80 16.03 -8.66 -0.88
C ASP A 80 17.52 -8.41 -1.09
N LYS A 81 17.88 -7.16 -1.27
CA LYS A 81 19.30 -6.79 -1.44
C LYS A 81 19.98 -6.47 -0.09
N GLY A 82 19.23 -6.58 1.00
CA GLY A 82 19.78 -6.29 2.32
C GLY A 82 20.07 -4.81 2.53
N ASP A 83 19.45 -3.96 1.73
CA ASP A 83 19.65 -2.53 1.84
C ASP A 83 18.66 -1.94 2.84
N LYS A 84 19.11 -1.80 4.08
CA LYS A 84 18.26 -1.29 5.14
C LYS A 84 18.08 0.23 5.06
N ASP A 85 19.08 0.90 4.51
CA ASP A 85 19.06 2.35 4.35
C ASP A 85 17.87 2.80 3.53
N SER A 86 17.69 2.16 2.38
CA SER A 86 16.59 2.48 1.49
C SER A 86 15.24 2.19 2.15
N LEU A 87 15.20 1.20 3.02
CA LEU A 87 13.97 0.78 3.66
C LEU A 87 13.35 1.93 4.46
N GLU A 88 14.15 2.58 5.28
CA GLU A 88 13.66 3.69 6.09
C GLU A 88 13.20 4.85 5.20
N GLN A 89 13.97 5.12 4.15
CA GLN A 89 13.64 6.21 3.23
C GLN A 89 12.35 5.90 2.45
N LEU A 90 12.25 4.67 1.96
CA LEU A 90 11.09 4.25 1.18
C LEU A 90 9.83 4.17 2.05
N LEU A 91 10.01 3.77 3.30
CA LEU A 91 8.88 3.68 4.23
C LEU A 91 8.26 5.05 4.46
N GLU A 92 9.11 6.04 4.66
CA GLU A 92 8.64 7.40 4.86
C GLU A 92 8.02 7.93 3.57
N GLU A 93 8.60 7.55 2.43
CA GLU A 93 8.07 7.94 1.13
C GLU A 93 6.69 7.33 0.93
N LEU A 94 6.57 6.05 1.28
CA LEU A 94 5.32 5.32 1.16
C LEU A 94 4.25 5.98 2.02
N GLU A 95 4.64 6.38 3.22
CA GLU A 95 3.73 7.02 4.16
C GLU A 95 3.16 8.33 3.58
N GLN A 96 4.02 9.16 3.00
CA GLN A 96 3.58 10.43 2.43
C GLN A 96 2.68 10.21 1.23
N ALA A 97 3.06 9.26 0.39
CA ALA A 97 2.29 8.96 -0.81
C ALA A 97 0.95 8.36 -0.44
N LEU A 98 0.97 7.41 0.49
CA LEU A 98 -0.24 6.73 0.94
C LEU A 98 -1.20 7.73 1.58
N GLN A 99 -0.67 8.58 2.45
CA GLN A 99 -1.46 9.58 3.12
C GLN A 99 -2.10 10.55 2.13
N LYS A 100 -1.34 10.96 1.12
CA LYS A 100 -1.85 11.90 0.14
C LYS A 100 -2.93 11.24 -0.71
N ILE A 101 -2.76 9.95 -1.01
CA ILE A 101 -3.76 9.19 -1.76
C ILE A 101 -5.06 9.15 -0.97
N ARG A 102 -4.95 8.88 0.33
CA ARG A 102 -6.10 8.85 1.21
C ARG A 102 -6.82 10.19 1.19
N GLU A 103 -6.04 11.26 1.26
CA GLU A 103 -6.59 12.60 1.26
C GLU A 103 -7.39 12.89 -0.03
N LEU A 104 -6.85 12.46 -1.16
CA LEU A 104 -7.52 12.67 -2.44
C LEU A 104 -8.73 11.77 -2.61
N ALA A 105 -8.63 10.53 -2.14
CA ALA A 105 -9.72 9.57 -2.24
C ALA A 105 -10.84 9.87 -1.23
N GLU A 106 -10.47 10.41 -0.09
CA GLU A 106 -11.42 10.72 0.96
C GLU A 106 -12.08 12.07 0.69
N LYS A 107 -11.30 12.98 0.10
CA LYS A 107 -11.73 14.34 -0.20
C LYS A 107 -12.18 15.10 1.04
N LYS A 108 -13.43 14.88 1.47
CA LYS A 108 -13.98 15.55 2.65
C LYS A 108 -13.90 17.07 2.46
N ASN A 109 -14.21 17.51 1.25
CA ASN A 109 -14.13 18.92 0.90
C ASN A 109 -15.52 19.49 0.74
NA1 7BU B . -6.54 2.95 -6.17
NB2 7BU B . -4.52 2.57 -4.16
ND4 7BU B . -8.38 3.98 -4.19
CHA 7BU B . -8.60 4.29 -6.63
CHB 7BU B . -4.49 1.59 -6.42
CHC 7BU B . -3.87 3.40 -1.92
CHD 7BU B . -8.73 4.10 -1.74
C1A 7BU B . -7.45 3.53 -7.03
C1B 7BU B . -3.91 1.85 -5.15
C1C 7BU B . -5.18 3.73 -1.44
C1D 7BU B . -9.15 4.28 -3.09
C1FA 7BU B . -9.41 4.91 -7.79
C1FB 7BU B . -3.74 0.68 -7.40
C1FC 7BU B . -2.74 3.64 -0.91
C1FD 7BU B . -9.76 4.32 -0.62
C2A 7BU B . -7.11 3.15 -8.40
C2B 7BU B . -2.54 1.56 -4.75
C2C 7BU B . -5.52 4.07 -0.07
C2D 7BU B . -10.36 4.94 -3.52
C3A 7BU B . -6.02 2.35 -8.33
C3B 7BU B . -2.35 2.13 -3.54
C3C 7BU B . -6.86 4.20 0.00
C3D 7BU B . -10.30 5.05 -4.87
C4A 7BU B . -5.65 2.24 -6.93
C4B 7BU B . -3.59 2.76 -3.15
C4C 7BU B . -7.38 3.94 -1.35
C4D 7BU B . -9.05 4.45 -5.30
NC3 7BU B . -6.34 3.65 -2.19
F21A 7BU B . -10.33 4.04 -8.28
F21B 7BU B . -3.06 -0.32 -6.77
F21C 7BU B . -1.50 3.69 -1.43
F21D 7BU B . -9.61 3.45 0.41
F22A 7BU B . -8.64 5.23 -8.85
F22B 7BU B . -2.80 1.32 -8.14
F22C 7BU B . -2.89 4.82 -0.25
F22D 7BU B . -11.02 4.14 -1.06
F23A 7BU B . -10.09 6.03 -7.47
F23B 7BU B . -4.58 0.06 -8.27
F23C 7BU B . -2.73 2.66 0.03
F23D 7BU B . -9.69 5.57 -0.11
ZN 7BU B . -6.59 2.88 -4.10
H2A1 7BU B . -7.64 3.43 -9.29
H2B1 7BU B . -1.80 1.02 -5.33
H2C1 7BU B . -4.82 4.19 0.74
H2D1 7BU B . -11.16 5.29 -2.89
H3A1 7BU B . -5.50 1.91 -9.17
H3B1 7BU B . -1.43 2.11 -2.96
H3C1 7BU B . -7.45 4.44 0.87
H3D1 7BU B . -11.05 5.49 -5.50
N SER A 1 -22.82 -3.27 -1.12
CA SER A 1 -22.41 -2.21 -2.04
C SER A 1 -20.96 -2.36 -2.44
N GLU A 2 -20.66 -2.07 -3.70
CA GLU A 2 -19.31 -2.20 -4.25
C GLU A 2 -18.32 -1.32 -3.51
N PHE A 3 -18.78 -0.14 -3.12
CA PHE A 3 -17.93 0.84 -2.42
C PHE A 3 -17.39 0.26 -1.11
N GLU A 4 -18.17 -0.62 -0.49
CA GLU A 4 -17.77 -1.23 0.77
C GLU A 4 -16.59 -2.16 0.56
N LYS A 5 -16.70 -3.07 -0.42
CA LYS A 5 -15.62 -4.01 -0.74
C LYS A 5 -14.39 -3.26 -1.22
N LEU A 6 -14.62 -2.10 -1.81
CA LEU A 6 -13.55 -1.28 -2.34
C LEU A 6 -12.78 -0.68 -1.18
N ARG A 7 -13.52 -0.02 -0.29
CA ARG A 7 -12.93 0.55 0.90
C ARG A 7 -12.35 -0.53 1.82
N GLN A 8 -13.06 -1.65 1.93
CA GLN A 8 -12.63 -2.73 2.83
C GLN A 8 -11.27 -3.28 2.43
N THR A 9 -11.07 -3.55 1.14
CA THR A 9 -9.77 -4.00 0.68
C THR A 9 -8.70 -2.92 0.88
N GLY A 10 -9.14 -1.68 0.95
CA GLY A 10 -8.23 -0.60 1.20
C GLY A 10 -7.85 -0.56 2.65
N ASP A 11 -8.85 -0.64 3.53
CA ASP A 11 -8.63 -0.67 4.98
C ASP A 11 -7.76 -1.86 5.36
N GLU A 12 -8.08 -3.03 4.79
CA GLU A 12 -7.31 -4.24 5.07
C GLU A 12 -5.87 -4.08 4.62
N LEU A 13 -5.67 -3.45 3.47
CA LEU A 13 -4.34 -3.17 2.97
C LEU A 13 -3.58 -2.29 3.97
N VAL A 14 -4.28 -1.34 4.55
CA VAL A 14 -3.70 -0.48 5.57
C VAL A 14 -3.36 -1.31 6.82
N GLN A 15 -4.26 -2.21 7.18
CA GLN A 15 -4.06 -3.10 8.33
C GLN A 15 -2.83 -3.97 8.11
N ALA A 16 -2.63 -4.42 6.87
CA ALA A 16 -1.45 -5.22 6.52
C ALA A 16 -0.22 -4.33 6.57
N PHE A 17 -0.39 -3.08 6.18
CA PHE A 17 0.69 -2.12 6.18
C PHE A 17 1.11 -1.81 7.61
N GLN A 18 0.13 -1.73 8.51
CA GLN A 18 0.40 -1.48 9.91
C GLN A 18 1.21 -2.62 10.49
N ARG A 19 0.89 -3.84 10.04
CA ARG A 19 1.62 -5.02 10.45
C ARG A 19 3.05 -4.95 9.94
N LEU A 20 3.21 -4.45 8.72
CA LEU A 20 4.53 -4.33 8.11
C LEU A 20 5.35 -3.28 8.83
N ARG A 21 4.69 -2.21 9.23
CA ARG A 21 5.31 -1.11 9.94
C ARG A 21 5.91 -1.61 11.26
N GLU A 22 5.11 -2.36 12.01
CA GLU A 22 5.57 -2.92 13.28
C GLU A 22 6.66 -3.97 13.06
N ILE A 23 6.40 -4.94 12.21
CA ILE A 23 7.36 -6.00 11.90
C ILE A 23 8.71 -5.47 11.41
N PHE A 24 8.69 -4.36 10.70
CA PHE A 24 9.93 -3.80 10.17
C PHE A 24 10.82 -3.38 11.33
N ASP A 25 10.21 -2.74 12.32
CA ASP A 25 10.90 -2.28 13.52
C ASP A 25 11.26 -3.44 14.43
N LYS A 26 10.55 -4.55 14.28
CA LYS A 26 10.75 -5.71 15.12
C LYS A 26 11.80 -6.65 14.55
N GLY A 27 12.15 -6.44 13.29
CA GLY A 27 13.15 -7.27 12.64
C GLY A 27 12.72 -8.71 12.48
N ASP A 28 11.42 -8.94 12.37
CA ASP A 28 10.92 -10.31 12.25
C ASP A 28 10.72 -10.67 10.78
N ASP A 29 11.80 -11.03 10.12
CA ASP A 29 11.79 -11.42 8.70
C ASP A 29 10.78 -12.54 8.42
N ASP A 30 10.54 -13.40 9.41
CA ASP A 30 9.60 -14.52 9.23
C ASP A 30 8.21 -14.00 8.96
N SER A 31 7.75 -13.10 9.81
CA SER A 31 6.44 -12.53 9.69
C SER A 31 6.40 -11.52 8.55
N LEU A 32 7.53 -10.84 8.34
CA LEU A 32 7.64 -9.84 7.29
C LEU A 32 7.35 -10.44 5.91
N GLU A 33 7.98 -11.58 5.61
CA GLU A 33 7.71 -12.27 4.35
C GLU A 33 6.25 -12.67 4.25
N GLN A 34 5.69 -13.14 5.35
CA GLN A 34 4.30 -13.56 5.40
C GLN A 34 3.36 -12.39 5.14
N VAL A 35 3.63 -11.25 5.77
CA VAL A 35 2.82 -10.06 5.61
C VAL A 35 2.94 -9.47 4.21
N LEU A 36 4.11 -9.58 3.60
CA LEU A 36 4.29 -9.08 2.24
C LEU A 36 3.33 -9.79 1.29
N GLU A 37 3.07 -11.08 1.56
CA GLU A 37 2.11 -11.84 0.78
C GLU A 37 0.71 -11.26 0.97
N GLU A 38 0.42 -10.85 2.21
CA GLU A 38 -0.86 -10.27 2.56
C GLU A 38 -1.08 -8.97 1.82
N ILE A 39 -0.05 -8.14 1.82
CA ILE A 39 -0.13 -6.84 1.18
C ILE A 39 -0.31 -6.98 -0.32
N GLU A 40 0.52 -7.82 -0.94
CA GLU A 40 0.43 -8.06 -2.36
C GLU A 40 -0.96 -8.57 -2.77
N GLU A 41 -1.50 -9.51 -2.01
CA GLU A 41 -2.81 -10.05 -2.31
C GLU A 41 -3.89 -9.01 -2.18
N LEU A 42 -3.83 -8.22 -1.11
CA LEU A 42 -4.80 -7.17 -0.89
C LEU A 42 -4.74 -6.10 -1.97
N ILE A 43 -3.53 -5.81 -2.46
CA ILE A 43 -3.38 -4.84 -3.55
C ILE A 43 -4.13 -5.33 -4.78
N GLN A 44 -3.93 -6.60 -5.11
CA GLN A 44 -4.57 -7.22 -6.26
C GLN A 44 -6.09 -7.22 -6.09
N LYS A 45 -6.55 -7.59 -4.91
CA LYS A 45 -7.98 -7.64 -4.60
C LYS A 45 -8.60 -6.24 -4.59
N HIS A 46 -7.84 -5.25 -4.17
CA HIS A 46 -8.33 -3.89 -4.08
C HIS A 46 -8.36 -3.26 -5.47
N ARG A 47 -7.29 -3.47 -6.21
CA ARG A 47 -7.19 -2.97 -7.58
C ARG A 47 -8.15 -3.70 -8.51
N GLN A 48 -8.45 -4.96 -8.21
CA GLN A 48 -9.37 -5.76 -9.03
C GLN A 48 -10.72 -5.05 -9.15
N LEU A 49 -11.18 -4.48 -8.05
CA LEU A 49 -12.44 -3.77 -8.04
C LEU A 49 -12.32 -2.45 -8.80
N PHE A 50 -11.11 -1.89 -8.81
CA PHE A 50 -10.83 -0.63 -9.49
C PHE A 50 -10.79 -0.84 -11.01
N ASP A 51 -10.18 -1.93 -11.45
CA ASP A 51 -10.06 -2.21 -12.89
C ASP A 51 -11.41 -2.58 -13.48
N ASN A 52 -12.26 -3.15 -12.66
CA ASN A 52 -13.60 -3.55 -13.10
C ASN A 52 -14.62 -2.43 -12.91
N ARG A 53 -14.15 -1.20 -12.84
CA ARG A 53 -15.05 -0.05 -12.69
C ARG A 53 -14.47 1.21 -13.29
N GLN A 54 -13.17 1.38 -13.13
CA GLN A 54 -12.42 2.55 -13.62
C GLN A 54 -12.59 3.76 -12.71
N GLU A 55 -13.86 4.05 -12.29
CA GLU A 55 -14.14 5.14 -11.31
C GLU A 55 -13.03 5.34 -10.29
N ALA A 56 -12.37 6.47 -10.38
CA ALA A 56 -11.32 6.81 -9.46
C ALA A 56 -11.71 8.06 -8.68
N ALA A 57 -12.62 8.86 -9.29
CA ALA A 57 -13.09 10.13 -8.71
C ALA A 57 -12.01 11.20 -8.77
N ASP A 58 -10.81 10.82 -8.39
CA ASP A 58 -9.67 11.71 -8.41
C ASP A 58 -8.48 11.02 -9.06
N THR A 59 -7.94 11.63 -10.10
CA THR A 59 -6.83 11.06 -10.83
C THR A 59 -5.55 11.04 -9.98
N GLU A 60 -5.39 12.04 -9.13
CA GLU A 60 -4.22 12.11 -8.27
C GLU A 60 -4.22 10.98 -7.26
N ALA A 61 -5.40 10.62 -6.78
CA ALA A 61 -5.53 9.52 -5.85
C ALA A 61 -5.06 8.21 -6.49
N ALA A 62 -5.50 7.97 -7.72
CA ALA A 62 -5.07 6.80 -8.47
C ALA A 62 -3.57 6.87 -8.77
N LYS A 63 -3.09 8.05 -9.11
CA LYS A 63 -1.67 8.27 -9.38
C LYS A 63 -0.84 7.95 -8.15
N GLN A 64 -1.28 8.44 -6.99
CA GLN A 64 -0.59 8.17 -5.75
C GLN A 64 -0.74 6.70 -5.36
N GLY A 65 -1.85 6.09 -5.77
CA GLY A 65 -2.06 4.68 -5.52
C GLY A 65 -1.05 3.84 -6.28
N ASP A 66 -0.87 4.14 -7.56
CA ASP A 66 0.15 3.47 -8.38
C ASP A 66 1.52 3.72 -7.80
N GLN A 67 1.75 4.95 -7.35
CA GLN A 67 3.02 5.32 -6.76
C GLN A 67 3.27 4.51 -5.50
N TRP A 68 2.24 4.33 -4.67
CA TRP A 68 2.37 3.54 -3.45
C TRP A 68 2.77 2.10 -3.80
N VAL A 69 2.19 1.58 -4.88
CA VAL A 69 2.51 0.23 -5.34
C VAL A 69 3.95 0.19 -5.85
N GLN A 70 4.35 1.24 -6.55
CA GLN A 70 5.68 1.38 -7.08
C GLN A 70 6.69 1.42 -5.91
N LEU A 71 6.35 2.19 -4.90
CA LEU A 71 7.17 2.30 -3.70
C LEU A 71 7.28 0.95 -3.01
N PHE A 72 6.17 0.20 -3.01
CA PHE A 72 6.13 -1.12 -2.41
C PHE A 72 7.08 -2.07 -3.13
N GLN A 73 7.07 -2.02 -4.46
CA GLN A 73 7.96 -2.85 -5.26
C GLN A 73 9.41 -2.51 -4.97
N ARG A 74 9.70 -1.20 -4.86
CA ARG A 74 11.05 -0.75 -4.52
C ARG A 74 11.41 -1.22 -3.11
N PHE A 75 10.44 -1.17 -2.22
CA PHE A 75 10.62 -1.61 -0.84
C PHE A 75 11.02 -3.09 -0.82
N ARG A 76 10.31 -3.90 -1.61
CA ARG A 76 10.61 -5.32 -1.73
C ARG A 76 12.05 -5.54 -2.23
N GLU A 77 12.45 -4.73 -3.20
CA GLU A 77 13.80 -4.82 -3.77
C GLU A 77 14.85 -4.44 -2.75
N ALA A 78 14.50 -3.50 -1.90
CA ALA A 78 15.41 -3.02 -0.90
C ALA A 78 15.64 -4.08 0.16
N ILE A 79 14.63 -4.90 0.40
CA ILE A 79 14.71 -5.96 1.41
C ILE A 79 15.61 -7.07 0.90
N ASP A 80 15.39 -7.43 -0.36
CA ASP A 80 16.11 -8.53 -0.99
C ASP A 80 17.57 -8.16 -1.24
N LYS A 81 17.82 -6.91 -1.53
CA LYS A 81 19.17 -6.45 -1.81
C LYS A 81 19.85 -5.89 -0.57
N GLY A 82 19.15 -5.95 0.56
CA GLY A 82 19.76 -5.55 1.83
C GLY A 82 20.03 -4.07 1.95
N ASP A 83 19.27 -3.25 1.26
CA ASP A 83 19.50 -1.82 1.29
C ASP A 83 18.74 -1.21 2.46
N LYS A 84 19.43 -1.04 3.57
CA LYS A 84 18.82 -0.53 4.80
C LYS A 84 18.32 0.89 4.63
N ASP A 85 19.10 1.71 3.95
CA ASP A 85 18.78 3.12 3.78
C ASP A 85 17.46 3.32 3.06
N SER A 86 17.29 2.65 1.94
CA SER A 86 16.06 2.76 1.18
C SER A 86 14.87 2.24 1.95
N LEU A 87 15.07 1.22 2.78
CA LEU A 87 13.97 0.62 3.51
C LEU A 87 13.33 1.63 4.45
N GLU A 88 14.15 2.31 5.23
CA GLU A 88 13.67 3.31 6.16
C GLU A 88 12.91 4.43 5.46
N GLN A 89 13.50 4.99 4.41
CA GLN A 89 12.89 6.09 3.68
C GLN A 89 11.64 5.65 2.90
N LEU A 90 11.73 4.52 2.21
CA LEU A 90 10.61 4.05 1.40
C LEU A 90 9.42 3.69 2.27
N LEU A 91 9.69 3.18 3.47
CA LEU A 91 8.64 2.82 4.38
C LEU A 91 7.92 4.08 4.87
N GLU A 92 8.69 5.11 5.19
CA GLU A 92 8.11 6.38 5.64
C GLU A 92 7.33 7.02 4.51
N GLU A 93 7.84 6.88 3.29
CA GLU A 93 7.17 7.40 2.12
C GLU A 93 5.85 6.67 1.92
N LEU A 94 5.86 5.37 2.18
CA LEU A 94 4.67 4.55 2.07
C LEU A 94 3.61 5.04 3.06
N GLU A 95 4.05 5.39 4.27
CA GLU A 95 3.16 5.91 5.29
C GLU A 95 2.50 7.22 4.85
N GLN A 96 3.29 8.11 4.26
CA GLN A 96 2.80 9.42 3.84
C GLN A 96 1.84 9.30 2.67
N ALA A 97 2.20 8.48 1.70
CA ALA A 97 1.39 8.27 0.51
C ALA A 97 0.08 7.59 0.87
N LEU A 98 0.16 6.62 1.77
CA LEU A 98 -1.00 5.88 2.23
C LEU A 98 -1.99 6.81 2.91
N GLN A 99 -1.48 7.66 3.78
CA GLN A 99 -2.29 8.60 4.50
C GLN A 99 -2.94 9.62 3.56
N LYS A 100 -2.25 9.97 2.47
CA LYS A 100 -2.77 10.97 1.53
C LYS A 100 -3.93 10.40 0.74
N ILE A 101 -3.81 9.15 0.32
CA ILE A 101 -4.86 8.49 -0.45
C ILE A 101 -6.14 8.41 0.37
N ARG A 102 -5.99 8.02 1.64
CA ARG A 102 -7.13 7.90 2.52
C ARG A 102 -7.74 9.28 2.80
N GLU A 103 -6.88 10.29 2.88
CA GLU A 103 -7.33 11.65 3.12
C GLU A 103 -8.23 12.12 1.98
N LEU A 104 -7.82 11.80 0.76
CA LEU A 104 -8.57 12.18 -0.42
C LEU A 104 -9.90 11.43 -0.47
N ALA A 105 -9.86 10.16 -0.11
CA ALA A 105 -11.05 9.32 -0.12
C ALA A 105 -12.02 9.72 0.98
N GLU A 106 -11.52 10.36 2.02
CA GLU A 106 -12.36 10.78 3.13
C GLU A 106 -12.98 12.16 2.90
N LYS A 107 -12.29 13.01 2.16
CA LYS A 107 -12.75 14.39 1.98
C LYS A 107 -11.93 15.13 0.94
N LYS A 108 -12.46 15.21 -0.28
CA LYS A 108 -11.78 15.93 -1.35
C LYS A 108 -12.72 16.19 -2.52
N ASN A 109 -13.27 15.10 -3.10
CA ASN A 109 -14.14 15.17 -4.28
C ASN A 109 -13.62 16.12 -5.36
NA1 7BU B . -6.88 2.95 -4.95
NB2 7BU B . -4.88 2.25 -3.02
ND4 7BU B . -8.72 3.67 -2.86
CHA 7BU B . -8.89 4.40 -5.21
CHB 7BU B . -4.85 1.59 -5.40
CHC 7BU B . -4.24 2.79 -0.70
CHD 7BU B . -9.10 3.36 -0.43
C1A 7BU B . -7.76 3.68 -5.71
C1B 7BU B . -4.25 1.69 -4.11
C1C 7BU B . -5.55 2.99 -0.18
C1D 7BU B . -9.51 3.78 -1.73
C1FA 7BU B . -9.65 5.24 -6.26
C1FB 7BU B . -4.11 0.84 -6.51
C1FC 7BU B . -3.11 2.92 0.33
C1FD 7BU B . -10.14 3.43 0.70
C2A 7BU B . -7.41 3.51 -7.13
C2B 7BU B . -2.87 1.41 -3.78
C2C 7BU B . -5.89 3.13 1.23
C2D 7BU B . -10.70 4.54 -2.07
C3A 7BU B . -6.34 2.68 -7.18
C3B 7BU B . -2.69 1.80 -2.49
C3C 7BU B . -7.24 3.23 1.31
C3D 7BU B . -10.61 4.89 -3.37
C4A 7BU B . -5.99 2.34 -5.81
C4B 7BU B . -3.95 2.33 -2.00
C4C 7BU B . -7.75 3.15 -0.05
C4D 7BU B . -9.37 4.34 -3.88
NC3 7BU B . -6.70 3.01 -0.93
F21A 7BU B . -10.53 4.49 -6.95
F21B 7BU B . -3.37 -0.19 -6.01
F21C 7BU B . -1.89 3.13 -0.19
F21D 7BU B . -10.00 2.42 1.61
F22A 7BU B . -8.82 5.76 -7.19
F22B 7BU B . -3.24 1.61 -7.20
F22C 7BU B . -3.33 3.97 1.16
F22D 7BU B . -11.41 3.32 0.24
F23A 7BU B . -10.35 6.27 -5.75
F23B 7BU B . -4.96 0.28 -7.40
F23C 7BU B . -3.02 1.82 1.11
F23D 7BU B . -10.06 4.59 1.39
ZN 7BU B . -6.94 2.55 -2.92
H2A1 7BU B . -7.93 3.95 -7.96
H2B1 7BU B . -2.12 0.97 -4.43
H2C1 7BU B . -5.20 3.15 2.05
H2D1 7BU B . -11.50 4.79 -1.40
H3A1 7BU B . -5.83 2.34 -8.07
H3B1 7BU B . -1.76 1.73 -1.93
H3C1 7BU B . -7.84 3.33 2.21
H3D1 7BU B . -11.33 5.46 -3.93
N SER A 1 -21.56 1.49 -6.86
CA SER A 1 -21.41 0.31 -6.01
C SER A 1 -19.93 -0.07 -5.90
N GLU A 2 -19.64 -1.04 -5.02
CA GLU A 2 -18.29 -1.61 -4.84
C GLU A 2 -17.33 -0.66 -4.12
N PHE A 3 -17.74 0.59 -3.94
CA PHE A 3 -16.91 1.56 -3.23
C PHE A 3 -16.81 1.17 -1.76
N GLU A 4 -17.82 0.47 -1.27
CA GLU A 4 -17.81 -0.07 0.08
C GLU A 4 -16.62 -1.00 0.25
N LYS A 5 -16.49 -1.94 -0.71
CA LYS A 5 -15.38 -2.88 -0.71
C LYS A 5 -14.08 -2.15 -0.92
N LEU A 6 -14.10 -1.21 -1.87
CA LEU A 6 -12.95 -0.36 -2.15
C LEU A 6 -12.39 0.25 -0.86
N ARG A 7 -13.27 0.89 -0.09
CA ARG A 7 -12.87 1.46 1.19
C ARG A 7 -12.46 0.36 2.20
N GLN A 8 -13.25 -0.70 2.25
CA GLN A 8 -12.99 -1.81 3.17
C GLN A 8 -11.63 -2.46 2.92
N THR A 9 -11.32 -2.74 1.65
CA THR A 9 -10.01 -3.29 1.30
C THR A 9 -8.89 -2.28 1.56
N GLY A 10 -9.28 -1.01 1.64
CA GLY A 10 -8.32 0.03 1.93
C GLY A 10 -7.96 -0.01 3.39
N ASP A 11 -8.99 -0.06 4.24
CA ASP A 11 -8.80 -0.19 5.68
C ASP A 11 -8.01 -1.44 6.01
N GLU A 12 -8.32 -2.54 5.31
CA GLU A 12 -7.61 -3.79 5.50
C GLU A 12 -6.14 -3.63 5.15
N LEU A 13 -5.86 -2.96 4.04
CA LEU A 13 -4.49 -2.68 3.62
C LEU A 13 -3.78 -1.83 4.67
N VAL A 14 -4.48 -0.85 5.24
CA VAL A 14 -3.93 -0.02 6.31
C VAL A 14 -3.55 -0.90 7.51
N GLN A 15 -4.46 -1.80 7.88
CA GLN A 15 -4.21 -2.74 8.98
C GLN A 15 -2.94 -3.55 8.71
N ALA A 16 -2.82 -4.05 7.49
CA ALA A 16 -1.63 -4.81 7.09
C ALA A 16 -0.39 -3.94 7.11
N PHE A 17 -0.55 -2.69 6.73
CA PHE A 17 0.55 -1.73 6.73
C PHE A 17 1.02 -1.50 8.16
N GLN A 18 0.08 -1.42 9.09
CA GLN A 18 0.39 -1.27 10.49
C GLN A 18 1.16 -2.50 10.99
N ARG A 19 0.78 -3.67 10.50
CA ARG A 19 1.47 -4.91 10.84
C ARG A 19 2.87 -4.89 10.25
N LEU A 20 3.00 -4.28 9.07
CA LEU A 20 4.27 -4.15 8.39
C LEU A 20 5.23 -3.31 9.24
N ARG A 21 4.68 -2.27 9.86
CA ARG A 21 5.46 -1.41 10.74
C ARG A 21 5.98 -2.18 11.94
N GLU A 22 5.10 -2.95 12.55
CA GLU A 22 5.45 -3.72 13.72
C GLU A 22 6.56 -4.70 13.38
N ILE A 23 6.35 -5.49 12.34
CA ILE A 23 7.35 -6.42 11.86
C ILE A 23 8.67 -5.73 11.53
N PHE A 24 8.58 -4.53 10.99
CA PHE A 24 9.77 -3.79 10.60
C PHE A 24 10.54 -3.38 11.86
N ASP A 25 9.82 -2.83 12.83
CA ASP A 25 10.42 -2.41 14.09
C ASP A 25 11.00 -3.59 14.87
N LYS A 26 10.37 -4.76 14.75
CA LYS A 26 10.83 -5.96 15.46
C LYS A 26 11.86 -6.74 14.64
N GLY A 27 12.10 -6.31 13.41
CA GLY A 27 13.07 -6.97 12.55
C GLY A 27 12.80 -8.46 12.30
N ASP A 28 11.53 -8.86 12.31
CA ASP A 28 11.21 -10.27 12.10
C ASP A 28 11.05 -10.57 10.60
N ASP A 29 12.18 -10.83 9.96
CA ASP A 29 12.23 -11.12 8.51
C ASP A 29 11.36 -12.30 8.10
N ASP A 30 11.18 -13.25 9.01
CA ASP A 30 10.38 -14.43 8.70
C ASP A 30 8.90 -14.06 8.60
N SER A 31 8.43 -13.30 9.57
CA SER A 31 7.06 -12.85 9.60
C SER A 31 6.81 -11.89 8.44
N LEU A 32 7.85 -11.15 8.08
CA LEU A 32 7.79 -10.18 7.01
C LEU A 32 7.48 -10.84 5.68
N GLU A 33 8.11 -11.98 5.41
CA GLU A 33 7.89 -12.72 4.17
C GLU A 33 6.42 -13.10 3.99
N GLN A 34 5.81 -13.58 5.05
CA GLN A 34 4.41 -13.99 4.99
C GLN A 34 3.49 -12.79 4.84
N VAL A 35 3.72 -11.75 5.63
CA VAL A 35 2.88 -10.57 5.62
C VAL A 35 3.04 -9.78 4.31
N LEU A 36 4.25 -9.76 3.76
CA LEU A 36 4.48 -9.07 2.49
C LEU A 36 3.63 -9.69 1.40
N GLU A 37 3.42 -11.00 1.48
CA GLU A 37 2.56 -11.67 0.51
C GLU A 37 1.12 -11.25 0.73
N GLU A 38 0.73 -11.10 1.99
CA GLU A 38 -0.61 -10.70 2.33
C GLU A 38 -0.88 -9.30 1.82
N ILE A 39 0.08 -8.40 2.06
CA ILE A 39 -0.03 -7.01 1.65
C ILE A 39 -0.19 -6.94 0.13
N GLU A 40 0.69 -7.64 -0.58
CA GLU A 40 0.65 -7.69 -2.03
C GLU A 40 -0.70 -8.21 -2.53
N GLU A 41 -1.27 -9.20 -1.85
CA GLU A 41 -2.56 -9.75 -2.25
C GLU A 41 -3.67 -8.76 -1.96
N LEU A 42 -3.54 -8.01 -0.87
CA LEU A 42 -4.54 -7.01 -0.48
C LEU A 42 -4.58 -5.90 -1.51
N ILE A 43 -3.40 -5.55 -2.03
CA ILE A 43 -3.29 -4.52 -3.04
C ILE A 43 -4.07 -4.95 -4.28
N GLN A 44 -3.94 -6.23 -4.63
CA GLN A 44 -4.64 -6.77 -5.79
C GLN A 44 -6.14 -6.71 -5.58
N LYS A 45 -6.60 -7.15 -4.41
CA LYS A 45 -8.04 -7.19 -4.11
C LYS A 45 -8.65 -5.81 -4.16
N HIS A 46 -7.88 -4.83 -3.75
CA HIS A 46 -8.33 -3.46 -3.73
C HIS A 46 -8.32 -2.89 -5.15
N ARG A 47 -7.24 -3.19 -5.89
CA ARG A 47 -7.09 -2.73 -7.27
C ARG A 47 -8.13 -3.37 -8.20
N GLN A 48 -8.53 -4.62 -7.91
CA GLN A 48 -9.52 -5.34 -8.74
C GLN A 48 -10.82 -4.56 -8.80
N LEU A 49 -11.12 -3.87 -7.71
CA LEU A 49 -12.35 -3.11 -7.62
C LEU A 49 -12.27 -1.87 -8.49
N PHE A 50 -11.07 -1.32 -8.60
CA PHE A 50 -10.84 -0.16 -9.44
C PHE A 50 -10.77 -0.58 -10.90
N ASP A 51 -10.31 -1.80 -11.13
CA ASP A 51 -10.20 -2.34 -12.48
C ASP A 51 -11.59 -2.60 -13.03
N ASN A 52 -12.52 -2.85 -12.12
CA ASN A 52 -13.92 -3.06 -12.48
C ASN A 52 -14.46 -1.87 -13.23
N ARG A 53 -14.55 -0.73 -12.54
CA ARG A 53 -15.09 0.45 -13.17
C ARG A 53 -14.09 1.61 -13.14
N GLN A 54 -13.30 1.72 -14.19
CA GLN A 54 -12.41 2.85 -14.34
C GLN A 54 -13.19 3.94 -15.06
N GLU A 55 -12.64 5.16 -15.19
CA GLU A 55 -13.35 6.26 -15.88
C GLU A 55 -14.53 6.75 -15.06
N ALA A 56 -14.35 6.79 -13.75
CA ALA A 56 -15.39 7.24 -12.84
C ALA A 56 -14.87 8.36 -11.94
N ALA A 57 -13.93 9.16 -12.48
CA ALA A 57 -13.32 10.28 -11.75
C ALA A 57 -12.43 9.77 -10.62
N ASP A 58 -11.84 10.70 -9.85
CA ASP A 58 -10.96 10.37 -8.72
C ASP A 58 -9.70 9.68 -9.22
N THR A 59 -9.10 10.27 -10.23
CA THR A 59 -7.92 9.71 -10.85
C THR A 59 -6.66 9.98 -10.01
N GLU A 60 -6.72 11.02 -9.17
CA GLU A 60 -5.59 11.35 -8.30
C GLU A 60 -5.31 10.20 -7.35
N ALA A 61 -6.37 9.61 -6.82
CA ALA A 61 -6.25 8.49 -5.87
C ALA A 61 -5.60 7.29 -6.56
N ALA A 62 -5.96 7.06 -7.81
CA ALA A 62 -5.41 5.95 -8.58
C ALA A 62 -3.97 6.24 -8.95
N LYS A 63 -3.71 7.50 -9.27
CA LYS A 63 -2.39 7.97 -9.65
C LYS A 63 -1.43 7.83 -8.47
N GLN A 64 -1.90 8.24 -7.30
CA GLN A 64 -1.11 8.15 -6.09
C GLN A 64 -0.90 6.69 -5.70
N GLY A 65 -1.95 5.89 -5.84
CA GLY A 65 -1.85 4.48 -5.52
C GLY A 65 -0.85 3.76 -6.38
N ASP A 66 -0.78 4.11 -7.67
CA ASP A 66 0.21 3.51 -8.56
C ASP A 66 1.61 3.85 -8.11
N GLN A 67 1.80 5.09 -7.69
CA GLN A 67 3.11 5.53 -7.21
C GLN A 67 3.47 4.77 -5.94
N TRP A 68 2.49 4.59 -5.06
CA TRP A 68 2.66 3.86 -3.81
C TRP A 68 3.09 2.43 -4.11
N VAL A 69 2.51 1.85 -5.16
CA VAL A 69 2.82 0.48 -5.55
C VAL A 69 4.26 0.38 -6.02
N GLN A 70 4.73 1.39 -6.76
CA GLN A 70 6.09 1.40 -7.26
C GLN A 70 7.07 1.39 -6.10
N LEU A 71 6.80 2.25 -5.11
CA LEU A 71 7.64 2.33 -3.92
C LEU A 71 7.62 1.02 -3.14
N PHE A 72 6.45 0.38 -3.10
CA PHE A 72 6.32 -0.91 -2.43
C PHE A 72 7.19 -1.96 -3.11
N GLN A 73 7.18 -1.95 -4.44
CA GLN A 73 7.98 -2.88 -5.22
C GLN A 73 9.46 -2.65 -4.92
N ARG A 74 9.87 -1.39 -4.87
CA ARG A 74 11.25 -1.03 -4.56
C ARG A 74 11.59 -1.47 -3.15
N PHE A 75 10.63 -1.33 -2.24
CA PHE A 75 10.80 -1.74 -0.85
C PHE A 75 11.09 -3.24 -0.78
N ARG A 76 10.30 -4.02 -1.51
CA ARG A 76 10.49 -5.46 -1.60
C ARG A 76 11.89 -5.80 -2.13
N GLU A 77 12.30 -5.10 -3.19
CA GLU A 77 13.58 -5.35 -3.83
C GLU A 77 14.73 -5.00 -2.90
N ALA A 78 14.53 -3.98 -2.08
CA ALA A 78 15.54 -3.50 -1.18
C ALA A 78 15.78 -4.50 -0.06
N ILE A 79 14.73 -5.21 0.33
CA ILE A 79 14.82 -6.20 1.39
C ILE A 79 15.60 -7.39 0.89
N ASP A 80 15.37 -7.71 -0.38
CA ASP A 80 16.03 -8.83 -1.02
C ASP A 80 17.53 -8.59 -1.12
N LYS A 81 17.90 -7.32 -1.25
CA LYS A 81 19.30 -6.95 -1.36
C LYS A 81 19.92 -6.71 0.01
N GLY A 82 19.10 -6.73 1.06
CA GLY A 82 19.61 -6.47 2.39
C GLY A 82 20.05 -5.03 2.57
N ASP A 83 19.44 -4.12 1.82
CA ASP A 83 19.81 -2.71 1.86
C ASP A 83 18.94 -1.97 2.86
N LYS A 84 19.48 -1.70 4.03
CA LYS A 84 18.71 -1.07 5.08
C LYS A 84 18.44 0.40 4.76
N ASP A 85 19.33 0.98 3.96
CA ASP A 85 19.31 2.41 3.69
C ASP A 85 18.08 2.83 2.93
N SER A 86 17.77 2.13 1.86
CA SER A 86 16.61 2.47 1.07
C SER A 86 15.34 2.11 1.81
N LEU A 87 15.39 1.08 2.66
CA LEU A 87 14.23 0.65 3.42
C LEU A 87 13.76 1.78 4.33
N GLU A 88 14.70 2.40 5.03
CA GLU A 88 14.40 3.51 5.91
C GLU A 88 13.72 4.65 5.14
N GLN A 89 14.27 4.97 3.98
CA GLN A 89 13.74 6.04 3.14
C GLN A 89 12.38 5.66 2.54
N LEU A 90 12.29 4.45 2.00
CA LEU A 90 11.07 3.99 1.34
C LEU A 90 9.92 3.85 2.32
N LEU A 91 10.22 3.36 3.52
CA LEU A 91 9.18 3.18 4.53
C LEU A 91 8.53 4.49 4.87
N GLU A 92 9.34 5.53 5.06
CA GLU A 92 8.83 6.85 5.41
C GLU A 92 7.95 7.39 4.30
N GLU A 93 8.40 7.23 3.06
CA GLU A 93 7.63 7.71 1.91
C GLU A 93 6.33 6.92 1.75
N LEU A 94 6.38 5.63 2.07
CA LEU A 94 5.20 4.78 2.00
C LEU A 94 4.15 5.28 2.98
N GLU A 95 4.59 5.57 4.20
CA GLU A 95 3.72 6.09 5.24
C GLU A 95 3.10 7.42 4.82
N GLN A 96 3.90 8.28 4.21
CA GLN A 96 3.44 9.60 3.79
C GLN A 96 2.45 9.51 2.64
N ALA A 97 2.77 8.66 1.68
CA ALA A 97 1.93 8.49 0.50
C ALA A 97 0.61 7.82 0.86
N LEU A 98 0.69 6.80 1.70
CA LEU A 98 -0.50 6.05 2.11
C LEU A 98 -1.48 6.97 2.86
N GLN A 99 -0.95 7.72 3.81
CA GLN A 99 -1.77 8.63 4.59
C GLN A 99 -2.38 9.74 3.73
N LYS A 100 -1.69 10.12 2.66
CA LYS A 100 -2.17 11.17 1.78
C LYS A 100 -3.36 10.67 0.96
N ILE A 101 -3.22 9.46 0.43
CA ILE A 101 -4.25 8.84 -0.41
C ILE A 101 -5.54 8.64 0.38
N ARG A 102 -5.39 8.11 1.59
CA ARG A 102 -6.53 7.85 2.45
C ARG A 102 -7.31 9.14 2.73
N GLU A 103 -6.59 10.23 2.95
CA GLU A 103 -7.21 11.51 3.24
C GLU A 103 -7.95 12.07 2.03
N LEU A 104 -7.48 11.76 0.83
CA LEU A 104 -8.13 12.23 -0.38
C LEU A 104 -9.42 11.48 -0.60
N ALA A 105 -9.38 10.18 -0.41
CA ALA A 105 -10.53 9.32 -0.63
C ALA A 105 -11.57 9.47 0.47
N GLU A 106 -11.13 9.76 1.69
CA GLU A 106 -12.04 9.88 2.82
C GLU A 106 -12.68 11.26 2.86
N LYS A 107 -12.20 12.16 2.03
CA LYS A 107 -12.78 13.49 1.94
C LYS A 107 -14.14 13.42 1.25
N LYS A 108 -15.20 13.49 2.08
CA LYS A 108 -16.59 13.39 1.60
C LYS A 108 -16.93 12.00 1.08
N ASN A 109 -18.13 11.57 1.36
CA ASN A 109 -18.61 10.30 0.89
C ASN A 109 -19.56 10.52 -0.28
NA1 7BU B . -6.79 3.16 -5.12
NB2 7BU B . -4.72 2.65 -3.20
ND4 7BU B . -8.56 4.07 -3.04
CHA 7BU B . -8.86 4.51 -5.46
CHB 7BU B . -4.75 1.79 -5.52
CHC 7BU B . -4.01 3.34 -0.94
CHD 7BU B . -8.85 4.02 -0.59
C1A 7BU B . -7.74 3.75 -5.93
C1B 7BU B . -4.13 1.98 -4.25
C1C 7BU B . -5.30 3.62 -0.41
C1D 7BU B . -9.32 4.27 -1.92
C1FA 7BU B . -9.71 5.16 -6.57
C1FB 7BU B . -4.04 0.92 -6.57
C1FC 7BU B . -2.86 3.50 0.06
C1FD 7BU B . -9.87 4.13 0.57
C2A 7BU B . -7.47 3.40 -7.32
C2B 7BU B . -2.75 1.67 -3.91
C2C 7BU B . -5.61 3.84 1.00
C2D 7BU B . -10.57 4.91 -2.28
C3A 7BU B . -6.37 2.61 -7.33
C3B 7BU B . -2.52 2.16 -2.68
C3C 7BU B . -6.95 3.96 1.11
C3D 7BU B . -10.54 5.10 -3.61
C4A 7BU B . -5.94 2.45 -5.95
C4B 7BU B . -3.76 2.78 -2.22
C4C 7BU B . -7.49 3.83 -0.23
C4D 7BU B . -9.28 4.58 -4.11
NC3 7BU B . -6.47 3.62 -1.13
F21A 7BU B . -10.58 4.28 -7.11
F21B 7BU B . -3.27 -0.04 -6.01
F21C 7BU B . -1.63 3.61 -0.49
F21D 7BU B . -9.68 3.16 1.51
F22A 7BU B . -8.95 5.61 -7.59
F22B 7BU B . -3.21 1.62 -7.38
F22C 7BU B . -3.01 4.60 0.83
F22D 7BU B . -11.14 3.97 0.15
F23A 7BU B . -10.45 6.22 -6.16
F23B 7BU B . -4.92 0.29 -7.37
F23C 7BU B . -2.80 2.44 0.91
F23D 7BU B . -9.79 5.32 1.22
ZN 7BU B . -6.78 2.98 -3.07
H2A1 7BU B . -8.04 3.73 -8.17
H2B1 7BU B . -2.04 1.16 -4.54
H2C1 7BU B . -4.89 3.88 1.81
H2D1 7BU B . -11.36 5.18 -1.60
H3A1 7BU B . -5.91 2.17 -8.20
H3B1 7BU B . -1.60 2.10 -2.12
H3C1 7BU B . -7.51 4.13 2.02
H3D1 7BU B . -11.32 5.56 -4.21
N SER A 1 -15.97 -4.42 -7.74
CA SER A 1 -17.09 -3.53 -7.42
C SER A 1 -17.24 -3.45 -5.91
N GLU A 2 -18.39 -2.92 -5.46
CA GLU A 2 -18.70 -2.76 -4.03
C GLU A 2 -17.75 -1.78 -3.35
N PHE A 3 -18.25 -0.58 -3.13
CA PHE A 3 -17.47 0.46 -2.50
C PHE A 3 -17.17 0.11 -1.05
N GLU A 4 -18.08 -0.65 -0.43
CA GLU A 4 -17.89 -1.09 0.93
C GLU A 4 -16.71 -2.03 1.02
N LYS A 5 -16.62 -2.95 0.06
CA LYS A 5 -15.51 -3.88 0.01
C LYS A 5 -14.22 -3.11 -0.28
N LEU A 6 -14.31 -2.21 -1.26
CA LEU A 6 -13.22 -1.29 -1.57
C LEU A 6 -12.70 -0.60 -0.30
N ARG A 7 -13.63 -0.08 0.50
CA ARG A 7 -13.31 0.52 1.80
C ARG A 7 -12.69 -0.50 2.77
N GLN A 8 -13.29 -1.68 2.84
CA GLN A 8 -12.81 -2.74 3.73
C GLN A 8 -11.39 -3.17 3.38
N THR A 9 -11.11 -3.37 2.10
CA THR A 9 -9.77 -3.72 1.66
C THR A 9 -8.78 -2.58 1.95
N GLY A 10 -9.30 -1.36 2.03
CA GLY A 10 -8.47 -0.22 2.35
C GLY A 10 -8.03 -0.30 3.80
N ASP A 11 -9.00 -0.46 4.69
CA ASP A 11 -8.73 -0.63 6.12
C ASP A 11 -7.77 -1.78 6.37
N GLU A 12 -8.00 -2.88 5.68
CA GLU A 12 -7.18 -4.06 5.83
C GLU A 12 -5.74 -3.76 5.42
N LEU A 13 -5.57 -3.08 4.30
CA LEU A 13 -4.24 -2.69 3.82
C LEU A 13 -3.54 -1.77 4.83
N VAL A 14 -4.27 -0.79 5.35
CA VAL A 14 -3.71 0.13 6.35
C VAL A 14 -3.27 -0.63 7.60
N GLN A 15 -4.12 -1.53 8.06
CA GLN A 15 -3.80 -2.37 9.22
C GLN A 15 -2.55 -3.21 8.97
N ALA A 16 -2.39 -3.70 7.74
CA ALA A 16 -1.20 -4.46 7.37
C ALA A 16 0.04 -3.58 7.40
N PHE A 17 -0.14 -2.33 7.01
CA PHE A 17 0.95 -1.35 6.99
C PHE A 17 1.45 -1.11 8.42
N GLN A 18 0.52 -1.06 9.36
CA GLN A 18 0.87 -0.84 10.76
C GLN A 18 1.75 -1.98 11.27
N ARG A 19 1.37 -3.21 10.93
CA ARG A 19 2.15 -4.39 11.32
C ARG A 19 3.51 -4.36 10.62
N LEU A 20 3.51 -3.84 9.40
CA LEU A 20 4.73 -3.73 8.60
C LEU A 20 5.75 -2.86 9.32
N ARG A 21 5.26 -1.79 9.95
CA ARG A 21 6.12 -0.89 10.72
C ARG A 21 6.81 -1.62 11.86
N GLU A 22 6.05 -2.40 12.61
CA GLU A 22 6.60 -3.12 13.75
C GLU A 22 7.69 -4.08 13.30
N ILE A 23 7.36 -4.91 12.34
CA ILE A 23 8.31 -5.85 11.78
C ILE A 23 9.57 -5.18 11.24
N PHE A 24 9.40 -4.04 10.58
CA PHE A 24 10.55 -3.32 10.02
C PHE A 24 11.43 -2.77 11.12
N ASP A 25 10.81 -2.10 12.08
CA ASP A 25 11.53 -1.52 13.21
C ASP A 25 12.20 -2.60 14.06
N LYS A 26 11.67 -3.81 14.04
CA LYS A 26 12.24 -4.91 14.80
C LYS A 26 13.19 -5.75 13.94
N GLY A 27 13.41 -5.32 12.69
CA GLY A 27 14.34 -5.99 11.79
C GLY A 27 14.06 -7.46 11.55
N ASP A 28 12.82 -7.89 11.62
CA ASP A 28 12.53 -9.31 11.43
C ASP A 28 12.18 -9.64 9.99
N ASP A 29 13.20 -9.93 9.19
CA ASP A 29 13.02 -10.30 7.78
C ASP A 29 12.09 -11.50 7.61
N ASP A 30 12.14 -12.40 8.59
CA ASP A 30 11.38 -13.66 8.50
C ASP A 30 9.88 -13.42 8.49
N SER A 31 9.40 -12.59 9.40
CA SER A 31 7.99 -12.26 9.47
C SER A 31 7.63 -11.31 8.34
N LEU A 32 8.58 -10.48 7.96
CA LEU A 32 8.39 -9.46 6.93
C LEU A 32 8.03 -10.09 5.59
N GLU A 33 8.72 -11.17 5.24
CA GLU A 33 8.49 -11.85 3.95
C GLU A 33 7.04 -12.31 3.83
N GLN A 34 6.53 -12.91 4.89
CA GLN A 34 5.16 -13.44 4.91
C GLN A 34 4.13 -12.32 4.78
N VAL A 35 4.39 -11.20 5.41
CA VAL A 35 3.47 -10.08 5.40
C VAL A 35 3.41 -9.43 4.02
N LEU A 36 4.53 -9.39 3.33
CA LEU A 36 4.60 -8.79 2.01
C LEU A 36 3.66 -9.51 1.03
N GLU A 37 3.54 -10.82 1.21
CA GLU A 37 2.66 -11.63 0.37
C GLU A 37 1.19 -11.24 0.60
N GLU A 38 0.83 -11.02 1.86
CA GLU A 38 -0.53 -10.64 2.23
C GLU A 38 -0.84 -9.23 1.70
N ILE A 39 0.14 -8.33 1.84
CA ILE A 39 -0.03 -6.97 1.38
C ILE A 39 -0.24 -6.93 -0.13
N GLU A 40 0.60 -7.65 -0.87
CA GLU A 40 0.46 -7.73 -2.33
C GLU A 40 -0.92 -8.24 -2.73
N GLU A 41 -1.42 -9.21 -1.98
CA GLU A 41 -2.72 -9.76 -2.24
C GLU A 41 -3.81 -8.72 -2.04
N LEU A 42 -3.72 -7.97 -0.94
CA LEU A 42 -4.68 -6.92 -0.65
C LEU A 42 -4.66 -5.83 -1.71
N ILE A 43 -3.47 -5.52 -2.21
CA ILE A 43 -3.32 -4.47 -3.23
C ILE A 43 -4.05 -4.87 -4.51
N GLN A 44 -3.81 -6.10 -4.94
CA GLN A 44 -4.44 -6.62 -6.16
C GLN A 44 -5.93 -6.74 -5.96
N LYS A 45 -6.33 -7.24 -4.81
CA LYS A 45 -7.73 -7.43 -4.47
C LYS A 45 -8.49 -6.09 -4.40
N HIS A 46 -7.80 -5.06 -3.92
CA HIS A 46 -8.38 -3.73 -3.79
C HIS A 46 -8.46 -3.06 -5.16
N ARG A 47 -7.40 -3.21 -5.95
CA ARG A 47 -7.34 -2.65 -7.30
C ARG A 47 -8.32 -3.36 -8.24
N GLN A 48 -8.51 -4.66 -8.02
CA GLN A 48 -9.41 -5.48 -8.84
C GLN A 48 -10.84 -4.93 -8.80
N LEU A 49 -11.20 -4.37 -7.66
CA LEU A 49 -12.54 -3.83 -7.48
C LEU A 49 -12.74 -2.61 -8.38
N PHE A 50 -11.65 -1.92 -8.67
CA PHE A 50 -11.63 -0.73 -9.50
C PHE A 50 -11.90 -1.08 -10.97
N ASP A 51 -11.55 -2.29 -11.38
CA ASP A 51 -11.71 -2.71 -12.78
C ASP A 51 -13.17 -2.60 -13.22
N ASN A 52 -14.06 -2.97 -12.32
CA ASN A 52 -15.49 -2.94 -12.61
C ASN A 52 -16.16 -1.69 -12.04
N ARG A 53 -15.34 -0.69 -11.71
CA ARG A 53 -15.81 0.58 -11.15
C ARG A 53 -14.78 1.66 -11.40
N GLN A 54 -14.85 2.25 -12.57
CA GLN A 54 -13.87 3.25 -12.97
C GLN A 54 -14.04 4.57 -12.22
N GLU A 55 -15.29 4.92 -11.90
CA GLU A 55 -15.60 6.13 -11.11
C GLU A 55 -14.60 6.40 -10.00
N ALA A 56 -13.78 7.41 -10.20
CA ALA A 56 -12.79 7.82 -9.23
C ALA A 56 -12.96 9.29 -8.92
N ALA A 57 -13.23 9.59 -7.67
CA ALA A 57 -13.43 10.98 -7.23
C ALA A 57 -12.20 11.83 -7.52
N ASP A 58 -11.04 11.22 -7.41
CA ASP A 58 -9.79 11.91 -7.67
C ASP A 58 -8.80 10.99 -8.35
N THR A 59 -8.32 11.39 -9.51
CA THR A 59 -7.39 10.60 -10.27
C THR A 59 -5.97 10.71 -9.72
N GLU A 60 -5.66 11.82 -9.05
CA GLU A 60 -4.33 12.03 -8.48
C GLU A 60 -4.11 11.04 -7.34
N ALA A 61 -5.17 10.76 -6.61
CA ALA A 61 -5.12 9.79 -5.53
C ALA A 61 -4.77 8.41 -6.09
N ALA A 62 -5.35 8.09 -7.24
CA ALA A 62 -5.04 6.84 -7.93
C ALA A 62 -3.59 6.84 -8.40
N LYS A 63 -3.11 8.00 -8.84
CA LYS A 63 -1.71 8.15 -9.27
C LYS A 63 -0.78 7.89 -8.10
N GLN A 64 -1.13 8.44 -6.94
CA GLN A 64 -0.35 8.20 -5.73
C GLN A 64 -0.48 6.73 -5.32
N GLY A 65 -1.63 6.15 -5.64
CA GLY A 65 -1.87 4.76 -5.35
C GLY A 65 -0.94 3.87 -6.14
N ASP A 66 -0.86 4.12 -7.44
CA ASP A 66 0.04 3.38 -8.32
C ASP A 66 1.48 3.60 -7.89
N GLN A 67 1.79 4.82 -7.50
CA GLN A 67 3.12 5.15 -7.01
C GLN A 67 3.43 4.37 -5.74
N TRP A 68 2.46 4.30 -4.84
CA TRP A 68 2.61 3.58 -3.58
C TRP A 68 2.87 2.10 -3.85
N VAL A 69 2.17 1.55 -4.85
CA VAL A 69 2.35 0.16 -5.21
C VAL A 69 3.75 -0.08 -5.73
N GLN A 70 4.25 0.86 -6.54
CA GLN A 70 5.58 0.78 -7.08
C GLN A 70 6.61 0.92 -5.97
N LEU A 71 6.34 1.85 -5.04
CA LEU A 71 7.23 2.07 -3.91
C LEU A 71 7.31 0.81 -3.07
N PHE A 72 6.19 0.13 -2.91
CA PHE A 72 6.12 -1.10 -2.16
C PHE A 72 6.95 -2.18 -2.85
N GLN A 73 6.85 -2.23 -4.17
CA GLN A 73 7.61 -3.20 -4.94
C GLN A 73 9.11 -2.92 -4.83
N ARG A 74 9.46 -1.64 -4.83
CA ARG A 74 10.85 -1.25 -4.66
C ARG A 74 11.31 -1.57 -3.24
N PHE A 75 10.39 -1.39 -2.30
CA PHE A 75 10.64 -1.70 -0.90
C PHE A 75 10.95 -3.19 -0.75
N ARG A 76 10.11 -4.03 -1.34
CA ARG A 76 10.36 -5.46 -1.30
C ARG A 76 11.61 -5.84 -2.07
N GLU A 77 11.87 -5.15 -3.17
CA GLU A 77 13.03 -5.46 -4.01
C GLU A 77 14.29 -5.30 -3.20
N ALA A 78 14.33 -4.27 -2.37
CA ALA A 78 15.47 -4.06 -1.52
C ALA A 78 15.55 -5.15 -0.46
N ILE A 79 14.39 -5.49 0.15
CA ILE A 79 14.32 -6.59 1.12
C ILE A 79 14.80 -7.91 0.52
N ASP A 80 14.36 -8.20 -0.69
CA ASP A 80 14.78 -9.42 -1.37
C ASP A 80 16.29 -9.38 -1.64
N LYS A 81 16.81 -8.19 -1.89
CA LYS A 81 18.24 -7.98 -2.14
C LYS A 81 19.04 -7.74 -0.84
N GLY A 82 18.38 -7.84 0.31
CA GLY A 82 19.07 -7.63 1.60
C GLY A 82 19.49 -6.17 1.84
N ASP A 83 18.98 -5.26 1.03
CA ASP A 83 19.35 -3.85 1.14
C ASP A 83 18.54 -3.13 2.21
N LYS A 84 19.14 -2.98 3.37
CA LYS A 84 18.49 -2.34 4.51
C LYS A 84 18.46 -0.82 4.34
N ASP A 85 19.47 -0.29 3.67
CA ASP A 85 19.64 1.16 3.49
C ASP A 85 18.47 1.80 2.76
N SER A 86 18.10 1.23 1.63
CA SER A 86 17.03 1.77 0.81
C SER A 86 15.67 1.69 1.50
N LEU A 87 15.51 0.68 2.36
CA LEU A 87 14.23 0.44 3.02
C LEU A 87 13.78 1.65 3.83
N GLU A 88 14.72 2.28 4.51
CA GLU A 88 14.40 3.46 5.31
C GLU A 88 13.76 4.57 4.47
N GLN A 89 14.36 4.85 3.31
CA GLN A 89 13.83 5.89 2.42
C GLN A 89 12.50 5.46 1.82
N LEU A 90 12.45 4.23 1.34
CA LEU A 90 11.26 3.69 0.72
C LEU A 90 10.09 3.62 1.69
N LEU A 91 10.38 3.34 2.95
CA LEU A 91 9.35 3.29 3.98
C LEU A 91 8.79 4.68 4.22
N GLU A 92 9.69 5.66 4.19
CA GLU A 92 9.33 7.05 4.37
C GLU A 92 8.38 7.48 3.26
N GLU A 93 8.71 7.11 2.04
CA GLU A 93 7.90 7.42 0.88
C GLU A 93 6.54 6.73 0.95
N LEU A 94 6.55 5.48 1.42
CA LEU A 94 5.32 4.71 1.55
C LEU A 94 4.40 5.35 2.57
N GLU A 95 4.95 5.70 3.71
CA GLU A 95 4.18 6.30 4.79
C GLU A 95 3.57 7.65 4.39
N GLN A 96 4.36 8.51 3.75
CA GLN A 96 3.88 9.82 3.31
C GLN A 96 2.77 9.69 2.27
N ALA A 97 2.98 8.80 1.33
CA ALA A 97 2.03 8.59 0.26
C ALA A 97 0.76 7.95 0.78
N LEU A 98 0.90 7.06 1.76
CA LEU A 98 -0.25 6.39 2.35
C LEU A 98 -1.18 7.42 2.98
N GLN A 99 -0.59 8.33 3.73
CA GLN A 99 -1.35 9.38 4.36
C GLN A 99 -2.02 10.28 3.34
N LYS A 100 -1.35 10.58 2.24
CA LYS A 100 -1.90 11.50 1.25
C LYS A 100 -3.07 10.88 0.51
N ILE A 101 -2.95 9.60 0.17
CA ILE A 101 -4.02 8.89 -0.49
C ILE A 101 -5.24 8.87 0.41
N ARG A 102 -5.03 8.56 1.68
CA ARG A 102 -6.11 8.52 2.64
C ARG A 102 -6.71 9.91 2.83
N GLU A 103 -5.89 10.96 2.84
CA GLU A 103 -6.37 12.33 2.99
C GLU A 103 -7.29 12.71 1.83
N LEU A 104 -6.86 12.40 0.60
CA LEU A 104 -7.63 12.73 -0.59
C LEU A 104 -8.93 11.94 -0.64
N ALA A 105 -8.86 10.66 -0.31
CA ALA A 105 -10.03 9.79 -0.34
C ALA A 105 -11.03 10.13 0.77
N GLU A 106 -10.52 10.66 1.87
CA GLU A 106 -11.36 10.97 3.01
C GLU A 106 -11.92 12.40 2.95
N LYS A 107 -11.13 13.31 2.41
CA LYS A 107 -11.53 14.71 2.37
C LYS A 107 -12.06 15.09 1.00
N LYS A 108 -12.46 14.08 0.23
CA LYS A 108 -13.03 14.32 -1.09
C LYS A 108 -14.23 15.25 -1.00
N ASN A 109 -15.06 15.05 0.02
CA ASN A 109 -16.19 15.94 0.28
C ASN A 109 -16.62 15.77 1.74
NA1 7BU B . -7.38 3.07 -4.78
NB2 7BU B . -5.38 2.67 -2.77
ND4 7BU B . -9.34 3.74 -2.76
CHA 7BU B . -9.54 4.28 -5.16
CHB 7BU B . -5.23 1.90 -5.11
CHC 7BU B . -4.83 3.34 -0.46
CHD 7BU B . -9.74 3.55 -0.33
C1A 7BU B . -8.33 3.65 -5.60
C1B 7BU B . -4.68 2.10 -3.82
C1C 7BU B . -6.16 3.50 0.02
C1D 7BU B . -10.15 3.84 -1.65
C1FA 7BU B . -10.36 4.97 -6.27
C1FB 7BU B . -4.40 1.14 -6.16
C1FC 7BU B . -3.74 3.57 0.60
C1FD 7BU B . -10.81 3.55 0.78
C2A 7BU B . -7.95 3.41 -7.00
C2B 7BU B . -3.29 1.90 -3.42
C2C 7BU B . -6.56 3.66 1.42
C2D 7BU B . -11.42 4.44 -2.05
C3A 7BU B . -6.79 2.71 -6.98
C3B 7BU B . -3.17 2.36 -2.16
C3C 7BU B . -7.90 3.66 1.46
C3D 7BU B . -11.34 4.70 -3.37
C4A 7BU B . -6.44 2.49 -5.59
C4B 7BU B . -4.47 2.85 -1.75
C4C 7BU B . -8.37 3.49 0.09
C4D 7BU B . -10.03 4.26 -3.83
NC3 7BU B . -7.30 3.40 -0.76
F21A 7BU B . -11.16 4.09 -6.91
F21B 7BU B . -3.60 0.19 -5.59
F21C 7BU B . -2.50 3.79 0.11
F21D 7BU B . -10.53 2.68 1.78
F22A 7BU B . -9.58 5.51 -7.24
F22B 7BU B . -3.56 1.93 -6.87
F22C 7BU B . -4.00 4.65 1.39
F22D 7BU B . -12.02 3.18 0.30
F23A 7BU B . -11.17 5.96 -5.84
F23B 7BU B . -5.18 0.49 -7.06
F23C 7BU B . -3.65 2.51 1.42
F23D 7BU B . -10.96 4.77 1.34
ZN 7BU B . -7.46 2.80 -2.73
H2A1 7BU B . -8.49 3.74 -7.87
H2B1 7BU B . -2.51 1.47 -4.03
H2C1 7BU B . -5.88 3.78 2.25
H2D1 7BU B . -12.24 4.64 -1.40
H3A1 7BU B . -6.24 2.36 -7.84
H3B1 7BU B . -2.27 2.37 -1.56
H3C1 7BU B . -8.52 3.76 2.34
H3D1 7BU B . -12.11 5.14 -3.98
N SER A 1 -21.87 -2.53 -4.29
CA SER A 1 -21.28 -3.87 -4.16
C SER A 1 -19.75 -3.82 -4.21
N GLU A 2 -19.21 -3.02 -5.11
CA GLU A 2 -17.79 -2.97 -5.34
C GLU A 2 -17.10 -1.88 -4.51
N PHE A 3 -17.75 -0.72 -4.42
CA PHE A 3 -17.14 0.44 -3.75
C PHE A 3 -16.94 0.20 -2.25
N GLU A 4 -17.94 -0.36 -1.58
CA GLU A 4 -17.84 -0.64 -0.16
C GLU A 4 -16.65 -1.56 0.13
N LYS A 5 -16.44 -2.55 -0.74
CA LYS A 5 -15.32 -3.46 -0.60
C LYS A 5 -14.04 -2.74 -0.95
N LEU A 6 -14.08 -1.94 -2.00
CA LEU A 6 -12.95 -1.13 -2.42
C LEU A 6 -12.40 -0.33 -1.24
N ARG A 7 -13.26 0.42 -0.56
CA ARG A 7 -12.83 1.19 0.61
C ARG A 7 -12.36 0.25 1.73
N GLN A 8 -13.13 -0.81 1.96
CA GLN A 8 -12.82 -1.80 3.01
C GLN A 8 -11.43 -2.43 2.81
N THR A 9 -11.11 -2.80 1.58
CA THR A 9 -9.80 -3.37 1.28
C THR A 9 -8.71 -2.31 1.41
N GLY A 10 -9.14 -1.05 1.43
CA GLY A 10 -8.22 0.04 1.62
C GLY A 10 -7.90 0.21 3.08
N ASP A 11 -8.95 0.26 3.91
CA ASP A 11 -8.81 0.33 5.36
C ASP A 11 -7.97 -0.82 5.85
N GLU A 12 -8.28 -2.00 5.32
CA GLU A 12 -7.59 -3.22 5.66
C GLU A 12 -6.11 -3.13 5.29
N LEU A 13 -5.84 -2.62 4.09
CA LEU A 13 -4.46 -2.45 3.62
C LEU A 13 -3.70 -1.48 4.51
N VAL A 14 -4.37 -0.41 4.93
CA VAL A 14 -3.76 0.58 5.82
C VAL A 14 -3.42 -0.05 7.17
N GLN A 15 -4.38 -0.79 7.73
CA GLN A 15 -4.17 -1.48 8.99
C GLN A 15 -3.00 -2.46 8.90
N ALA A 16 -2.94 -3.18 7.80
CA ALA A 16 -1.84 -4.11 7.56
C ALA A 16 -0.53 -3.34 7.42
N PHE A 17 -0.58 -2.23 6.71
CA PHE A 17 0.57 -1.33 6.57
C PHE A 17 1.06 -0.86 7.94
N GLN A 18 0.13 -0.60 8.84
CA GLN A 18 0.47 -0.19 10.19
C GLN A 18 1.22 -1.31 10.88
N ARG A 19 0.77 -2.56 10.64
CA ARG A 19 1.43 -3.74 11.19
C ARG A 19 2.81 -3.86 10.58
N LEU A 20 2.91 -3.49 9.30
CA LEU A 20 4.16 -3.56 8.54
C LEU A 20 5.23 -2.70 9.20
N ARG A 21 4.83 -1.56 9.75
CA ARG A 21 5.76 -0.67 10.41
C ARG A 21 6.32 -1.32 11.66
N GLU A 22 5.43 -1.88 12.47
CA GLU A 22 5.82 -2.47 13.74
C GLU A 22 6.66 -3.72 13.55
N ILE A 23 6.43 -4.43 12.47
CA ILE A 23 7.15 -5.65 12.22
C ILE A 23 8.56 -5.33 11.76
N PHE A 24 8.65 -4.24 10.99
CA PHE A 24 9.91 -3.78 10.43
C PHE A 24 10.78 -3.19 11.53
N ASP A 25 10.13 -2.38 12.39
CA ASP A 25 10.82 -1.72 13.50
C ASP A 25 11.38 -2.72 14.48
N LYS A 26 10.68 -3.84 14.63
CA LYS A 26 11.12 -4.87 15.57
C LYS A 26 12.06 -5.87 14.88
N GLY A 27 12.34 -5.64 13.61
CA GLY A 27 13.28 -6.46 12.87
C GLY A 27 12.84 -7.91 12.68
N ASP A 28 11.55 -8.14 12.62
CA ASP A 28 11.06 -9.51 12.44
C ASP A 28 10.86 -9.80 10.96
N ASP A 29 11.96 -10.04 10.26
CA ASP A 29 11.94 -10.32 8.82
C ASP A 29 11.06 -11.52 8.47
N ASP A 30 10.91 -12.45 9.40
CA ASP A 30 10.11 -13.64 9.14
C ASP A 30 8.64 -13.28 8.96
N SER A 31 8.10 -12.49 9.87
CA SER A 31 6.72 -12.07 9.77
C SER A 31 6.60 -11.01 8.68
N LEU A 32 7.66 -10.22 8.52
CA LEU A 32 7.69 -9.16 7.52
C LEU A 32 7.51 -9.72 6.12
N GLU A 33 8.27 -10.76 5.79
CA GLU A 33 8.16 -11.41 4.49
C GLU A 33 6.74 -11.93 4.25
N GLN A 34 6.19 -12.59 5.25
CA GLN A 34 4.84 -13.13 5.17
C GLN A 34 3.82 -12.01 4.94
N VAL A 35 4.03 -10.88 5.61
CA VAL A 35 3.16 -9.73 5.47
C VAL A 35 3.34 -9.09 4.09
N LEU A 36 4.56 -9.08 3.55
CA LEU A 36 4.81 -8.47 2.24
C LEU A 36 3.99 -9.16 1.16
N GLU A 37 3.91 -10.49 1.20
CA GLU A 37 3.11 -11.24 0.23
C GLU A 37 1.64 -10.90 0.41
N GLU A 38 1.25 -10.77 1.67
CA GLU A 38 -0.12 -10.43 2.01
C GLU A 38 -0.47 -9.03 1.50
N ILE A 39 0.45 -8.09 1.70
CA ILE A 39 0.24 -6.72 1.26
C ILE A 39 0.04 -6.67 -0.25
N GLU A 40 0.92 -7.32 -0.99
CA GLU A 40 0.83 -7.37 -2.43
C GLU A 40 -0.49 -7.98 -2.89
N GLU A 41 -0.94 -9.02 -2.19
CA GLU A 41 -2.18 -9.67 -2.54
C GLU A 41 -3.37 -8.76 -2.22
N LEU A 42 -3.24 -7.98 -1.14
CA LEU A 42 -4.30 -7.05 -0.75
C LEU A 42 -4.41 -5.96 -1.79
N ILE A 43 -3.27 -5.55 -2.34
CA ILE A 43 -3.25 -4.54 -3.38
C ILE A 43 -4.04 -5.03 -4.58
N GLN A 44 -3.83 -6.30 -4.92
CA GLN A 44 -4.53 -6.92 -6.05
C GLN A 44 -6.04 -6.97 -5.78
N LYS A 45 -6.41 -7.37 -4.56
CA LYS A 45 -7.83 -7.44 -4.17
C LYS A 45 -8.47 -6.06 -4.18
N HIS A 46 -7.70 -5.07 -3.80
CA HIS A 46 -8.19 -3.69 -3.71
C HIS A 46 -8.29 -3.08 -5.10
N ARG A 47 -7.26 -3.29 -5.90
CA ARG A 47 -7.22 -2.78 -7.27
C ARG A 47 -8.24 -3.50 -8.17
N GLN A 48 -8.49 -4.78 -7.87
CA GLN A 48 -9.45 -5.57 -8.64
C GLN A 48 -10.83 -4.96 -8.59
N LEU A 49 -11.16 -4.37 -7.44
CA LEU A 49 -12.45 -3.75 -7.24
C LEU A 49 -12.52 -2.43 -8.00
N PHE A 50 -11.37 -1.80 -8.18
CA PHE A 50 -11.27 -0.56 -8.92
C PHE A 50 -11.45 -0.84 -10.41
N ASP A 51 -11.04 -2.04 -10.81
CA ASP A 51 -11.17 -2.47 -12.20
C ASP A 51 -12.60 -2.89 -12.47
N ASN A 52 -13.36 -3.04 -11.41
CA ASN A 52 -14.77 -3.38 -11.50
C ASN A 52 -15.61 -2.15 -11.21
N ARG A 53 -14.97 -0.99 -11.15
CA ARG A 53 -15.67 0.24 -10.84
C ARG A 53 -15.41 1.31 -11.90
N GLN A 54 -14.13 1.52 -12.25
CA GLN A 54 -13.74 2.53 -13.24
C GLN A 54 -14.08 3.94 -12.76
N GLU A 55 -14.09 4.12 -11.46
CA GLU A 55 -14.40 5.42 -10.87
C GLU A 55 -13.51 5.66 -9.68
N ALA A 56 -12.93 6.83 -9.64
CA ALA A 56 -12.06 7.20 -8.55
C ALA A 56 -12.63 8.40 -7.82
N ALA A 57 -12.54 8.40 -6.51
CA ALA A 57 -13.01 9.52 -5.71
C ALA A 57 -12.05 10.68 -5.88
N ASP A 58 -10.84 10.36 -6.29
CA ASP A 58 -9.79 11.34 -6.53
C ASP A 58 -8.82 10.75 -7.54
N THR A 59 -8.62 11.46 -8.65
CA THR A 59 -7.77 10.96 -9.73
C THR A 59 -6.30 10.92 -9.29
N GLU A 60 -5.87 11.99 -8.65
CA GLU A 60 -4.49 12.10 -8.17
C GLU A 60 -4.20 11.02 -7.12
N ALA A 61 -5.21 10.69 -6.34
CA ALA A 61 -5.06 9.66 -5.30
C ALA A 61 -4.75 8.30 -5.93
N ALA A 62 -5.48 7.97 -6.99
CA ALA A 62 -5.26 6.70 -7.69
C ALA A 62 -3.87 6.66 -8.32
N LYS A 63 -3.45 7.79 -8.88
CA LYS A 63 -2.11 7.90 -9.48
C LYS A 63 -1.03 7.67 -8.42
N GLN A 64 -1.24 8.25 -7.24
CA GLN A 64 -0.32 8.06 -6.14
C GLN A 64 -0.35 6.60 -5.69
N GLY A 65 -1.52 5.99 -5.85
CA GLY A 65 -1.70 4.59 -5.51
C GLY A 65 -0.82 3.71 -6.37
N ASP A 66 -0.83 3.95 -7.68
CA ASP A 66 0.04 3.20 -8.60
C ASP A 66 1.50 3.38 -8.22
N GLN A 67 1.87 4.62 -7.92
CA GLN A 67 3.23 4.94 -7.51
C GLN A 67 3.59 4.22 -6.21
N TRP A 68 2.65 4.19 -5.28
CA TRP A 68 2.85 3.52 -3.99
C TRP A 68 3.12 2.03 -4.22
N VAL A 69 2.41 1.44 -5.17
CA VAL A 69 2.58 0.03 -5.49
C VAL A 69 3.99 -0.20 -6.01
N GLN A 70 4.46 0.74 -6.83
CA GLN A 70 5.80 0.67 -7.37
C GLN A 70 6.84 0.79 -6.26
N LEU A 71 6.60 1.73 -5.34
CA LEU A 71 7.49 1.93 -4.20
C LEU A 71 7.55 0.68 -3.34
N PHE A 72 6.39 0.06 -3.13
CA PHE A 72 6.31 -1.16 -2.33
C PHE A 72 7.15 -2.26 -2.96
N GLN A 73 7.03 -2.42 -4.27
CA GLN A 73 7.79 -3.42 -4.98
C GLN A 73 9.28 -3.18 -4.85
N ARG A 74 9.68 -1.92 -5.02
CA ARG A 74 11.09 -1.55 -4.90
C ARG A 74 11.58 -1.80 -3.48
N PHE A 75 10.69 -1.58 -2.51
CA PHE A 75 10.99 -1.84 -1.11
C PHE A 75 11.24 -3.33 -0.90
N ARG A 76 10.35 -4.15 -1.44
CA ARG A 76 10.48 -5.59 -1.35
C ARG A 76 11.73 -6.06 -2.11
N GLU A 77 12.00 -5.45 -3.27
CA GLU A 77 13.16 -5.78 -4.08
C GLU A 77 14.43 -5.46 -3.33
N ALA A 78 14.37 -4.41 -2.52
CA ALA A 78 15.52 -3.97 -1.75
C ALA A 78 15.95 -5.05 -0.78
N ILE A 79 15.00 -5.81 -0.26
CA ILE A 79 15.30 -6.89 0.66
C ILE A 79 15.97 -8.04 -0.09
N ASP A 80 15.52 -8.27 -1.32
CA ASP A 80 16.07 -9.34 -2.14
C ASP A 80 17.48 -9.00 -2.57
N LYS A 81 17.71 -7.73 -2.85
CA LYS A 81 19.02 -7.25 -3.27
C LYS A 81 19.92 -6.96 -2.07
N GLY A 82 19.35 -7.03 -0.88
CA GLY A 82 20.11 -6.77 0.32
C GLY A 82 20.47 -5.31 0.49
N ASP A 83 19.66 -4.43 -0.05
CA ASP A 83 19.93 -3.01 0.03
C ASP A 83 19.22 -2.42 1.24
N LYS A 84 19.97 -2.29 2.33
CA LYS A 84 19.43 -1.79 3.59
C LYS A 84 19.10 -0.30 3.48
N ASP A 85 19.88 0.40 2.70
CA ASP A 85 19.76 1.85 2.54
C ASP A 85 18.40 2.25 1.97
N SER A 86 17.94 1.53 0.98
CA SER A 86 16.67 1.83 0.33
C SER A 86 15.48 1.63 1.27
N LEU A 87 15.61 0.69 2.21
CA LEU A 87 14.48 0.33 3.06
C LEU A 87 13.93 1.52 3.86
N GLU A 88 14.79 2.27 4.52
CA GLU A 88 14.33 3.43 5.29
C GLU A 88 13.81 4.53 4.38
N GLN A 89 14.46 4.74 3.25
CA GLN A 89 14.09 5.83 2.34
C GLN A 89 12.74 5.55 1.67
N LEU A 90 12.59 4.31 1.21
CA LEU A 90 11.35 3.89 0.56
C LEU A 90 10.21 3.81 1.55
N LEU A 91 10.52 3.38 2.76
CA LEU A 91 9.52 3.23 3.81
C LEU A 91 8.90 4.57 4.16
N GLU A 92 9.75 5.58 4.29
CA GLU A 92 9.31 6.92 4.63
C GLU A 92 8.38 7.47 3.57
N GLU A 93 8.76 7.29 2.31
CA GLU A 93 7.96 7.78 1.21
C GLU A 93 6.66 7.01 1.10
N LEU A 94 6.71 5.71 1.41
CA LEU A 94 5.52 4.86 1.40
C LEU A 94 4.49 5.40 2.38
N GLU A 95 4.94 5.71 3.58
CA GLU A 95 4.07 6.22 4.63
C GLU A 95 3.42 7.54 4.23
N GLN A 96 4.20 8.43 3.63
CA GLN A 96 3.70 9.76 3.25
C GLN A 96 2.62 9.66 2.18
N ALA A 97 2.89 8.82 1.19
CA ALA A 97 1.97 8.65 0.07
C ALA A 97 0.71 7.90 0.49
N LEU A 98 0.88 6.87 1.31
CA LEU A 98 -0.25 6.08 1.77
C LEU A 98 -1.23 6.92 2.55
N GLN A 99 -0.72 7.73 3.47
CA GLN A 99 -1.54 8.61 4.25
C GLN A 99 -2.24 9.63 3.38
N LYS A 100 -1.60 10.00 2.26
CA LYS A 100 -2.17 10.97 1.33
C LYS A 100 -3.32 10.38 0.51
N ILE A 101 -3.11 9.17 0.01
CA ILE A 101 -4.13 8.50 -0.81
C ILE A 101 -5.42 8.31 -0.03
N ARG A 102 -5.31 7.83 1.20
CA ARG A 102 -6.48 7.63 2.04
C ARG A 102 -7.11 8.98 2.38
N GLU A 103 -6.25 9.98 2.47
CA GLU A 103 -6.65 11.34 2.79
C GLU A 103 -7.47 11.94 1.63
N LEU A 104 -6.98 11.76 0.40
CA LEU A 104 -7.63 12.31 -0.77
C LEU A 104 -8.89 11.54 -1.14
N ALA A 105 -8.81 10.21 -1.06
CA ALA A 105 -9.94 9.35 -1.43
C ALA A 105 -11.16 9.58 -0.54
N GLU A 106 -10.94 10.10 0.64
CA GLU A 106 -12.02 10.35 1.56
C GLU A 106 -12.35 11.85 1.56
N LYS A 107 -11.60 12.62 0.76
CA LYS A 107 -11.74 14.07 0.69
C LYS A 107 -11.48 14.67 2.08
N LYS A 108 -10.57 14.03 2.82
CA LYS A 108 -10.18 14.39 4.19
C LYS A 108 -11.30 14.13 5.19
N ASN A 109 -12.43 14.78 4.99
CA ASN A 109 -13.56 14.62 5.89
C ASN A 109 -14.76 14.13 5.13
NA1 7BU B . -7.03 3.12 -4.87
NB2 7BU B . -4.69 2.44 -3.35
ND4 7BU B . -8.44 3.85 -2.46
CHA 7BU B . -9.12 4.47 -4.76
CHB 7BU B . -5.09 1.80 -5.69
CHC 7BU B . -3.63 2.93 -1.18
CHD 7BU B . -8.34 3.65 0.00
C1A 7BU B . -8.08 3.78 -5.46
C1B 7BU B . -4.29 1.88 -4.53
C1C 7BU B . -4.81 3.21 -0.43
C1D 7BU B . -9.02 3.93 -1.21
C1FA 7BU B . -10.13 5.22 -5.65
C1FB 7BU B . -4.56 1.05 -6.93
C1FC 7BU B . -2.33 3.03 -0.38
C1FD 7BU B . -9.16 3.74 1.31
C2A 7BU B . -8.02 3.59 -6.90
C2B 7BU B . -2.87 1.55 -4.45
C2C 7BU B . -4.87 3.39 1.02
C2D 7BU B . -10.33 4.56 -1.33
C3A 7BU B . -6.95 2.80 -7.15
C3B 7BU B . -2.45 1.92 -3.22
C3C 7BU B . -6.17 3.53 1.35
C3D 7BU B . -10.52 4.85 -2.64
C4A 7BU B . -6.33 2.50 -5.87
C4B 7BU B . -3.59 2.48 -2.52
C4C 7BU B . -6.94 3.42 0.12
C4D 7BU B . -9.34 4.41 -3.36
NC3 7BU B . -6.09 3.23 -0.94
F21A 7BU B . -11.05 4.38 -6.18
F21B 7BU B . -3.75 0.01 -6.57
F21C 7BU B . -1.22 3.19 -1.11
F21D 7BU B . -8.58 3.12 2.36
F22A 7BU B . -9.52 5.79 -6.71
F22B 7BU B . -3.81 1.81 -7.75
F22C 7BU B . -2.33 4.08 0.48
F22D 7BU B . -10.37 3.16 1.17
F23A 7BU B . -10.82 6.20 -5.04
F23B 7BU B . -5.56 0.53 -7.67
F23C 7BU B . -2.13 1.92 0.37
F23D 7BU B . -9.37 5.03 1.68
ZN 7BU B . -6.70 2.75 -2.85
H2A1 7BU B . -8.72 3.99 -7.63
H2B1 7BU B . -2.27 1.10 -5.22
H2C1 7BU B . -4.02 3.42 1.69
H2D1 7BU B . -11.01 4.75 -0.52
H3A1 7BU B . -6.61 2.46 -8.12
H3B1 7BU B . -1.45 1.81 -2.83
H3C1 7BU B . -6.56 3.67 2.34
H3D1 7BU B . -11.39 5.32 -3.06
N SER A 1 -18.72 -3.39 -8.44
CA SER A 1 -18.51 -3.55 -6.99
C SER A 1 -18.79 -2.25 -6.26
N GLU A 2 -19.37 -2.35 -5.08
CA GLU A 2 -19.71 -1.18 -4.28
C GLU A 2 -18.46 -0.49 -3.74
N PHE A 3 -18.60 0.79 -3.44
CA PHE A 3 -17.49 1.60 -2.93
C PHE A 3 -17.06 1.14 -1.54
N GLU A 4 -17.97 0.45 -0.85
CA GLU A 4 -17.70 -0.06 0.48
C GLU A 4 -16.57 -1.09 0.44
N LYS A 5 -16.72 -2.08 -0.45
CA LYS A 5 -15.72 -3.12 -0.63
C LYS A 5 -14.40 -2.53 -1.09
N LEU A 6 -14.48 -1.38 -1.72
CA LEU A 6 -13.30 -0.73 -2.25
C LEU A 6 -12.50 -0.19 -1.09
N ARG A 7 -13.19 0.52 -0.20
CA ARG A 7 -12.59 1.06 1.00
C ARG A 7 -12.18 -0.05 1.95
N GLN A 8 -13.00 -1.09 2.03
CA GLN A 8 -12.75 -2.20 2.93
C GLN A 8 -11.43 -2.91 2.63
N THR A 9 -11.04 -2.91 1.36
CA THR A 9 -9.80 -3.57 0.98
C THR A 9 -8.65 -2.59 1.10
N GLY A 10 -8.98 -1.30 1.13
CA GLY A 10 -7.98 -0.28 1.30
C GLY A 10 -7.60 -0.14 2.75
N ASP A 11 -8.61 -0.05 3.60
CA ASP A 11 -8.42 0.01 5.03
C ASP A 11 -7.71 -1.24 5.54
N GLU A 12 -8.06 -2.39 4.93
CA GLU A 12 -7.43 -3.65 5.27
C GLU A 12 -5.94 -3.60 4.94
N LEU A 13 -5.63 -3.07 3.75
CA LEU A 13 -4.24 -2.92 3.30
C LEU A 13 -3.48 -2.00 4.25
N VAL A 14 -4.13 -0.94 4.68
CA VAL A 14 -3.52 0.02 5.60
C VAL A 14 -3.19 -0.64 6.93
N GLN A 15 -4.16 -1.37 7.48
CA GLN A 15 -3.96 -2.07 8.74
C GLN A 15 -2.79 -3.05 8.65
N ALA A 16 -2.73 -3.81 7.57
CA ALA A 16 -1.63 -4.74 7.33
C ALA A 16 -0.32 -3.98 7.18
N PHE A 17 -0.41 -2.81 6.56
CA PHE A 17 0.76 -1.95 6.36
C PHE A 17 1.28 -1.46 7.71
N GLN A 18 0.36 -1.13 8.60
CA GLN A 18 0.71 -0.67 9.93
C GLN A 18 1.40 -1.78 10.70
N ARG A 19 0.90 -3.00 10.54
CA ARG A 19 1.52 -4.17 11.15
C ARG A 19 2.89 -4.42 10.52
N LEU A 20 2.97 -4.14 9.23
CA LEU A 20 4.21 -4.28 8.48
C LEU A 20 5.25 -3.33 9.05
N ARG A 21 4.78 -2.16 9.45
CA ARG A 21 5.63 -1.15 10.05
C ARG A 21 6.20 -1.65 11.38
N GLU A 22 5.34 -2.24 12.20
CA GLU A 22 5.74 -2.76 13.51
C GLU A 22 6.82 -3.82 13.36
N ILE A 23 6.55 -4.80 12.52
CA ILE A 23 7.49 -5.85 12.20
C ILE A 23 8.80 -5.26 11.66
N PHE A 24 8.68 -4.19 10.90
CA PHE A 24 9.83 -3.53 10.31
C PHE A 24 10.66 -2.87 11.40
N ASP A 25 9.99 -2.15 12.30
CA ASP A 25 10.67 -1.50 13.44
C ASP A 25 11.33 -2.54 14.33
N LYS A 26 10.72 -3.73 14.40
CA LYS A 26 11.27 -4.83 15.20
C LYS A 26 12.37 -5.57 14.44
N GLY A 27 12.62 -5.13 13.20
CA GLY A 27 13.65 -5.75 12.37
C GLY A 27 13.45 -7.23 12.14
N ASP A 28 12.22 -7.71 12.20
CA ASP A 28 11.98 -9.13 12.01
C ASP A 28 11.71 -9.47 10.56
N ASP A 29 12.78 -9.70 9.82
CA ASP A 29 12.69 -10.06 8.40
C ASP A 29 11.85 -11.29 8.16
N ASP A 30 11.82 -12.19 9.14
CA ASP A 30 11.09 -13.46 9.00
C ASP A 30 9.58 -13.22 8.88
N SER A 31 9.04 -12.44 9.77
CA SER A 31 7.64 -12.11 9.74
C SER A 31 7.37 -11.10 8.63
N LEU A 32 8.35 -10.24 8.38
CA LEU A 32 8.23 -9.17 7.39
C LEU A 32 8.02 -9.74 5.98
N GLU A 33 8.82 -10.72 5.60
CA GLU A 33 8.73 -11.31 4.27
C GLU A 33 7.35 -11.93 3.99
N GLN A 34 6.81 -12.62 4.99
CA GLN A 34 5.52 -13.25 4.86
C GLN A 34 4.41 -12.21 4.74
N VAL A 35 4.52 -11.15 5.54
CA VAL A 35 3.56 -10.07 5.51
C VAL A 35 3.62 -9.31 4.16
N LEU A 36 4.83 -9.24 3.58
CA LEU A 36 4.99 -8.57 2.29
C LEU A 36 4.13 -9.22 1.23
N GLU A 37 4.05 -10.55 1.28
CA GLU A 37 3.24 -11.30 0.32
C GLU A 37 1.77 -11.00 0.54
N GLU A 38 1.41 -10.77 1.79
CA GLU A 38 0.06 -10.40 2.16
C GLU A 38 -0.26 -9.02 1.60
N ILE A 39 0.69 -8.12 1.74
CA ILE A 39 0.55 -6.75 1.24
C ILE A 39 0.40 -6.77 -0.27
N GLU A 40 1.29 -7.51 -0.95
CA GLU A 40 1.24 -7.65 -2.40
C GLU A 40 -0.11 -8.20 -2.87
N GLU A 41 -0.64 -9.17 -2.14
CA GLU A 41 -1.90 -9.76 -2.47
C GLU A 41 -3.05 -8.78 -2.21
N LEU A 42 -2.91 -7.98 -1.16
CA LEU A 42 -3.94 -7.01 -0.80
C LEU A 42 -4.03 -5.90 -1.83
N ILE A 43 -2.88 -5.53 -2.40
CA ILE A 43 -2.85 -4.53 -3.44
C ILE A 43 -3.69 -4.98 -4.62
N GLN A 44 -3.54 -6.25 -4.99
CA GLN A 44 -4.29 -6.82 -6.09
C GLN A 44 -5.76 -6.97 -5.70
N LYS A 45 -5.99 -7.36 -4.46
CA LYS A 45 -7.35 -7.56 -3.93
C LYS A 45 -8.13 -6.25 -3.96
N HIS A 46 -7.48 -5.20 -3.53
CA HIS A 46 -8.06 -3.86 -3.49
C HIS A 46 -8.24 -3.32 -4.90
N ARG A 47 -7.24 -3.54 -5.74
CA ARG A 47 -7.28 -3.09 -7.13
C ARG A 47 -8.34 -3.84 -7.94
N GLN A 48 -8.57 -5.12 -7.58
CA GLN A 48 -9.55 -5.95 -8.29
C GLN A 48 -10.94 -5.35 -8.23
N LEU A 49 -11.27 -4.77 -7.10
CA LEU A 49 -12.57 -4.18 -6.92
C LEU A 49 -12.64 -2.85 -7.67
N PHE A 50 -11.48 -2.21 -7.80
CA PHE A 50 -11.38 -0.96 -8.54
C PHE A 50 -11.60 -1.23 -10.04
N ASP A 51 -11.25 -2.44 -10.47
CA ASP A 51 -11.44 -2.85 -11.85
C ASP A 51 -12.92 -3.06 -12.12
N ASN A 52 -13.70 -3.09 -11.05
CA ASN A 52 -15.12 -3.31 -11.12
C ASN A 52 -15.86 -2.08 -10.61
N ARG A 53 -15.13 -0.99 -10.48
CA ARG A 53 -15.71 0.27 -10.03
C ARG A 53 -16.06 1.15 -11.21
N GLN A 54 -17.18 1.82 -11.11
CA GLN A 54 -17.59 2.76 -12.13
C GLN A 54 -16.79 4.05 -11.95
N GLU A 55 -16.49 4.72 -13.06
CA GLU A 55 -15.66 5.92 -13.05
C GLU A 55 -14.28 5.61 -12.45
N ALA A 56 -13.55 6.63 -12.05
CA ALA A 56 -12.26 6.43 -11.43
C ALA A 56 -12.29 6.86 -9.96
N ALA A 57 -13.39 7.54 -9.57
CA ALA A 57 -13.58 8.06 -8.21
C ALA A 57 -12.63 9.22 -7.91
N ASP A 58 -11.35 8.96 -8.09
CA ASP A 58 -10.32 9.96 -7.91
C ASP A 58 -9.12 9.61 -8.75
N THR A 59 -8.75 10.50 -9.64
CA THR A 59 -7.65 10.26 -10.55
C THR A 59 -6.32 10.35 -9.83
N GLU A 60 -6.20 11.32 -8.93
CA GLU A 60 -4.98 11.53 -8.18
C GLU A 60 -4.73 10.34 -7.26
N ALA A 61 -5.79 9.83 -6.65
CA ALA A 61 -5.68 8.70 -5.74
C ALA A 61 -5.17 7.47 -6.48
N ALA A 62 -5.74 7.22 -7.66
CA ALA A 62 -5.34 6.09 -8.48
C ALA A 62 -3.90 6.29 -8.98
N LYS A 63 -3.58 7.51 -9.38
CA LYS A 63 -2.25 7.87 -9.85
C LYS A 63 -1.21 7.69 -8.73
N GLN A 64 -1.55 8.15 -7.53
CA GLN A 64 -0.66 7.96 -6.39
C GLN A 64 -0.54 6.48 -6.07
N GLY A 65 -1.63 5.75 -6.27
CA GLY A 65 -1.61 4.31 -6.06
C GLY A 65 -0.62 3.64 -6.99
N ASP A 66 -0.61 4.05 -8.26
CA ASP A 66 0.36 3.51 -9.22
C ASP A 66 1.78 3.76 -8.74
N GLN A 67 2.03 4.98 -8.28
CA GLN A 67 3.34 5.35 -7.76
C GLN A 67 3.67 4.55 -6.50
N TRP A 68 2.67 4.40 -5.63
CA TRP A 68 2.84 3.66 -4.39
C TRP A 68 3.18 2.21 -4.66
N VAL A 69 2.54 1.64 -5.67
CA VAL A 69 2.80 0.25 -6.04
C VAL A 69 4.23 0.11 -6.54
N GLN A 70 4.67 1.09 -7.33
CA GLN A 70 6.01 1.10 -7.86
C GLN A 70 7.00 1.31 -6.72
N LEU A 71 6.61 2.12 -5.75
CA LEU A 71 7.41 2.41 -4.60
C LEU A 71 7.53 1.18 -3.72
N PHE A 72 6.41 0.48 -3.55
CA PHE A 72 6.39 -0.75 -2.76
C PHE A 72 7.16 -1.84 -3.49
N GLN A 73 7.03 -1.86 -4.82
CA GLN A 73 7.75 -2.80 -5.66
C GLN A 73 9.25 -2.63 -5.43
N ARG A 74 9.68 -1.37 -5.41
CA ARG A 74 11.07 -1.03 -5.11
C ARG A 74 11.43 -1.43 -3.69
N PHE A 75 10.49 -1.23 -2.77
CA PHE A 75 10.67 -1.58 -1.37
C PHE A 75 10.89 -3.08 -1.22
N ARG A 76 10.01 -3.87 -1.85
CA ARG A 76 10.13 -5.32 -1.82
C ARG A 76 11.48 -5.76 -2.39
N GLU A 77 11.84 -5.19 -3.53
CA GLU A 77 13.08 -5.53 -4.21
C GLU A 77 14.27 -5.20 -3.33
N ALA A 78 14.14 -4.13 -2.55
CA ALA A 78 15.20 -3.69 -1.69
C ALA A 78 15.38 -4.65 -0.52
N ILE A 79 14.28 -5.29 -0.10
CA ILE A 79 14.31 -6.20 1.02
C ILE A 79 14.98 -7.51 0.59
N ASP A 80 14.63 -7.94 -0.62
CA ASP A 80 15.18 -9.17 -1.19
C ASP A 80 16.67 -9.02 -1.39
N LYS A 81 17.10 -7.80 -1.68
CA LYS A 81 18.50 -7.50 -1.91
C LYS A 81 19.23 -7.22 -0.60
N GLY A 82 18.50 -7.23 0.51
CA GLY A 82 19.13 -6.95 1.80
C GLY A 82 19.60 -5.52 1.92
N ASP A 83 18.97 -4.62 1.19
CA ASP A 83 19.40 -3.23 1.19
C ASP A 83 18.64 -2.42 2.23
N LYS A 84 19.05 -2.59 3.47
CA LYS A 84 18.48 -1.86 4.60
C LYS A 84 18.59 -0.34 4.41
N ASP A 85 19.57 0.08 3.62
CA ASP A 85 19.79 1.51 3.34
C ASP A 85 18.56 2.12 2.70
N SER A 86 18.10 1.47 1.66
CA SER A 86 16.95 1.93 0.90
C SER A 86 15.65 1.73 1.67
N LEU A 87 15.60 0.69 2.51
CA LEU A 87 14.39 0.34 3.22
C LEU A 87 13.89 1.46 4.12
N GLU A 88 14.78 2.05 4.90
CA GLU A 88 14.40 3.11 5.82
C GLU A 88 13.78 4.31 5.07
N GLN A 89 14.39 4.71 3.98
CA GLN A 89 13.89 5.83 3.19
C GLN A 89 12.59 5.47 2.46
N LEU A 90 12.56 4.30 1.83
CA LEU A 90 11.39 3.85 1.07
C LEU A 90 10.18 3.64 1.96
N LEU A 91 10.43 3.20 3.19
CA LEU A 91 9.37 2.97 4.15
C LEU A 91 8.66 4.29 4.47
N GLU A 92 9.45 5.33 4.66
CA GLU A 92 8.92 6.64 4.97
C GLU A 92 8.06 7.14 3.82
N GLU A 93 8.56 6.97 2.60
CA GLU A 93 7.84 7.38 1.41
C GLU A 93 6.52 6.63 1.29
N LEU A 94 6.56 5.33 1.58
CA LEU A 94 5.35 4.50 1.52
C LEU A 94 4.32 4.99 2.51
N GLU A 95 4.77 5.23 3.73
CA GLU A 95 3.90 5.67 4.80
C GLU A 95 3.25 7.03 4.48
N GLN A 96 4.05 7.97 4.01
CA GLN A 96 3.54 9.32 3.72
C GLN A 96 2.60 9.32 2.52
N ALA A 97 2.96 8.54 1.51
CA ALA A 97 2.14 8.44 0.29
C ALA A 97 0.81 7.77 0.61
N LEU A 98 0.86 6.81 1.53
CA LEU A 98 -0.33 6.07 1.94
C LEU A 98 -1.30 6.99 2.68
N GLN A 99 -0.75 7.79 3.59
CA GLN A 99 -1.57 8.71 4.37
C GLN A 99 -2.25 9.74 3.47
N LYS A 100 -1.56 10.17 2.41
CA LYS A 100 -2.09 11.20 1.53
C LYS A 100 -3.25 10.67 0.70
N ILE A 101 -3.15 9.42 0.25
CA ILE A 101 -4.21 8.80 -0.52
C ILE A 101 -5.47 8.71 0.32
N ARG A 102 -5.30 8.35 1.60
CA ARG A 102 -6.43 8.28 2.51
C ARG A 102 -7.07 9.65 2.68
N GLU A 103 -6.25 10.69 2.71
CA GLU A 103 -6.74 12.05 2.88
C GLU A 103 -7.68 12.42 1.74
N LEU A 104 -7.35 11.99 0.54
CA LEU A 104 -8.17 12.26 -0.63
C LEU A 104 -9.50 11.53 -0.53
N ALA A 105 -9.46 10.30 -0.03
CA ALA A 105 -10.66 9.48 0.12
C ALA A 105 -11.53 9.98 1.28
N GLU A 106 -10.87 10.53 2.29
CA GLU A 106 -11.55 11.05 3.46
C GLU A 106 -12.01 12.49 3.23
N LYS A 107 -11.61 13.04 2.08
CA LYS A 107 -11.98 14.40 1.65
C LYS A 107 -11.29 15.47 2.49
N LYS A 108 -10.15 15.12 3.08
CA LYS A 108 -9.36 16.04 3.91
C LYS A 108 -10.12 16.51 5.16
N ASN A 109 -9.40 17.20 6.01
CA ASN A 109 -9.97 17.76 7.21
C ASN A 109 -9.98 19.26 7.13
NA1 7BU B . -6.98 3.05 -4.91
NB2 7BU B . -4.66 2.33 -3.41
ND4 7BU B . -8.36 3.82 -2.51
CHA 7BU B . -8.97 4.54 -4.80
CHB 7BU B . -5.10 1.64 -5.73
CHC 7BU B . -3.56 2.89 -1.27
CHD 7BU B . -8.25 3.56 -0.05
C1A 7BU B . -7.97 3.80 -5.51
C1B 7BU B . -4.26 1.75 -4.59
C1C 7BU B . -4.72 3.16 -0.51
C1D 7BU B . -8.91 3.96 -1.26
C1FA 7BU B . -9.90 5.40 -5.69
C1FB 7BU B . -4.58 0.88 -6.95
C1FC 7BU B . -2.24 3.04 -0.50
C1FD 7BU B . -9.03 3.68 1.27
C2A 7BU B . -7.88 3.64 -6.96
C2B 7BU B . -2.84 1.45 -4.54
C2C 7BU B . -4.77 3.36 0.93
C2D 7BU B . -10.14 4.73 -1.35
C3A 7BU B . -6.86 2.79 -7.21
C3B 7BU B . -2.40 1.85 -3.32
C3C 7BU B . -6.07 3.49 1.28
C3D 7BU B . -10.31 5.05 -2.66
C4A 7BU B . -6.28 2.43 -5.93
C4B 7BU B . -3.53 2.40 -2.61
C4C 7BU B . -6.85 3.35 0.05
C4D 7BU B . -9.19 4.49 -3.39
NC3 7BU B . -6.00 3.16 -1.00
F21A 7BU B . -10.91 4.67 -6.21
F21B 7BU B . -3.86 -0.22 -6.60
F21C 7BU B . -1.16 3.24 -1.27
F21D 7BU B . -8.58 2.84 2.24
F22A 7BU B . -9.25 5.92 -6.75
F22B 7BU B . -3.76 1.61 -7.74
F22C 7BU B . -2.27 4.10 0.35
F22D 7BU B . -10.33 3.37 1.11
F23A 7BU B . -10.48 6.44 -5.06
F23B 7BU B . -5.59 0.44 -7.75
F23C 7BU B . -1.98 1.94 0.24
F23D 7BU B . -8.99 4.94 1.78
ZN 7BU B . -6.65 2.68 -2.91
H2A1 7BU B . -8.53 4.11 -7.69
H2B1 7BU B . -2.25 0.99 -5.31
H2C1 7BU B . -3.92 3.42 1.59
H2D1 7BU B . -10.79 5.00 -0.53
H3A1 7BU B . -6.52 2.45 -8.18
H3B1 7BU B . -1.38 1.77 -2.96
H3C1 7BU B . -6.46 3.65 2.27
H3D1 7BU B . -11.12 5.62 -3.07
#